data_1YWQ
# 
_entry.id   1YWQ 
# 
_audit_conform.dict_name       mmcif_pdbx.dic 
_audit_conform.dict_version    5.387 
_audit_conform.dict_location   http://mmcif.pdb.org/dictionaries/ascii/mmcif_pdbx.dic 
# 
loop_
_database_2.database_id 
_database_2.database_code 
_database_2.pdbx_database_accession 
_database_2.pdbx_DOI 
PDB   1YWQ         pdb_00001ywq 10.2210/pdb1ywq/pdb 
RCSB  RCSB032008   ?            ?                   
WWPDB D_1000032008 ?            ?                   
# 
loop_
_pdbx_audit_revision_history.ordinal 
_pdbx_audit_revision_history.data_content_type 
_pdbx_audit_revision_history.major_revision 
_pdbx_audit_revision_history.minor_revision 
_pdbx_audit_revision_history.revision_date 
1 'Structure model' 1 0 2005-04-12 
2 'Structure model' 1 1 2008-04-30 
3 'Structure model' 1 2 2011-07-13 
4 'Structure model' 1 3 2024-02-14 
# 
_pdbx_audit_revision_details.ordinal             1 
_pdbx_audit_revision_details.revision_ordinal    1 
_pdbx_audit_revision_details.data_content_type   'Structure model' 
_pdbx_audit_revision_details.provider            repository 
_pdbx_audit_revision_details.type                'Initial release' 
_pdbx_audit_revision_details.description         ? 
_pdbx_audit_revision_details.details             ? 
# 
loop_
_pdbx_audit_revision_group.ordinal 
_pdbx_audit_revision_group.revision_ordinal 
_pdbx_audit_revision_group.data_content_type 
_pdbx_audit_revision_group.group 
1 2 'Structure model' 'Version format compliance' 
2 3 'Structure model' 'Derived calculations'      
3 3 'Structure model' 'Version format compliance' 
4 4 'Structure model' 'Data collection'           
5 4 'Structure model' 'Database references'       
6 4 'Structure model' 'Derived calculations'      
# 
loop_
_pdbx_audit_revision_category.ordinal 
_pdbx_audit_revision_category.revision_ordinal 
_pdbx_audit_revision_category.data_content_type 
_pdbx_audit_revision_category.category 
1 4 'Structure model' chem_comp_atom 
2 4 'Structure model' chem_comp_bond 
3 4 'Structure model' database_2     
4 4 'Structure model' struct_site    
# 
loop_
_pdbx_audit_revision_item.ordinal 
_pdbx_audit_revision_item.revision_ordinal 
_pdbx_audit_revision_item.data_content_type 
_pdbx_audit_revision_item.item 
1 4 'Structure model' '_database_2.pdbx_DOI'                
2 4 'Structure model' '_database_2.pdbx_database_accession' 
3 4 'Structure model' '_struct_site.pdbx_auth_asym_id'      
4 4 'Structure model' '_struct_site.pdbx_auth_comp_id'      
5 4 'Structure model' '_struct_site.pdbx_auth_seq_id'       
# 
_pdbx_database_status.status_code                     REL 
_pdbx_database_status.entry_id                        1YWQ 
_pdbx_database_status.recvd_initial_deposition_date   2005-02-18 
_pdbx_database_status.deposit_site                    RCSB 
_pdbx_database_status.process_site                    RCSB 
_pdbx_database_status.status_code_sf                  REL 
_pdbx_database_status.status_code_mr                  ? 
_pdbx_database_status.SG_entry                        Y 
_pdbx_database_status.pdb_format_compatible           Y 
_pdbx_database_status.status_code_cs                  ? 
_pdbx_database_status.status_code_nmr_data            ? 
_pdbx_database_status.methods_development_category    ? 
# 
_pdbx_database_related.db_name        TargetDB 
_pdbx_database_related.db_id          APC24701 
_pdbx_database_related.details        . 
_pdbx_database_related.content_type   unspecified 
# 
_audit_author.name           'Midwest Center for Structural Genomics (MCSG)' 
_audit_author.pdbx_ordinal   1 
# 
_citation.id                        primary 
_citation.title                     'Crystal structure of a nitroreductase family protein from Bacillus cereus ATCC 14579' 
_citation.journal_abbrev            'To be Published' 
_citation.journal_volume            ? 
_citation.page_first                ? 
_citation.page_last                 ? 
_citation.year                      ? 
_citation.journal_id_ASTM           ? 
_citation.country                   ? 
_citation.journal_id_ISSN           ? 
_citation.journal_id_CSD            0353 
_citation.book_publisher            ? 
_citation.pdbx_database_id_PubMed   ? 
_citation.pdbx_database_id_DOI      ? 
# 
loop_
_citation_author.citation_id 
_citation_author.name 
_citation_author.ordinal 
_citation_author.identifier_ORCID 
primary 'Zhang, R.'      1 ? 
primary 'Li, H.'         2 ? 
primary 'Collart, F.'    3 ? 
primary 'Moy, S.'        4 ? 
primary 'Joachimiak, A.' 5 ? 
# 
loop_
_entity.id 
_entity.type 
_entity.src_method 
_entity.pdbx_description 
_entity.formula_weight 
_entity.pdbx_number_of_molecules 
_entity.pdbx_ec 
_entity.pdbx_mutation 
_entity.pdbx_fragment 
_entity.details 
1 polymer     man 'Nitroreductase family protein' 22849.926 1  ? ? ? ? 
2 non-polymer syn 'FLAVIN MONONUCLEOTIDE'         456.344   1  ? ? ? ? 
3 water       nat water                           18.015    72 ? ? ? ? 
# 
_entity_poly.entity_id                      1 
_entity_poly.type                           'polypeptide(L)' 
_entity_poly.nstd_linkage                   no 
_entity_poly.nstd_monomer                   no 
_entity_poly.pdbx_seq_one_letter_code       
;MSATTTNLKEAIVNRRSIRKVTKNDAITKERIEEVLKTALHAPTSFNMQSGRMVVLMDGEHEKFWDIVKETLRARVPAEN
FEATVERLKGFHAGVGTVLFFEDQATVEKMQENAPLYKDQFPFWSHQGNAMLQHTVWMLLSAEGIGASLQHYNPIVDAEV
KETWNIPAEWSLVGQMPFGEPNEQPAERTFLPTEDVVKFY
;
_entity_poly.pdbx_seq_one_letter_code_can   
;MSATTTNLKEAIVNRRSIRKVTKNDAITKERIEEVLKTALHAPTSFNMQSGRMVVLMDGEHEKFWDIVKETLRARVPAEN
FEATVERLKGFHAGVGTVLFFEDQATVEKMQENAPLYKDQFPFWSHQGNAMLQHTVWMLLSAEGIGASLQHYNPIVDAEV
KETWNIPAEWSLVGQMPFGEPNEQPAERTFLPTEDVVKFY
;
_entity_poly.pdbx_strand_id                 A 
_entity_poly.pdbx_target_identifier         APC24701 
# 
loop_
_pdbx_entity_nonpoly.entity_id 
_pdbx_entity_nonpoly.name 
_pdbx_entity_nonpoly.comp_id 
2 'FLAVIN MONONUCLEOTIDE' FMN 
3 water                   HOH 
# 
loop_
_entity_poly_seq.entity_id 
_entity_poly_seq.num 
_entity_poly_seq.mon_id 
_entity_poly_seq.hetero 
1 1   MET n 
1 2   SER n 
1 3   ALA n 
1 4   THR n 
1 5   THR n 
1 6   THR n 
1 7   ASN n 
1 8   LEU n 
1 9   LYS n 
1 10  GLU n 
1 11  ALA n 
1 12  ILE n 
1 13  VAL n 
1 14  ASN n 
1 15  ARG n 
1 16  ARG n 
1 17  SER n 
1 18  ILE n 
1 19  ARG n 
1 20  LYS n 
1 21  VAL n 
1 22  THR n 
1 23  LYS n 
1 24  ASN n 
1 25  ASP n 
1 26  ALA n 
1 27  ILE n 
1 28  THR n 
1 29  LYS n 
1 30  GLU n 
1 31  ARG n 
1 32  ILE n 
1 33  GLU n 
1 34  GLU n 
1 35  VAL n 
1 36  LEU n 
1 37  LYS n 
1 38  THR n 
1 39  ALA n 
1 40  LEU n 
1 41  HIS n 
1 42  ALA n 
1 43  PRO n 
1 44  THR n 
1 45  SER n 
1 46  PHE n 
1 47  ASN n 
1 48  MET n 
1 49  GLN n 
1 50  SER n 
1 51  GLY n 
1 52  ARG n 
1 53  MET n 
1 54  VAL n 
1 55  VAL n 
1 56  LEU n 
1 57  MET n 
1 58  ASP n 
1 59  GLY n 
1 60  GLU n 
1 61  HIS n 
1 62  GLU n 
1 63  LYS n 
1 64  PHE n 
1 65  TRP n 
1 66  ASP n 
1 67  ILE n 
1 68  VAL n 
1 69  LYS n 
1 70  GLU n 
1 71  THR n 
1 72  LEU n 
1 73  ARG n 
1 74  ALA n 
1 75  ARG n 
1 76  VAL n 
1 77  PRO n 
1 78  ALA n 
1 79  GLU n 
1 80  ASN n 
1 81  PHE n 
1 82  GLU n 
1 83  ALA n 
1 84  THR n 
1 85  VAL n 
1 86  GLU n 
1 87  ARG n 
1 88  LEU n 
1 89  LYS n 
1 90  GLY n 
1 91  PHE n 
1 92  HIS n 
1 93  ALA n 
1 94  GLY n 
1 95  VAL n 
1 96  GLY n 
1 97  THR n 
1 98  VAL n 
1 99  LEU n 
1 100 PHE n 
1 101 PHE n 
1 102 GLU n 
1 103 ASP n 
1 104 GLN n 
1 105 ALA n 
1 106 THR n 
1 107 VAL n 
1 108 GLU n 
1 109 LYS n 
1 110 MET n 
1 111 GLN n 
1 112 GLU n 
1 113 ASN n 
1 114 ALA n 
1 115 PRO n 
1 116 LEU n 
1 117 TYR n 
1 118 LYS n 
1 119 ASP n 
1 120 GLN n 
1 121 PHE n 
1 122 PRO n 
1 123 PHE n 
1 124 TRP n 
1 125 SER n 
1 126 HIS n 
1 127 GLN n 
1 128 GLY n 
1 129 ASN n 
1 130 ALA n 
1 131 MET n 
1 132 LEU n 
1 133 GLN n 
1 134 HIS n 
1 135 THR n 
1 136 VAL n 
1 137 TRP n 
1 138 MET n 
1 139 LEU n 
1 140 LEU n 
1 141 SER n 
1 142 ALA n 
1 143 GLU n 
1 144 GLY n 
1 145 ILE n 
1 146 GLY n 
1 147 ALA n 
1 148 SER n 
1 149 LEU n 
1 150 GLN n 
1 151 HIS n 
1 152 TYR n 
1 153 ASN n 
1 154 PRO n 
1 155 ILE n 
1 156 VAL n 
1 157 ASP n 
1 158 ALA n 
1 159 GLU n 
1 160 VAL n 
1 161 LYS n 
1 162 GLU n 
1 163 THR n 
1 164 TRP n 
1 165 ASN n 
1 166 ILE n 
1 167 PRO n 
1 168 ALA n 
1 169 GLU n 
1 170 TRP n 
1 171 SER n 
1 172 LEU n 
1 173 VAL n 
1 174 GLY n 
1 175 GLN n 
1 176 MET n 
1 177 PRO n 
1 178 PHE n 
1 179 GLY n 
1 180 GLU n 
1 181 PRO n 
1 182 ASN n 
1 183 GLU n 
1 184 GLN n 
1 185 PRO n 
1 186 ALA n 
1 187 GLU n 
1 188 ARG n 
1 189 THR n 
1 190 PHE n 
1 191 LEU n 
1 192 PRO n 
1 193 THR n 
1 194 GLU n 
1 195 ASP n 
1 196 VAL n 
1 197 VAL n 
1 198 LYS n 
1 199 PHE n 
1 200 TYR n 
# 
_entity_src_gen.entity_id                          1 
_entity_src_gen.pdbx_src_id                        1 
_entity_src_gen.pdbx_alt_source_flag               sample 
_entity_src_gen.pdbx_seq_type                      ? 
_entity_src_gen.pdbx_beg_seq_num                   ? 
_entity_src_gen.pdbx_end_seq_num                   ? 
_entity_src_gen.gene_src_common_name               ? 
_entity_src_gen.gene_src_genus                     Bacillus 
_entity_src_gen.pdbx_gene_src_gene                 ? 
_entity_src_gen.gene_src_species                   'Bacillus cereus' 
_entity_src_gen.gene_src_strain                    'ATCC 14579 / DSM 31' 
_entity_src_gen.gene_src_tissue                    ? 
_entity_src_gen.gene_src_tissue_fraction           ? 
_entity_src_gen.gene_src_details                   ? 
_entity_src_gen.pdbx_gene_src_fragment             ? 
_entity_src_gen.pdbx_gene_src_scientific_name      'Bacillus cereus ATCC 14579' 
_entity_src_gen.pdbx_gene_src_ncbi_taxonomy_id     226900 
_entity_src_gen.pdbx_gene_src_variant              ? 
_entity_src_gen.pdbx_gene_src_cell_line            ? 
_entity_src_gen.pdbx_gene_src_atcc                 ? 
_entity_src_gen.pdbx_gene_src_organ                ? 
_entity_src_gen.pdbx_gene_src_organelle            ? 
_entity_src_gen.pdbx_gene_src_cell                 ? 
_entity_src_gen.pdbx_gene_src_cellular_location    ? 
_entity_src_gen.host_org_common_name               ? 
_entity_src_gen.pdbx_host_org_scientific_name      'Escherichia coli BL21(DE3)' 
_entity_src_gen.pdbx_host_org_ncbi_taxonomy_id     469008 
_entity_src_gen.host_org_genus                     Escherichia 
_entity_src_gen.pdbx_host_org_gene                 ? 
_entity_src_gen.pdbx_host_org_organ                ? 
_entity_src_gen.host_org_species                   'Escherichia coli' 
_entity_src_gen.pdbx_host_org_tissue               ? 
_entity_src_gen.pdbx_host_org_tissue_fraction      ? 
_entity_src_gen.pdbx_host_org_strain               'BL21(DE3)' 
_entity_src_gen.pdbx_host_org_variant              ? 
_entity_src_gen.pdbx_host_org_cell_line            ? 
_entity_src_gen.pdbx_host_org_atcc                 ? 
_entity_src_gen.pdbx_host_org_culture_collection   ? 
_entity_src_gen.pdbx_host_org_cell                 ? 
_entity_src_gen.pdbx_host_org_organelle            ? 
_entity_src_gen.pdbx_host_org_cellular_location    ? 
_entity_src_gen.pdbx_host_org_vector_type          plasmid 
_entity_src_gen.pdbx_host_org_vector               ? 
_entity_src_gen.host_org_details                   ? 
_entity_src_gen.expression_system_id               ? 
_entity_src_gen.plasmid_name                       pET15b 
_entity_src_gen.plasmid_details                    ? 
_entity_src_gen.pdbx_description                   ? 
# 
loop_
_chem_comp.id 
_chem_comp.type 
_chem_comp.mon_nstd_flag 
_chem_comp.name 
_chem_comp.pdbx_synonyms 
_chem_comp.formula 
_chem_comp.formula_weight 
ALA 'L-peptide linking' y ALANINE                 ?                          'C3 H7 N O2'      89.093  
ARG 'L-peptide linking' y ARGININE                ?                          'C6 H15 N4 O2 1'  175.209 
ASN 'L-peptide linking' y ASPARAGINE              ?                          'C4 H8 N2 O3'     132.118 
ASP 'L-peptide linking' y 'ASPARTIC ACID'         ?                          'C4 H7 N O4'      133.103 
FMN non-polymer         . 'FLAVIN MONONUCLEOTIDE' 'RIBOFLAVIN MONOPHOSPHATE' 'C17 H21 N4 O9 P' 456.344 
GLN 'L-peptide linking' y GLUTAMINE               ?                          'C5 H10 N2 O3'    146.144 
GLU 'L-peptide linking' y 'GLUTAMIC ACID'         ?                          'C5 H9 N O4'      147.129 
GLY 'peptide linking'   y GLYCINE                 ?                          'C2 H5 N O2'      75.067  
HIS 'L-peptide linking' y HISTIDINE               ?                          'C6 H10 N3 O2 1'  156.162 
HOH non-polymer         . WATER                   ?                          'H2 O'            18.015  
ILE 'L-peptide linking' y ISOLEUCINE              ?                          'C6 H13 N O2'     131.173 
LEU 'L-peptide linking' y LEUCINE                 ?                          'C6 H13 N O2'     131.173 
LYS 'L-peptide linking' y LYSINE                  ?                          'C6 H15 N2 O2 1'  147.195 
MET 'L-peptide linking' y METHIONINE              ?                          'C5 H11 N O2 S'   149.211 
PHE 'L-peptide linking' y PHENYLALANINE           ?                          'C9 H11 N O2'     165.189 
PRO 'L-peptide linking' y PROLINE                 ?                          'C5 H9 N O2'      115.130 
SER 'L-peptide linking' y SERINE                  ?                          'C3 H7 N O3'      105.093 
THR 'L-peptide linking' y THREONINE               ?                          'C4 H9 N O3'      119.119 
TRP 'L-peptide linking' y TRYPTOPHAN              ?                          'C11 H12 N2 O2'   204.225 
TYR 'L-peptide linking' y TYROSINE                ?                          'C9 H11 N O3'     181.189 
VAL 'L-peptide linking' y VALINE                  ?                          'C5 H11 N O2'     117.146 
# 
loop_
_pdbx_poly_seq_scheme.asym_id 
_pdbx_poly_seq_scheme.entity_id 
_pdbx_poly_seq_scheme.seq_id 
_pdbx_poly_seq_scheme.mon_id 
_pdbx_poly_seq_scheme.ndb_seq_num 
_pdbx_poly_seq_scheme.pdb_seq_num 
_pdbx_poly_seq_scheme.auth_seq_num 
_pdbx_poly_seq_scheme.pdb_mon_id 
_pdbx_poly_seq_scheme.auth_mon_id 
_pdbx_poly_seq_scheme.pdb_strand_id 
_pdbx_poly_seq_scheme.pdb_ins_code 
_pdbx_poly_seq_scheme.hetero 
A 1 1   MET 1   1   ?   ?   ?   A . n 
A 1 2   SER 2   2   2   SER SER A . n 
A 1 3   ALA 3   3   3   ALA ALA A . n 
A 1 4   THR 4   4   4   THR THR A . n 
A 1 5   THR 5   5   5   THR THR A . n 
A 1 6   THR 6   6   6   THR THR A . n 
A 1 7   ASN 7   7   7   ASN ASN A . n 
A 1 8   LEU 8   8   8   LEU LEU A . n 
A 1 9   LYS 9   9   9   LYS LYS A . n 
A 1 10  GLU 10  10  10  GLU GLU A . n 
A 1 11  ALA 11  11  11  ALA ALA A . n 
A 1 12  ILE 12  12  12  ILE ILE A . n 
A 1 13  VAL 13  13  13  VAL VAL A . n 
A 1 14  ASN 14  14  14  ASN ASN A . n 
A 1 15  ARG 15  15  15  ARG ARG A . n 
A 1 16  ARG 16  16  16  ARG ARG A . n 
A 1 17  SER 17  17  17  SER SER A . n 
A 1 18  ILE 18  18  18  ILE ILE A . n 
A 1 19  ARG 19  19  19  ARG ARG A . n 
A 1 20  LYS 20  20  20  LYS LYS A . n 
A 1 21  VAL 21  21  21  VAL VAL A . n 
A 1 22  THR 22  22  22  THR THR A . n 
A 1 23  LYS 23  23  23  LYS LYS A . n 
A 1 24  ASN 24  24  24  ASN ASN A . n 
A 1 25  ASP 25  25  25  ASP ASP A . n 
A 1 26  ALA 26  26  26  ALA ALA A . n 
A 1 27  ILE 27  27  27  ILE ILE A . n 
A 1 28  THR 28  28  28  THR THR A . n 
A 1 29  LYS 29  29  29  LYS LYS A . n 
A 1 30  GLU 30  30  30  GLU GLU A . n 
A 1 31  ARG 31  31  31  ARG ARG A . n 
A 1 32  ILE 32  32  32  ILE ILE A . n 
A 1 33  GLU 33  33  33  GLU GLU A . n 
A 1 34  GLU 34  34  34  GLU GLU A . n 
A 1 35  VAL 35  35  35  VAL VAL A . n 
A 1 36  LEU 36  36  36  LEU LEU A . n 
A 1 37  LYS 37  37  37  LYS LYS A . n 
A 1 38  THR 38  38  38  THR THR A . n 
A 1 39  ALA 39  39  39  ALA ALA A . n 
A 1 40  LEU 40  40  40  LEU LEU A . n 
A 1 41  HIS 41  41  41  HIS HIS A . n 
A 1 42  ALA 42  42  42  ALA ALA A . n 
A 1 43  PRO 43  43  43  PRO PRO A . n 
A 1 44  THR 44  44  44  THR THR A . n 
A 1 45  SER 45  45  45  SER SER A . n 
A 1 46  PHE 46  46  46  PHE PHE A . n 
A 1 47  ASN 47  47  47  ASN ASN A . n 
A 1 48  MET 48  48  48  MET MET A . n 
A 1 49  GLN 49  49  49  GLN GLN A . n 
A 1 50  SER 50  50  50  SER SER A . n 
A 1 51  GLY 51  51  51  GLY GLY A . n 
A 1 52  ARG 52  52  52  ARG ARG A . n 
A 1 53  MET 53  53  53  MET MET A . n 
A 1 54  VAL 54  54  54  VAL VAL A . n 
A 1 55  VAL 55  55  55  VAL VAL A . n 
A 1 56  LEU 56  56  56  LEU LEU A . n 
A 1 57  MET 57  57  57  MET MET A . n 
A 1 58  ASP 58  58  58  ASP ASP A . n 
A 1 59  GLY 59  59  59  GLY GLY A . n 
A 1 60  GLU 60  60  60  GLU GLU A . n 
A 1 61  HIS 61  61  61  HIS HIS A . n 
A 1 62  GLU 62  62  62  GLU GLU A . n 
A 1 63  LYS 63  63  63  LYS LYS A . n 
A 1 64  PHE 64  64  64  PHE PHE A . n 
A 1 65  TRP 65  65  65  TRP TRP A . n 
A 1 66  ASP 66  66  66  ASP ASP A . n 
A 1 67  ILE 67  67  67  ILE ILE A . n 
A 1 68  VAL 68  68  68  VAL VAL A . n 
A 1 69  LYS 69  69  69  LYS LYS A . n 
A 1 70  GLU 70  70  70  GLU GLU A . n 
A 1 71  THR 71  71  71  THR THR A . n 
A 1 72  LEU 72  72  72  LEU LEU A . n 
A 1 73  ARG 73  73  73  ARG ARG A . n 
A 1 74  ALA 74  74  74  ALA ALA A . n 
A 1 75  ARG 75  75  75  ARG ARG A . n 
A 1 76  VAL 76  76  76  VAL VAL A . n 
A 1 77  PRO 77  77  77  PRO PRO A . n 
A 1 78  ALA 78  78  78  ALA ALA A . n 
A 1 79  GLU 79  79  79  GLU GLU A . n 
A 1 80  ASN 80  80  80  ASN ASN A . n 
A 1 81  PHE 81  81  81  PHE PHE A . n 
A 1 82  GLU 82  82  82  GLU GLU A . n 
A 1 83  ALA 83  83  83  ALA ALA A . n 
A 1 84  THR 84  84  84  THR THR A . n 
A 1 85  VAL 85  85  85  VAL VAL A . n 
A 1 86  GLU 86  86  86  GLU GLU A . n 
A 1 87  ARG 87  87  87  ARG ARG A . n 
A 1 88  LEU 88  88  88  LEU LEU A . n 
A 1 89  LYS 89  89  89  LYS LYS A . n 
A 1 90  GLY 90  90  90  GLY GLY A . n 
A 1 91  PHE 91  91  91  PHE PHE A . n 
A 1 92  HIS 92  92  92  HIS HIS A . n 
A 1 93  ALA 93  93  93  ALA ALA A . n 
A 1 94  GLY 94  94  94  GLY GLY A . n 
A 1 95  VAL 95  95  95  VAL VAL A . n 
A 1 96  GLY 96  96  96  GLY GLY A . n 
A 1 97  THR 97  97  97  THR THR A . n 
A 1 98  VAL 98  98  98  VAL VAL A . n 
A 1 99  LEU 99  99  99  LEU LEU A . n 
A 1 100 PHE 100 100 100 PHE PHE A . n 
A 1 101 PHE 101 101 101 PHE PHE A . n 
A 1 102 GLU 102 102 102 GLU GLU A . n 
A 1 103 ASP 103 103 103 ASP ASP A . n 
A 1 104 GLN 104 104 104 GLN GLN A . n 
A 1 105 ALA 105 105 105 ALA ALA A . n 
A 1 106 THR 106 106 106 THR THR A . n 
A 1 107 VAL 107 107 107 VAL VAL A . n 
A 1 108 GLU 108 108 108 GLU GLU A . n 
A 1 109 LYS 109 109 109 LYS LYS A . n 
A 1 110 MET 110 110 110 MET MET A . n 
A 1 111 GLN 111 111 111 GLN GLN A . n 
A 1 112 GLU 112 112 112 GLU GLU A . n 
A 1 113 ASN 113 113 113 ASN ASN A . n 
A 1 114 ALA 114 114 114 ALA ALA A . n 
A 1 115 PRO 115 115 115 PRO PRO A . n 
A 1 116 LEU 116 116 116 LEU LEU A . n 
A 1 117 TYR 117 117 117 TYR TYR A . n 
A 1 118 LYS 118 118 118 LYS LYS A . n 
A 1 119 ASP 119 119 119 ASP ASP A . n 
A 1 120 GLN 120 120 120 GLN GLN A . n 
A 1 121 PHE 121 121 121 PHE PHE A . n 
A 1 122 PRO 122 122 122 PRO PRO A . n 
A 1 123 PHE 123 123 123 PHE PHE A . n 
A 1 124 TRP 124 124 124 TRP TRP A . n 
A 1 125 SER 125 125 125 SER SER A . n 
A 1 126 HIS 126 126 126 HIS HIS A . n 
A 1 127 GLN 127 127 127 GLN GLN A . n 
A 1 128 GLY 128 128 128 GLY GLY A . n 
A 1 129 ASN 129 129 129 ASN ASN A . n 
A 1 130 ALA 130 130 130 ALA ALA A . n 
A 1 131 MET 131 131 131 MET MET A . n 
A 1 132 LEU 132 132 132 LEU LEU A . n 
A 1 133 GLN 133 133 133 GLN GLN A . n 
A 1 134 HIS 134 134 134 HIS HIS A . n 
A 1 135 THR 135 135 135 THR THR A . n 
A 1 136 VAL 136 136 136 VAL VAL A . n 
A 1 137 TRP 137 137 137 TRP TRP A . n 
A 1 138 MET 138 138 138 MET MET A . n 
A 1 139 LEU 139 139 139 LEU LEU A . n 
A 1 140 LEU 140 140 140 LEU LEU A . n 
A 1 141 SER 141 141 141 SER SER A . n 
A 1 142 ALA 142 142 142 ALA ALA A . n 
A 1 143 GLU 143 143 143 GLU GLU A . n 
A 1 144 GLY 144 144 144 GLY GLY A . n 
A 1 145 ILE 145 145 145 ILE ILE A . n 
A 1 146 GLY 146 146 146 GLY GLY A . n 
A 1 147 ALA 147 147 147 ALA ALA A . n 
A 1 148 SER 148 148 148 SER SER A . n 
A 1 149 LEU 149 149 149 LEU LEU A . n 
A 1 150 GLN 150 150 150 GLN GLN A . n 
A 1 151 HIS 151 151 151 HIS HIS A . n 
A 1 152 TYR 152 152 152 TYR TYR A . n 
A 1 153 ASN 153 153 153 ASN ASN A . n 
A 1 154 PRO 154 154 154 PRO PRO A . n 
A 1 155 ILE 155 155 155 ILE ILE A . n 
A 1 156 VAL 156 156 156 VAL VAL A . n 
A 1 157 ASP 157 157 157 ASP ASP A . n 
A 1 158 ALA 158 158 158 ALA ALA A . n 
A 1 159 GLU 159 159 159 GLU GLU A . n 
A 1 160 VAL 160 160 160 VAL VAL A . n 
A 1 161 LYS 161 161 161 LYS LYS A . n 
A 1 162 GLU 162 162 162 GLU GLU A . n 
A 1 163 THR 163 163 163 THR THR A . n 
A 1 164 TRP 164 164 164 TRP TRP A . n 
A 1 165 ASN 165 165 165 ASN ASN A . n 
A 1 166 ILE 166 166 166 ILE ILE A . n 
A 1 167 PRO 167 167 167 PRO PRO A . n 
A 1 168 ALA 168 168 168 ALA ALA A . n 
A 1 169 GLU 169 169 169 GLU GLU A . n 
A 1 170 TRP 170 170 170 TRP TRP A . n 
A 1 171 SER 171 171 171 SER SER A . n 
A 1 172 LEU 172 172 172 LEU LEU A . n 
A 1 173 VAL 173 173 173 VAL VAL A . n 
A 1 174 GLY 174 174 174 GLY GLY A . n 
A 1 175 GLN 175 175 175 GLN GLN A . n 
A 1 176 MET 176 176 176 MET MET A . n 
A 1 177 PRO 177 177 177 PRO PRO A . n 
A 1 178 PHE 178 178 178 PHE PHE A . n 
A 1 179 GLY 179 179 179 GLY GLY A . n 
A 1 180 GLU 180 180 180 GLU GLU A . n 
A 1 181 PRO 181 181 181 PRO PRO A . n 
A 1 182 ASN 182 182 182 ASN ASN A . n 
A 1 183 GLU 183 183 183 GLU GLU A . n 
A 1 184 GLN 184 184 184 GLN GLN A . n 
A 1 185 PRO 185 185 185 PRO PRO A . n 
A 1 186 ALA 186 186 186 ALA ALA A . n 
A 1 187 GLU 187 187 187 GLU GLU A . n 
A 1 188 ARG 188 188 188 ARG ARG A . n 
A 1 189 THR 189 189 189 THR THR A . n 
A 1 190 PHE 190 190 190 PHE PHE A . n 
A 1 191 LEU 191 191 191 LEU LEU A . n 
A 1 192 PRO 192 192 192 PRO PRO A . n 
A 1 193 THR 193 193 193 THR THR A . n 
A 1 194 GLU 194 194 194 GLU GLU A . n 
A 1 195 ASP 195 195 195 ASP ASP A . n 
A 1 196 VAL 196 196 196 VAL VAL A . n 
A 1 197 VAL 197 197 197 VAL VAL A . n 
A 1 198 LYS 198 198 198 LYS LYS A . n 
A 1 199 PHE 199 199 199 PHE PHE A . n 
A 1 200 TYR 200 200 200 TYR TYR A . n 
# 
loop_
_pdbx_nonpoly_scheme.asym_id 
_pdbx_nonpoly_scheme.entity_id 
_pdbx_nonpoly_scheme.mon_id 
_pdbx_nonpoly_scheme.ndb_seq_num 
_pdbx_nonpoly_scheme.pdb_seq_num 
_pdbx_nonpoly_scheme.auth_seq_num 
_pdbx_nonpoly_scheme.pdb_mon_id 
_pdbx_nonpoly_scheme.auth_mon_id 
_pdbx_nonpoly_scheme.pdb_strand_id 
_pdbx_nonpoly_scheme.pdb_ins_code 
B 2 FMN 1  201 151 FMN FMN A . 
C 3 HOH 1  301 301 HOH TIP A . 
C 3 HOH 2  302 302 HOH TIP A . 
C 3 HOH 3  303 303 HOH TIP A . 
C 3 HOH 4  304 304 HOH TIP A . 
C 3 HOH 5  305 305 HOH TIP A . 
C 3 HOH 6  306 306 HOH TIP A . 
C 3 HOH 7  307 307 HOH TIP A . 
C 3 HOH 8  308 308 HOH TIP A . 
C 3 HOH 9  309 309 HOH TIP A . 
C 3 HOH 10 310 310 HOH TIP A . 
C 3 HOH 11 311 311 HOH TIP A . 
C 3 HOH 12 312 312 HOH TIP A . 
C 3 HOH 13 313 313 HOH TIP A . 
C 3 HOH 14 314 314 HOH TIP A . 
C 3 HOH 15 315 315 HOH TIP A . 
C 3 HOH 16 316 316 HOH TIP A . 
C 3 HOH 17 317 317 HOH TIP A . 
C 3 HOH 18 318 318 HOH TIP A . 
C 3 HOH 19 319 319 HOH TIP A . 
C 3 HOH 20 320 320 HOH TIP A . 
C 3 HOH 21 321 321 HOH TIP A . 
C 3 HOH 22 322 322 HOH TIP A . 
C 3 HOH 23 323 323 HOH TIP A . 
C 3 HOH 24 324 324 HOH TIP A . 
C 3 HOH 25 325 325 HOH TIP A . 
C 3 HOH 26 326 326 HOH TIP A . 
C 3 HOH 27 327 327 HOH TIP A . 
C 3 HOH 28 328 328 HOH TIP A . 
C 3 HOH 29 329 329 HOH TIP A . 
C 3 HOH 30 330 330 HOH TIP A . 
C 3 HOH 31 331 331 HOH TIP A . 
C 3 HOH 32 332 332 HOH TIP A . 
C 3 HOH 33 333 333 HOH TIP A . 
C 3 HOH 34 334 334 HOH TIP A . 
C 3 HOH 35 335 335 HOH TIP A . 
C 3 HOH 36 336 336 HOH TIP A . 
C 3 HOH 37 337 337 HOH TIP A . 
C 3 HOH 38 338 338 HOH TIP A . 
C 3 HOH 39 339 339 HOH TIP A . 
C 3 HOH 40 340 340 HOH TIP A . 
C 3 HOH 41 341 341 HOH TIP A . 
C 3 HOH 42 342 342 HOH TIP A . 
C 3 HOH 43 343 343 HOH TIP A . 
C 3 HOH 44 344 344 HOH TIP A . 
C 3 HOH 45 345 345 HOH TIP A . 
C 3 HOH 46 346 346 HOH TIP A . 
C 3 HOH 47 347 347 HOH TIP A . 
C 3 HOH 48 348 348 HOH TIP A . 
C 3 HOH 49 349 349 HOH TIP A . 
C 3 HOH 50 350 350 HOH TIP A . 
C 3 HOH 51 351 351 HOH TIP A . 
C 3 HOH 52 352 352 HOH TIP A . 
C 3 HOH 53 353 353 HOH TIP A . 
C 3 HOH 54 354 354 HOH TIP A . 
C 3 HOH 55 355 355 HOH TIP A . 
C 3 HOH 56 356 356 HOH TIP A . 
C 3 HOH 57 357 357 HOH TIP A . 
C 3 HOH 58 358 358 HOH TIP A . 
C 3 HOH 59 359 359 HOH TIP A . 
C 3 HOH 60 360 360 HOH TIP A . 
C 3 HOH 61 361 361 HOH TIP A . 
C 3 HOH 62 362 362 HOH TIP A . 
C 3 HOH 63 363 363 HOH TIP A . 
C 3 HOH 64 364 364 HOH TIP A . 
C 3 HOH 65 365 365 HOH TIP A . 
C 3 HOH 66 366 366 HOH TIP A . 
C 3 HOH 67 367 367 HOH TIP A . 
C 3 HOH 68 368 368 HOH TIP A . 
C 3 HOH 69 369 369 HOH TIP A . 
C 3 HOH 70 370 370 HOH TIP A . 
C 3 HOH 71 371 371 HOH TIP A . 
C 3 HOH 72 372 372 HOH TIP A . 
# 
loop_
_software.name 
_software.classification 
_software.version 
_software.citation_id 
_software.pdbx_ordinal 
CNS         refinement        1.1 ? 1 
SBC-Collect 'data collection' .   ? 2 
HKL-2000    'data scaling'    .   ? 3 
CNS         phasing           .   ? 4 
# 
_cell.entry_id           1YWQ 
_cell.length_a           80.940 
_cell.length_b           80.940 
_cell.length_c           91.674 
_cell.angle_alpha        90.00 
_cell.angle_beta         90.00 
_cell.angle_gamma        120.00 
_cell.Z_PDB              6 
_cell.pdbx_unique_axis   ? 
# 
_symmetry.entry_id                         1YWQ 
_symmetry.space_group_name_H-M             'P 31 2 1' 
_symmetry.pdbx_full_space_group_name_H-M   ? 
_symmetry.cell_setting                     ? 
_symmetry.Int_Tables_number                152 
_symmetry.space_group_name_Hall            ? 
# 
_exptl.entry_id          1YWQ 
_exptl.method            'X-RAY DIFFRACTION' 
_exptl.crystals_number   1 
# 
_exptl_crystal.id                    1 
_exptl_crystal.density_meas          ? 
_exptl_crystal.density_Matthews      3.769 
_exptl_crystal.density_percent_sol   66.11 
_exptl_crystal.description           ? 
_exptl_crystal.F_000                 ? 
_exptl_crystal.preparation           ? 
# 
_exptl_crystal_grow.crystal_id      1 
_exptl_crystal_grow.method          'VAPOR DIFFUSION, SITTING DROP' 
_exptl_crystal_grow.temp            298 
_exptl_crystal_grow.temp_details    ? 
_exptl_crystal_grow.pH              5.0 
_exptl_crystal_grow.pdbx_details    '1.8M Na/K Phosphate, pH 5.0, VAPOR DIFFUSION, SITTING DROP, temperature 298K' 
_exptl_crystal_grow.pdbx_pH_range   . 
# 
_diffrn.id                     1 
_diffrn.ambient_temp           100 
_diffrn.ambient_temp_details   ? 
_diffrn.crystal_id             1 
# 
_diffrn_detector.diffrn_id              1 
_diffrn_detector.detector               CCD 
_diffrn_detector.type                   'ADSC QUANTUM 4' 
_diffrn_detector.pdbx_collection_date   2004-12-19 
_diffrn_detector.details                mirrors 
# 
_diffrn_radiation.diffrn_id                        1 
_diffrn_radiation.wavelength_id                    1 
_diffrn_radiation.pdbx_monochromatic_or_laue_m_l   M 
_diffrn_radiation.monochromator                    'Si 111 channel' 
_diffrn_radiation.pdbx_diffrn_protocol             SAD 
_diffrn_radiation.pdbx_scattering_type             x-ray 
# 
_diffrn_radiation_wavelength.id           1 
_diffrn_radiation_wavelength.wavelength   0.9795 
_diffrn_radiation_wavelength.wt           1.0 
# 
_diffrn_source.diffrn_id                   1 
_diffrn_source.source                      SYNCHROTRON 
_diffrn_source.type                        'APS BEAMLINE 19-ID' 
_diffrn_source.pdbx_synchrotron_site       APS 
_diffrn_source.pdbx_synchrotron_beamline   19-ID 
_diffrn_source.pdbx_wavelength             ? 
_diffrn_source.pdbx_wavelength_list        0.9795 
# 
_reflns.entry_id                     1YWQ 
_reflns.observed_criterion_sigma_I   2.0 
_reflns.observed_criterion_sigma_F   2.0 
_reflns.d_resolution_low             40 
_reflns.d_resolution_high            2.3 
_reflns.number_obs                   30026 
_reflns.number_all                   30056 
_reflns.percent_possible_obs         99.9 
_reflns.pdbx_Rmerge_I_obs            0.093 
_reflns.pdbx_Rsym_value              ? 
_reflns.pdbx_netI_over_sigmaI        22.74 
_reflns.B_iso_Wilson_estimate        32.8 
_reflns.pdbx_redundancy              6.5 
_reflns.R_free_details               ? 
_reflns.limit_h_max                  ? 
_reflns.limit_h_min                  ? 
_reflns.limit_k_max                  ? 
_reflns.limit_k_min                  ? 
_reflns.limit_l_max                  ? 
_reflns.limit_l_min                  ? 
_reflns.observed_criterion_F_max     ? 
_reflns.observed_criterion_F_min     ? 
_reflns.pdbx_chi_squared             ? 
_reflns.pdbx_scaling_rejects         ? 
_reflns.pdbx_ordinal                 1 
_reflns.pdbx_diffrn_id               1 
# 
_reflns_shell.d_res_high             2.3 
_reflns_shell.d_res_low              2.38 
_reflns_shell.percent_possible_all   98.9 
_reflns_shell.Rmerge_I_obs           0.65 
_reflns_shell.pdbx_Rsym_value        ? 
_reflns_shell.meanI_over_sigI_obs    1.41 
_reflns_shell.pdbx_redundancy        4.5 
_reflns_shell.percent_possible_obs   ? 
_reflns_shell.number_unique_all      3007 
_reflns_shell.number_measured_all    ? 
_reflns_shell.number_measured_obs    ? 
_reflns_shell.number_unique_obs      ? 
_reflns_shell.pdbx_chi_squared       ? 
_reflns_shell.pdbx_ordinal           1 
_reflns_shell.pdbx_diffrn_id         1 
# 
_refine.entry_id                                 1YWQ 
_refine.ls_number_reflns_obs                     28495 
_refine.ls_number_reflns_all                     30026 
_refine.pdbx_ls_sigma_I                          ? 
_refine.pdbx_ls_sigma_F                          0.0 
_refine.pdbx_data_cutoff_high_absF               374962.37 
_refine.pdbx_data_cutoff_low_absF                0.000000 
_refine.pdbx_data_cutoff_high_rms_absF           ? 
_refine.ls_d_res_low                             38.36 
_refine.ls_d_res_high                            2.30 
_refine.ls_percent_reflns_obs                    95.3 
_refine.ls_R_factor_obs                          0.205 
_refine.ls_R_factor_all                          0.21 
_refine.ls_R_factor_R_work                       0.205 
_refine.ls_R_factor_R_free                       0.242 
_refine.ls_R_factor_R_free_error                 0.006 
_refine.ls_R_factor_R_free_error_details         ? 
_refine.ls_percent_reflns_R_free                 4.9 
_refine.ls_number_reflns_R_free                  1393 
_refine.ls_number_parameters                     ? 
_refine.ls_number_restraints                     ? 
_refine.occupancy_min                            ? 
_refine.occupancy_max                            ? 
_refine.correlation_coeff_Fo_to_Fc               ? 
_refine.correlation_coeff_Fo_to_Fc_free          ? 
_refine.B_iso_mean                               44.7 
_refine.aniso_B[1][1]                            1.83 
_refine.aniso_B[2][2]                            1.83 
_refine.aniso_B[3][3]                            -3.65 
_refine.aniso_B[1][2]                            3.86 
_refine.aniso_B[1][3]                            0.00 
_refine.aniso_B[2][3]                            0.00 
_refine.solvent_model_details                    'FLAT MODEL' 
_refine.solvent_model_param_ksol                 0.372893 
_refine.solvent_model_param_bsol                 49.7973 
_refine.pdbx_solvent_vdw_probe_radii             ? 
_refine.pdbx_solvent_ion_probe_radii             ? 
_refine.pdbx_solvent_shrinkage_radii             ? 
_refine.pdbx_ls_cross_valid_method               THROUGHOUT 
_refine.details                                  ? 
_refine.pdbx_starting_model                      ? 
_refine.pdbx_method_to_determine_struct          SAD 
_refine.pdbx_isotropic_thermal_model             RESTRAINED 
_refine.pdbx_stereochemistry_target_values       'Engh & Huber' 
_refine.pdbx_stereochem_target_val_spec_case     ? 
_refine.pdbx_R_Free_selection_details            RANDOM 
_refine.pdbx_overall_ESU_R                       ? 
_refine.pdbx_overall_ESU_R_Free                  ? 
_refine.overall_SU_ML                            ? 
_refine.overall_SU_B                             ? 
_refine.ls_redundancy_reflns_obs                 ? 
_refine.B_iso_min                                ? 
_refine.B_iso_max                                ? 
_refine.overall_SU_R_Cruickshank_DPI             ? 
_refine.overall_SU_R_free                        ? 
_refine.ls_wR_factor_R_free                      ? 
_refine.ls_wR_factor_R_work                      ? 
_refine.overall_FOM_free_R_set                   ? 
_refine.overall_FOM_work_R_set                   ? 
_refine.pdbx_refine_id                           'X-RAY DIFFRACTION' 
_refine.pdbx_diffrn_id                           1 
_refine.pdbx_TLS_residual_ADP_flag               ? 
_refine.pdbx_overall_phase_error                 ? 
_refine.pdbx_overall_SU_R_free_Cruickshank_DPI   ? 
_refine.pdbx_overall_SU_R_Blow_DPI               ? 
_refine.pdbx_overall_SU_R_free_Blow_DPI          ? 
# 
_refine_analyze.entry_id                        1YWQ 
_refine_analyze.Luzzati_coordinate_error_obs    0.30 
_refine_analyze.Luzzati_sigma_a_obs             0.39 
_refine_analyze.Luzzati_d_res_low_obs           5.00 
_refine_analyze.Luzzati_coordinate_error_free   0.35 
_refine_analyze.Luzzati_sigma_a_free            0.38 
_refine_analyze.Luzzati_d_res_low_free          ? 
_refine_analyze.number_disordered_residues      ? 
_refine_analyze.occupancy_sum_hydrogen          ? 
_refine_analyze.occupancy_sum_non_hydrogen      ? 
_refine_analyze.pdbx_Luzzati_d_res_high_obs     ? 
_refine_analyze.pdbx_refine_id                  'X-RAY DIFFRACTION' 
# 
_refine_hist.pdbx_refine_id                   'X-RAY DIFFRACTION' 
_refine_hist.cycle_id                         LAST 
_refine_hist.pdbx_number_atoms_protein        1600 
_refine_hist.pdbx_number_atoms_nucleic_acid   0 
_refine_hist.pdbx_number_atoms_ligand         31 
_refine_hist.number_atoms_solvent             72 
_refine_hist.number_atoms_total               1703 
_refine_hist.d_res_high                       2.30 
_refine_hist.d_res_low                        38.36 
# 
loop_
_refine_ls_restr.type 
_refine_ls_restr.dev_ideal 
_refine_ls_restr.dev_ideal_target 
_refine_ls_restr.weight 
_refine_ls_restr.number 
_refine_ls_restr.pdbx_refine_id 
_refine_ls_restr.pdbx_restraint_function 
c_bond_d           0.008 ?    ? ? 'X-RAY DIFFRACTION' ? 
c_angle_deg        1.7   ?    ? ? 'X-RAY DIFFRACTION' ? 
c_dihedral_angle_d 22.5  ?    ? ? 'X-RAY DIFFRACTION' ? 
c_improper_angle_d 1.26  ?    ? ? 'X-RAY DIFFRACTION' ? 
c_mcbond_it        1.18  1.50 ? ? 'X-RAY DIFFRACTION' ? 
c_mcangle_it       2.04  2.00 ? ? 'X-RAY DIFFRACTION' ? 
c_scbond_it        2.03  2.00 ? ? 'X-RAY DIFFRACTION' ? 
c_scangle_it       3.22  2.50 ? ? 'X-RAY DIFFRACTION' ? 
# 
_refine_ls_shell.pdbx_total_number_of_bins_used   6 
_refine_ls_shell.d_res_high                       2.30 
_refine_ls_shell.d_res_low                        2.44 
_refine_ls_shell.number_reflns_R_work             4044 
_refine_ls_shell.R_factor_R_work                  0.329 
_refine_ls_shell.percent_reflns_obs               86.1 
_refine_ls_shell.R_factor_R_free                  0.353 
_refine_ls_shell.R_factor_R_free_error            0.023 
_refine_ls_shell.percent_reflns_R_free            5.5 
_refine_ls_shell.number_reflns_R_free             236 
_refine_ls_shell.number_reflns_obs                ? 
_refine_ls_shell.redundancy_reflns_obs            ? 
_refine_ls_shell.number_reflns_all                ? 
_refine_ls_shell.pdbx_refine_id                   'X-RAY DIFFRACTION' 
_refine_ls_shell.R_factor_all                     ? 
# 
loop_
_pdbx_xplor_file.serial_no 
_pdbx_xplor_file.param_file 
_pdbx_xplor_file.topol_file 
_pdbx_xplor_file.pdbx_refine_id 
1 PROTEIN_REP.PARAM PROTEIN.TOP 'X-RAY DIFFRACTION' 
2 WATER_REP.PARAM   ?           'X-RAY DIFFRACTION' 
3 ION.PARAM         ?           'X-RAY DIFFRACTION' 
4 FMN.PARAM         ?           'X-RAY DIFFRACTION' 
# 
_struct.entry_id                  1YWQ 
_struct.title                     'Crystal structure of a nitroreductase family protein from Bacillus cereus ATCC 14579' 
_struct.pdbx_model_details        ? 
_struct.pdbx_CASP_flag            ? 
_struct.pdbx_model_type_details   ? 
# 
_struct_keywords.entry_id        1YWQ 
_struct_keywords.pdbx_keywords   OXIDOREDUCTASE 
_struct_keywords.text            
;Bacillus cereus, nitroreductase family protein, FMN, Structural Genomics, PSI, Protein Structure Initiative, Midwest Center for Structural Genomics, MCSG, OXIDOREDUCTASE
;
# 
loop_
_struct_asym.id 
_struct_asym.pdbx_blank_PDB_chainid_flag 
_struct_asym.pdbx_modified 
_struct_asym.entity_id 
_struct_asym.details 
A N N 1 ? 
B N N 2 ? 
C N N 3 ? 
# 
_struct_ref.id                         1 
_struct_ref.db_name                    UNP 
_struct_ref.db_code                    Q81EW9_BACCR 
_struct_ref.pdbx_db_accession          Q81EW9 
_struct_ref.entity_id                  1 
_struct_ref.pdbx_seq_one_letter_code   
;MSATTTNLKEAIVNRRSIRKVTKNDAITKERIEEVLKTALHAPTSFNMQSGRMVVLMDGEHEKFWDIVKETLRARVPAEN
FEATVERLKGFHAGVGTVLFFEDQATVEKMQENAPLYKDQFPFWSHQGNAMLQHTVWMLLSAEGIGASLQHYNPIVDAEV
KETWNIPAEWSLVGQMPFGEPNEQPAERTFLPTEDVVKFY
;
_struct_ref.pdbx_align_begin           1 
_struct_ref.pdbx_db_isoform            ? 
# 
_struct_ref_seq.align_id                      1 
_struct_ref_seq.ref_id                        1 
_struct_ref_seq.pdbx_PDB_id_code              1YWQ 
_struct_ref_seq.pdbx_strand_id                A 
_struct_ref_seq.seq_align_beg                 1 
_struct_ref_seq.pdbx_seq_align_beg_ins_code   ? 
_struct_ref_seq.seq_align_end                 200 
_struct_ref_seq.pdbx_seq_align_end_ins_code   ? 
_struct_ref_seq.pdbx_db_accession             Q81EW9 
_struct_ref_seq.db_align_beg                  1 
_struct_ref_seq.pdbx_db_align_beg_ins_code    ? 
_struct_ref_seq.db_align_end                  200 
_struct_ref_seq.pdbx_db_align_end_ins_code    ? 
_struct_ref_seq.pdbx_auth_seq_align_beg       1 
_struct_ref_seq.pdbx_auth_seq_align_end       200 
# 
_pdbx_struct_assembly.id                   1 
_pdbx_struct_assembly.details              author_and_software_defined_assembly 
_pdbx_struct_assembly.method_details       PISA,PQS 
_pdbx_struct_assembly.oligomeric_details   dimeric 
_pdbx_struct_assembly.oligomeric_count     2 
# 
loop_
_pdbx_struct_assembly_prop.biol_id 
_pdbx_struct_assembly_prop.type 
_pdbx_struct_assembly_prop.value 
_pdbx_struct_assembly_prop.details 
1 'ABSA (A^2)' 7850  ? 
1 MORE         -45   ? 
1 'SSA (A^2)'  16580 ? 
# 
_pdbx_struct_assembly_gen.assembly_id       1 
_pdbx_struct_assembly_gen.oper_expression   1,2 
_pdbx_struct_assembly_gen.asym_id_list      A,B,C 
# 
loop_
_pdbx_struct_oper_list.id 
_pdbx_struct_oper_list.type 
_pdbx_struct_oper_list.name 
_pdbx_struct_oper_list.symmetry_operation 
_pdbx_struct_oper_list.matrix[1][1] 
_pdbx_struct_oper_list.matrix[1][2] 
_pdbx_struct_oper_list.matrix[1][3] 
_pdbx_struct_oper_list.vector[1] 
_pdbx_struct_oper_list.matrix[2][1] 
_pdbx_struct_oper_list.matrix[2][2] 
_pdbx_struct_oper_list.matrix[2][3] 
_pdbx_struct_oper_list.vector[2] 
_pdbx_struct_oper_list.matrix[3][1] 
_pdbx_struct_oper_list.matrix[3][2] 
_pdbx_struct_oper_list.matrix[3][3] 
_pdbx_struct_oper_list.vector[3] 
1 'identity operation'         1_555 x,y,z  1.0000000000 0.0000000000 0.0000000000 0.0000000000   0.0000000000 1.0000000000  0.0000000000 0.0000000000 0.0000000000 0.0000000000 1.0000000000  0.0000000000  
2 'crystal symmetry operation' 4_555 y,x,-z 0.2744273987 0.7306104786 0.6252183070 -10.8069558422 0.7306104786 -0.5811517612 0.3584284573 2.2013602506 0.6252183070 0.3584284573 -0.6932756375 19.4561541448 
# 
_struct_biol.id                    1 
_struct_biol.details               
'This protein existed as dimer. The second part of the biological assembly is generated by the operation: -x+y, -x, z+2/3' 
_struct_biol.pdbx_parent_biol_id   ? 
# 
loop_
_struct_conf.conf_type_id 
_struct_conf.id 
_struct_conf.pdbx_PDB_helix_id 
_struct_conf.beg_label_comp_id 
_struct_conf.beg_label_asym_id 
_struct_conf.beg_label_seq_id 
_struct_conf.pdbx_beg_PDB_ins_code 
_struct_conf.end_label_comp_id 
_struct_conf.end_label_asym_id 
_struct_conf.end_label_seq_id 
_struct_conf.pdbx_end_PDB_ins_code 
_struct_conf.beg_auth_comp_id 
_struct_conf.beg_auth_asym_id 
_struct_conf.beg_auth_seq_id 
_struct_conf.end_auth_comp_id 
_struct_conf.end_auth_asym_id 
_struct_conf.end_auth_seq_id 
_struct_conf.pdbx_PDB_helix_class 
_struct_conf.details 
_struct_conf.pdbx_PDB_helix_length 
HELX_P HELX_P1  1  ASN A 7   ? ARG A 15  ? ASN A 7   ARG A 15  1 ? 9  
HELX_P HELX_P2  2  THR A 28  ? LEU A 40  ? THR A 28  LEU A 40  1 ? 13 
HELX_P HELX_P3  3  THR A 44  ? MET A 48  ? THR A 44  MET A 48  5 ? 5  
HELX_P HELX_P4  4  ASP A 58  ? VAL A 76  ? ASP A 58  VAL A 76  1 ? 19 
HELX_P HELX_P5  5  PRO A 77  ? GLU A 79  ? PRO A 77  GLU A 79  5 ? 3  
HELX_P HELX_P6  6  ASN A 80  ? GLU A 86  ? ASN A 80  GLU A 86  1 ? 7  
HELX_P HELX_P7  7  LEU A 88  ? ALA A 93  ? LEU A 88  ALA A 93  1 ? 6  
HELX_P HELX_P8  8  GLN A 104 ? ALA A 114 ? GLN A 104 ALA A 114 1 ? 11 
HELX_P HELX_P9  9  PRO A 115 ? LYS A 118 ? PRO A 115 LYS A 118 5 ? 4  
HELX_P HELX_P10 10 GLN A 120 ? GLU A 143 ? GLN A 120 GLU A 143 1 ? 24 
HELX_P HELX_P11 11 VAL A 156 ? TRP A 164 ? VAL A 156 TRP A 164 1 ? 9  
HELX_P HELX_P12 12 PRO A 192 ? VAL A 197 ? PRO A 192 VAL A 197 1 ? 6  
# 
_struct_conf_type.id          HELX_P 
_struct_conf_type.criteria    ? 
_struct_conf_type.reference   ? 
# 
_struct_mon_prot_cis.pdbx_id                1 
_struct_mon_prot_cis.label_comp_id          ASN 
_struct_mon_prot_cis.label_seq_id           153 
_struct_mon_prot_cis.label_asym_id          A 
_struct_mon_prot_cis.label_alt_id           . 
_struct_mon_prot_cis.pdbx_PDB_ins_code      ? 
_struct_mon_prot_cis.auth_comp_id           ASN 
_struct_mon_prot_cis.auth_seq_id            153 
_struct_mon_prot_cis.auth_asym_id           A 
_struct_mon_prot_cis.pdbx_label_comp_id_2   PRO 
_struct_mon_prot_cis.pdbx_label_seq_id_2    154 
_struct_mon_prot_cis.pdbx_label_asym_id_2   A 
_struct_mon_prot_cis.pdbx_PDB_ins_code_2    ? 
_struct_mon_prot_cis.pdbx_auth_comp_id_2    PRO 
_struct_mon_prot_cis.pdbx_auth_seq_id_2     154 
_struct_mon_prot_cis.pdbx_auth_asym_id_2    A 
_struct_mon_prot_cis.pdbx_PDB_model_num     1 
_struct_mon_prot_cis.pdbx_omega_angle       0.18 
# 
loop_
_struct_sheet.id 
_struct_sheet.type 
_struct_sheet.number_strands 
_struct_sheet.details 
A ? 4 ? 
B ? 3 ? 
# 
loop_
_struct_sheet_order.sheet_id 
_struct_sheet_order.range_id_1 
_struct_sheet_order.range_id_2 
_struct_sheet_order.offset 
_struct_sheet_order.sense 
A 1 2 ? anti-parallel 
A 2 3 ? anti-parallel 
A 3 4 ? anti-parallel 
B 1 2 ? anti-parallel 
B 2 3 ? anti-parallel 
# 
loop_
_struct_sheet_range.sheet_id 
_struct_sheet_range.id 
_struct_sheet_range.beg_label_comp_id 
_struct_sheet_range.beg_label_asym_id 
_struct_sheet_range.beg_label_seq_id 
_struct_sheet_range.pdbx_beg_PDB_ins_code 
_struct_sheet_range.end_label_comp_id 
_struct_sheet_range.end_label_asym_id 
_struct_sheet_range.end_label_seq_id 
_struct_sheet_range.pdbx_end_PDB_ins_code 
_struct_sheet_range.beg_auth_comp_id 
_struct_sheet_range.beg_auth_asym_id 
_struct_sheet_range.beg_auth_seq_id 
_struct_sheet_range.end_auth_comp_id 
_struct_sheet_range.end_auth_asym_id 
_struct_sheet_range.end_auth_seq_id 
A 1 VAL A 21  ? THR A 22  ? VAL A 21  THR A 22  
A 2 TRP A 170 ? PRO A 181 ? TRP A 170 PRO A 181 
A 3 GLY A 96  ? ASP A 103 ? GLY A 96  ASP A 103 
A 4 GLY A 51  ? MET A 57  ? GLY A 51  MET A 57  
B 1 VAL A 21  ? THR A 22  ? VAL A 21  THR A 22  
B 2 TRP A 170 ? PRO A 181 ? TRP A 170 PRO A 181 
B 3 GLY A 146 ? ALA A 147 ? GLY A 146 ALA A 147 
# 
loop_
_pdbx_struct_sheet_hbond.sheet_id 
_pdbx_struct_sheet_hbond.range_id_1 
_pdbx_struct_sheet_hbond.range_id_2 
_pdbx_struct_sheet_hbond.range_1_label_atom_id 
_pdbx_struct_sheet_hbond.range_1_label_comp_id 
_pdbx_struct_sheet_hbond.range_1_label_asym_id 
_pdbx_struct_sheet_hbond.range_1_label_seq_id 
_pdbx_struct_sheet_hbond.range_1_PDB_ins_code 
_pdbx_struct_sheet_hbond.range_1_auth_atom_id 
_pdbx_struct_sheet_hbond.range_1_auth_comp_id 
_pdbx_struct_sheet_hbond.range_1_auth_asym_id 
_pdbx_struct_sheet_hbond.range_1_auth_seq_id 
_pdbx_struct_sheet_hbond.range_2_label_atom_id 
_pdbx_struct_sheet_hbond.range_2_label_comp_id 
_pdbx_struct_sheet_hbond.range_2_label_asym_id 
_pdbx_struct_sheet_hbond.range_2_label_seq_id 
_pdbx_struct_sheet_hbond.range_2_PDB_ins_code 
_pdbx_struct_sheet_hbond.range_2_auth_atom_id 
_pdbx_struct_sheet_hbond.range_2_auth_comp_id 
_pdbx_struct_sheet_hbond.range_2_auth_asym_id 
_pdbx_struct_sheet_hbond.range_2_auth_seq_id 
A 1 2 N THR A 22  ? N THR A 22  O GLU A 180 ? O GLU A 180 
A 2 3 O VAL A 173 ? O VAL A 173 N PHE A 100 ? N PHE A 100 
A 3 4 O PHE A 101 ? O PHE A 101 N ARG A 52  ? N ARG A 52  
B 1 2 N THR A 22  ? N THR A 22  O GLU A 180 ? O GLU A 180 
B 2 3 O GLY A 179 ? O GLY A 179 N GLY A 146 ? N GLY A 146 
# 
_struct_site.id                   AC1 
_struct_site.pdbx_evidence_code   Software 
_struct_site.pdbx_auth_asym_id    A 
_struct_site.pdbx_auth_comp_id    FMN 
_struct_site.pdbx_auth_seq_id     201 
_struct_site.pdbx_auth_ins_code   ? 
_struct_site.pdbx_num_residues    18 
_struct_site.details              'BINDING SITE FOR RESIDUE FMN A 201' 
# 
loop_
_struct_site_gen.id 
_struct_site_gen.site_id 
_struct_site_gen.pdbx_num_res 
_struct_site_gen.label_comp_id 
_struct_site_gen.label_asym_id 
_struct_site_gen.label_seq_id 
_struct_site_gen.pdbx_auth_ins_code 
_struct_site_gen.auth_comp_id 
_struct_site_gen.auth_asym_id 
_struct_site_gen.auth_seq_id 
_struct_site_gen.label_atom_id 
_struct_site_gen.label_alt_id 
_struct_site_gen.symmetry 
_struct_site_gen.details 
1  AC1 18 ARG A 15  ? ARG A 15  . ? 4_555 ? 
2  AC1 18 ARG A 16  ? ARG A 16  . ? 4_555 ? 
3  AC1 18 SER A 17  ? SER A 17  . ? 4_555 ? 
4  AC1 18 ARG A 19  ? ARG A 19  . ? 4_555 ? 
5  AC1 18 PRO A 43  ? PRO A 43  . ? 1_555 ? 
6  AC1 18 THR A 44  ? THR A 44  . ? 1_555 ? 
7  AC1 18 SER A 45  ? SER A 45  . ? 1_555 ? 
8  AC1 18 ARG A 87  ? ARG A 87  . ? 4_555 ? 
9  AC1 18 TRP A 124 ? TRP A 124 . ? 1_555 ? 
10 AC1 18 GLN A 127 ? GLN A 127 . ? 1_555 ? 
11 AC1 18 TRP A 137 ? TRP A 137 . ? 4_555 ? 
12 AC1 18 LEU A 149 ? LEU A 149 . ? 4_555 ? 
13 AC1 18 GLN A 150 ? GLN A 150 . ? 4_555 ? 
14 AC1 18 HIS A 151 ? HIS A 151 . ? 4_555 ? 
15 AC1 18 ARG A 188 ? ARG A 188 . ? 4_555 ? 
16 AC1 18 HOH C .   ? HOH A 311 . ? 4_555 ? 
17 AC1 18 HOH C .   ? HOH A 334 . ? 1_555 ? 
18 AC1 18 HOH C .   ? HOH A 343 . ? 1_555 ? 
# 
loop_
_pdbx_validate_torsion.id 
_pdbx_validate_torsion.PDB_model_num 
_pdbx_validate_torsion.auth_comp_id 
_pdbx_validate_torsion.auth_asym_id 
_pdbx_validate_torsion.auth_seq_id 
_pdbx_validate_torsion.PDB_ins_code 
_pdbx_validate_torsion.label_alt_id 
_pdbx_validate_torsion.phi 
_pdbx_validate_torsion.psi 
1 1 THR A 5   ? ? -60.08  -75.50  
2 1 THR A 22  ? ? -106.83 -166.64 
3 1 LEU A 40  ? ? -67.64  2.52    
4 1 ASP A 58  ? ? 29.38   -97.40  
5 1 ASN A 182 ? ? -152.43 28.87   
# 
_pdbx_SG_project.id                    1 
_pdbx_SG_project.project_name          'PSI, Protein Structure Initiative' 
_pdbx_SG_project.full_name_of_center   'Midwest Center for Structural Genomics' 
_pdbx_SG_project.initial_of_center     MCSG 
# 
_pdbx_unobs_or_zero_occ_residues.id               1 
_pdbx_unobs_or_zero_occ_residues.PDB_model_num    1 
_pdbx_unobs_or_zero_occ_residues.polymer_flag     Y 
_pdbx_unobs_or_zero_occ_residues.occupancy_flag   1 
_pdbx_unobs_or_zero_occ_residues.auth_asym_id     A 
_pdbx_unobs_or_zero_occ_residues.auth_comp_id     MET 
_pdbx_unobs_or_zero_occ_residues.auth_seq_id      1 
_pdbx_unobs_or_zero_occ_residues.PDB_ins_code     ? 
_pdbx_unobs_or_zero_occ_residues.label_asym_id    A 
_pdbx_unobs_or_zero_occ_residues.label_comp_id    MET 
_pdbx_unobs_or_zero_occ_residues.label_seq_id     1 
# 
loop_
_chem_comp_atom.comp_id 
_chem_comp_atom.atom_id 
_chem_comp_atom.type_symbol 
_chem_comp_atom.pdbx_aromatic_flag 
_chem_comp_atom.pdbx_stereo_config 
_chem_comp_atom.pdbx_ordinal 
ALA N      N N N 1   
ALA CA     C N S 2   
ALA C      C N N 3   
ALA O      O N N 4   
ALA CB     C N N 5   
ALA OXT    O N N 6   
ALA H      H N N 7   
ALA H2     H N N 8   
ALA HA     H N N 9   
ALA HB1    H N N 10  
ALA HB2    H N N 11  
ALA HB3    H N N 12  
ALA HXT    H N N 13  
ARG N      N N N 14  
ARG CA     C N S 15  
ARG C      C N N 16  
ARG O      O N N 17  
ARG CB     C N N 18  
ARG CG     C N N 19  
ARG CD     C N N 20  
ARG NE     N N N 21  
ARG CZ     C N N 22  
ARG NH1    N N N 23  
ARG NH2    N N N 24  
ARG OXT    O N N 25  
ARG H      H N N 26  
ARG H2     H N N 27  
ARG HA     H N N 28  
ARG HB2    H N N 29  
ARG HB3    H N N 30  
ARG HG2    H N N 31  
ARG HG3    H N N 32  
ARG HD2    H N N 33  
ARG HD3    H N N 34  
ARG HE     H N N 35  
ARG HH11   H N N 36  
ARG HH12   H N N 37  
ARG HH21   H N N 38  
ARG HH22   H N N 39  
ARG HXT    H N N 40  
ASN N      N N N 41  
ASN CA     C N S 42  
ASN C      C N N 43  
ASN O      O N N 44  
ASN CB     C N N 45  
ASN CG     C N N 46  
ASN OD1    O N N 47  
ASN ND2    N N N 48  
ASN OXT    O N N 49  
ASN H      H N N 50  
ASN H2     H N N 51  
ASN HA     H N N 52  
ASN HB2    H N N 53  
ASN HB3    H N N 54  
ASN HD21   H N N 55  
ASN HD22   H N N 56  
ASN HXT    H N N 57  
ASP N      N N N 58  
ASP CA     C N S 59  
ASP C      C N N 60  
ASP O      O N N 61  
ASP CB     C N N 62  
ASP CG     C N N 63  
ASP OD1    O N N 64  
ASP OD2    O N N 65  
ASP OXT    O N N 66  
ASP H      H N N 67  
ASP H2     H N N 68  
ASP HA     H N N 69  
ASP HB2    H N N 70  
ASP HB3    H N N 71  
ASP HD2    H N N 72  
ASP HXT    H N N 73  
FMN N1     N N N 74  
FMN C2     C N N 75  
FMN O2     O N N 76  
FMN N3     N N N 77  
FMN C4     C N N 78  
FMN O4     O N N 79  
FMN C4A    C N N 80  
FMN N5     N N N 81  
FMN C5A    C Y N 82  
FMN C6     C Y N 83  
FMN C7     C Y N 84  
FMN C7M    C N N 85  
FMN C8     C Y N 86  
FMN C8M    C N N 87  
FMN C9     C Y N 88  
FMN C9A    C Y N 89  
FMN N10    N N N 90  
FMN C10    C N N 91  
FMN "C1'"  C N N 92  
FMN "C2'"  C N S 93  
FMN "O2'"  O N N 94  
FMN "C3'"  C N S 95  
FMN "O3'"  O N N 96  
FMN "C4'"  C N R 97  
FMN "O4'"  O N N 98  
FMN "C5'"  C N N 99  
FMN "O5'"  O N N 100 
FMN P      P N N 101 
FMN O1P    O N N 102 
FMN O2P    O N N 103 
FMN O3P    O N N 104 
FMN HN3    H N N 105 
FMN H6     H N N 106 
FMN HM71   H N N 107 
FMN HM72   H N N 108 
FMN HM73   H N N 109 
FMN HM81   H N N 110 
FMN HM82   H N N 111 
FMN HM83   H N N 112 
FMN H9     H N N 113 
FMN "H1'1" H N N 114 
FMN "H1'2" H N N 115 
FMN "H2'"  H N N 116 
FMN "HO2'" H N N 117 
FMN "H3'"  H N N 118 
FMN "HO3'" H N N 119 
FMN "H4'"  H N N 120 
FMN "HO4'" H N N 121 
FMN "H5'1" H N N 122 
FMN "H5'2" H N N 123 
FMN HOP2   H N N 124 
FMN HOP3   H N N 125 
GLN N      N N N 126 
GLN CA     C N S 127 
GLN C      C N N 128 
GLN O      O N N 129 
GLN CB     C N N 130 
GLN CG     C N N 131 
GLN CD     C N N 132 
GLN OE1    O N N 133 
GLN NE2    N N N 134 
GLN OXT    O N N 135 
GLN H      H N N 136 
GLN H2     H N N 137 
GLN HA     H N N 138 
GLN HB2    H N N 139 
GLN HB3    H N N 140 
GLN HG2    H N N 141 
GLN HG3    H N N 142 
GLN HE21   H N N 143 
GLN HE22   H N N 144 
GLN HXT    H N N 145 
GLU N      N N N 146 
GLU CA     C N S 147 
GLU C      C N N 148 
GLU O      O N N 149 
GLU CB     C N N 150 
GLU CG     C N N 151 
GLU CD     C N N 152 
GLU OE1    O N N 153 
GLU OE2    O N N 154 
GLU OXT    O N N 155 
GLU H      H N N 156 
GLU H2     H N N 157 
GLU HA     H N N 158 
GLU HB2    H N N 159 
GLU HB3    H N N 160 
GLU HG2    H N N 161 
GLU HG3    H N N 162 
GLU HE2    H N N 163 
GLU HXT    H N N 164 
GLY N      N N N 165 
GLY CA     C N N 166 
GLY C      C N N 167 
GLY O      O N N 168 
GLY OXT    O N N 169 
GLY H      H N N 170 
GLY H2     H N N 171 
GLY HA2    H N N 172 
GLY HA3    H N N 173 
GLY HXT    H N N 174 
HIS N      N N N 175 
HIS CA     C N S 176 
HIS C      C N N 177 
HIS O      O N N 178 
HIS CB     C N N 179 
HIS CG     C Y N 180 
HIS ND1    N Y N 181 
HIS CD2    C Y N 182 
HIS CE1    C Y N 183 
HIS NE2    N Y N 184 
HIS OXT    O N N 185 
HIS H      H N N 186 
HIS H2     H N N 187 
HIS HA     H N N 188 
HIS HB2    H N N 189 
HIS HB3    H N N 190 
HIS HD1    H N N 191 
HIS HD2    H N N 192 
HIS HE1    H N N 193 
HIS HE2    H N N 194 
HIS HXT    H N N 195 
HOH O      O N N 196 
HOH H1     H N N 197 
HOH H2     H N N 198 
ILE N      N N N 199 
ILE CA     C N S 200 
ILE C      C N N 201 
ILE O      O N N 202 
ILE CB     C N S 203 
ILE CG1    C N N 204 
ILE CG2    C N N 205 
ILE CD1    C N N 206 
ILE OXT    O N N 207 
ILE H      H N N 208 
ILE H2     H N N 209 
ILE HA     H N N 210 
ILE HB     H N N 211 
ILE HG12   H N N 212 
ILE HG13   H N N 213 
ILE HG21   H N N 214 
ILE HG22   H N N 215 
ILE HG23   H N N 216 
ILE HD11   H N N 217 
ILE HD12   H N N 218 
ILE HD13   H N N 219 
ILE HXT    H N N 220 
LEU N      N N N 221 
LEU CA     C N S 222 
LEU C      C N N 223 
LEU O      O N N 224 
LEU CB     C N N 225 
LEU CG     C N N 226 
LEU CD1    C N N 227 
LEU CD2    C N N 228 
LEU OXT    O N N 229 
LEU H      H N N 230 
LEU H2     H N N 231 
LEU HA     H N N 232 
LEU HB2    H N N 233 
LEU HB3    H N N 234 
LEU HG     H N N 235 
LEU HD11   H N N 236 
LEU HD12   H N N 237 
LEU HD13   H N N 238 
LEU HD21   H N N 239 
LEU HD22   H N N 240 
LEU HD23   H N N 241 
LEU HXT    H N N 242 
LYS N      N N N 243 
LYS CA     C N S 244 
LYS C      C N N 245 
LYS O      O N N 246 
LYS CB     C N N 247 
LYS CG     C N N 248 
LYS CD     C N N 249 
LYS CE     C N N 250 
LYS NZ     N N N 251 
LYS OXT    O N N 252 
LYS H      H N N 253 
LYS H2     H N N 254 
LYS HA     H N N 255 
LYS HB2    H N N 256 
LYS HB3    H N N 257 
LYS HG2    H N N 258 
LYS HG3    H N N 259 
LYS HD2    H N N 260 
LYS HD3    H N N 261 
LYS HE2    H N N 262 
LYS HE3    H N N 263 
LYS HZ1    H N N 264 
LYS HZ2    H N N 265 
LYS HZ3    H N N 266 
LYS HXT    H N N 267 
MET N      N N N 268 
MET CA     C N S 269 
MET C      C N N 270 
MET O      O N N 271 
MET CB     C N N 272 
MET CG     C N N 273 
MET SD     S N N 274 
MET CE     C N N 275 
MET OXT    O N N 276 
MET H      H N N 277 
MET H2     H N N 278 
MET HA     H N N 279 
MET HB2    H N N 280 
MET HB3    H N N 281 
MET HG2    H N N 282 
MET HG3    H N N 283 
MET HE1    H N N 284 
MET HE2    H N N 285 
MET HE3    H N N 286 
MET HXT    H N N 287 
PHE N      N N N 288 
PHE CA     C N S 289 
PHE C      C N N 290 
PHE O      O N N 291 
PHE CB     C N N 292 
PHE CG     C Y N 293 
PHE CD1    C Y N 294 
PHE CD2    C Y N 295 
PHE CE1    C Y N 296 
PHE CE2    C Y N 297 
PHE CZ     C Y N 298 
PHE OXT    O N N 299 
PHE H      H N N 300 
PHE H2     H N N 301 
PHE HA     H N N 302 
PHE HB2    H N N 303 
PHE HB3    H N N 304 
PHE HD1    H N N 305 
PHE HD2    H N N 306 
PHE HE1    H N N 307 
PHE HE2    H N N 308 
PHE HZ     H N N 309 
PHE HXT    H N N 310 
PRO N      N N N 311 
PRO CA     C N S 312 
PRO C      C N N 313 
PRO O      O N N 314 
PRO CB     C N N 315 
PRO CG     C N N 316 
PRO CD     C N N 317 
PRO OXT    O N N 318 
PRO H      H N N 319 
PRO HA     H N N 320 
PRO HB2    H N N 321 
PRO HB3    H N N 322 
PRO HG2    H N N 323 
PRO HG3    H N N 324 
PRO HD2    H N N 325 
PRO HD3    H N N 326 
PRO HXT    H N N 327 
SER N      N N N 328 
SER CA     C N S 329 
SER C      C N N 330 
SER O      O N N 331 
SER CB     C N N 332 
SER OG     O N N 333 
SER OXT    O N N 334 
SER H      H N N 335 
SER H2     H N N 336 
SER HA     H N N 337 
SER HB2    H N N 338 
SER HB3    H N N 339 
SER HG     H N N 340 
SER HXT    H N N 341 
THR N      N N N 342 
THR CA     C N S 343 
THR C      C N N 344 
THR O      O N N 345 
THR CB     C N R 346 
THR OG1    O N N 347 
THR CG2    C N N 348 
THR OXT    O N N 349 
THR H      H N N 350 
THR H2     H N N 351 
THR HA     H N N 352 
THR HB     H N N 353 
THR HG1    H N N 354 
THR HG21   H N N 355 
THR HG22   H N N 356 
THR HG23   H N N 357 
THR HXT    H N N 358 
TRP N      N N N 359 
TRP CA     C N S 360 
TRP C      C N N 361 
TRP O      O N N 362 
TRP CB     C N N 363 
TRP CG     C Y N 364 
TRP CD1    C Y N 365 
TRP CD2    C Y N 366 
TRP NE1    N Y N 367 
TRP CE2    C Y N 368 
TRP CE3    C Y N 369 
TRP CZ2    C Y N 370 
TRP CZ3    C Y N 371 
TRP CH2    C Y N 372 
TRP OXT    O N N 373 
TRP H      H N N 374 
TRP H2     H N N 375 
TRP HA     H N N 376 
TRP HB2    H N N 377 
TRP HB3    H N N 378 
TRP HD1    H N N 379 
TRP HE1    H N N 380 
TRP HE3    H N N 381 
TRP HZ2    H N N 382 
TRP HZ3    H N N 383 
TRP HH2    H N N 384 
TRP HXT    H N N 385 
TYR N      N N N 386 
TYR CA     C N S 387 
TYR C      C N N 388 
TYR O      O N N 389 
TYR CB     C N N 390 
TYR CG     C Y N 391 
TYR CD1    C Y N 392 
TYR CD2    C Y N 393 
TYR CE1    C Y N 394 
TYR CE2    C Y N 395 
TYR CZ     C Y N 396 
TYR OH     O N N 397 
TYR OXT    O N N 398 
TYR H      H N N 399 
TYR H2     H N N 400 
TYR HA     H N N 401 
TYR HB2    H N N 402 
TYR HB3    H N N 403 
TYR HD1    H N N 404 
TYR HD2    H N N 405 
TYR HE1    H N N 406 
TYR HE2    H N N 407 
TYR HH     H N N 408 
TYR HXT    H N N 409 
VAL N      N N N 410 
VAL CA     C N S 411 
VAL C      C N N 412 
VAL O      O N N 413 
VAL CB     C N N 414 
VAL CG1    C N N 415 
VAL CG2    C N N 416 
VAL OXT    O N N 417 
VAL H      H N N 418 
VAL H2     H N N 419 
VAL HA     H N N 420 
VAL HB     H N N 421 
VAL HG11   H N N 422 
VAL HG12   H N N 423 
VAL HG13   H N N 424 
VAL HG21   H N N 425 
VAL HG22   H N N 426 
VAL HG23   H N N 427 
VAL HXT    H N N 428 
# 
loop_
_chem_comp_bond.comp_id 
_chem_comp_bond.atom_id_1 
_chem_comp_bond.atom_id_2 
_chem_comp_bond.value_order 
_chem_comp_bond.pdbx_aromatic_flag 
_chem_comp_bond.pdbx_stereo_config 
_chem_comp_bond.pdbx_ordinal 
ALA N     CA     sing N N 1   
ALA N     H      sing N N 2   
ALA N     H2     sing N N 3   
ALA CA    C      sing N N 4   
ALA CA    CB     sing N N 5   
ALA CA    HA     sing N N 6   
ALA C     O      doub N N 7   
ALA C     OXT    sing N N 8   
ALA CB    HB1    sing N N 9   
ALA CB    HB2    sing N N 10  
ALA CB    HB3    sing N N 11  
ALA OXT   HXT    sing N N 12  
ARG N     CA     sing N N 13  
ARG N     H      sing N N 14  
ARG N     H2     sing N N 15  
ARG CA    C      sing N N 16  
ARG CA    CB     sing N N 17  
ARG CA    HA     sing N N 18  
ARG C     O      doub N N 19  
ARG C     OXT    sing N N 20  
ARG CB    CG     sing N N 21  
ARG CB    HB2    sing N N 22  
ARG CB    HB3    sing N N 23  
ARG CG    CD     sing N N 24  
ARG CG    HG2    sing N N 25  
ARG CG    HG3    sing N N 26  
ARG CD    NE     sing N N 27  
ARG CD    HD2    sing N N 28  
ARG CD    HD3    sing N N 29  
ARG NE    CZ     sing N N 30  
ARG NE    HE     sing N N 31  
ARG CZ    NH1    sing N N 32  
ARG CZ    NH2    doub N N 33  
ARG NH1   HH11   sing N N 34  
ARG NH1   HH12   sing N N 35  
ARG NH2   HH21   sing N N 36  
ARG NH2   HH22   sing N N 37  
ARG OXT   HXT    sing N N 38  
ASN N     CA     sing N N 39  
ASN N     H      sing N N 40  
ASN N     H2     sing N N 41  
ASN CA    C      sing N N 42  
ASN CA    CB     sing N N 43  
ASN CA    HA     sing N N 44  
ASN C     O      doub N N 45  
ASN C     OXT    sing N N 46  
ASN CB    CG     sing N N 47  
ASN CB    HB2    sing N N 48  
ASN CB    HB3    sing N N 49  
ASN CG    OD1    doub N N 50  
ASN CG    ND2    sing N N 51  
ASN ND2   HD21   sing N N 52  
ASN ND2   HD22   sing N N 53  
ASN OXT   HXT    sing N N 54  
ASP N     CA     sing N N 55  
ASP N     H      sing N N 56  
ASP N     H2     sing N N 57  
ASP CA    C      sing N N 58  
ASP CA    CB     sing N N 59  
ASP CA    HA     sing N N 60  
ASP C     O      doub N N 61  
ASP C     OXT    sing N N 62  
ASP CB    CG     sing N N 63  
ASP CB    HB2    sing N N 64  
ASP CB    HB3    sing N N 65  
ASP CG    OD1    doub N N 66  
ASP CG    OD2    sing N N 67  
ASP OD2   HD2    sing N N 68  
ASP OXT   HXT    sing N N 69  
FMN N1    C2     sing N N 70  
FMN N1    C10    doub N N 71  
FMN C2    O2     doub N N 72  
FMN C2    N3     sing N N 73  
FMN N3    C4     sing N N 74  
FMN N3    HN3    sing N N 75  
FMN C4    O4     doub N N 76  
FMN C4    C4A    sing N N 77  
FMN C4A   N5     doub N N 78  
FMN C4A   C10    sing N N 79  
FMN N5    C5A    sing N N 80  
FMN C5A   C6     doub Y N 81  
FMN C5A   C9A    sing Y N 82  
FMN C6    C7     sing Y N 83  
FMN C6    H6     sing N N 84  
FMN C7    C7M    sing N N 85  
FMN C7    C8     doub Y N 86  
FMN C7M   HM71   sing N N 87  
FMN C7M   HM72   sing N N 88  
FMN C7M   HM73   sing N N 89  
FMN C8    C8M    sing N N 90  
FMN C8    C9     sing Y N 91  
FMN C8M   HM81   sing N N 92  
FMN C8M   HM82   sing N N 93  
FMN C8M   HM83   sing N N 94  
FMN C9    C9A    doub Y N 95  
FMN C9    H9     sing N N 96  
FMN C9A   N10    sing N N 97  
FMN N10   C10    sing N N 98  
FMN N10   "C1'"  sing N N 99  
FMN "C1'" "C2'"  sing N N 100 
FMN "C1'" "H1'1" sing N N 101 
FMN "C1'" "H1'2" sing N N 102 
FMN "C2'" "O2'"  sing N N 103 
FMN "C2'" "C3'"  sing N N 104 
FMN "C2'" "H2'"  sing N N 105 
FMN "O2'" "HO2'" sing N N 106 
FMN "C3'" "O3'"  sing N N 107 
FMN "C3'" "C4'"  sing N N 108 
FMN "C3'" "H3'"  sing N N 109 
FMN "O3'" "HO3'" sing N N 110 
FMN "C4'" "O4'"  sing N N 111 
FMN "C4'" "C5'"  sing N N 112 
FMN "C4'" "H4'"  sing N N 113 
FMN "O4'" "HO4'" sing N N 114 
FMN "C5'" "O5'"  sing N N 115 
FMN "C5'" "H5'1" sing N N 116 
FMN "C5'" "H5'2" sing N N 117 
FMN "O5'" P      sing N N 118 
FMN P     O1P    doub N N 119 
FMN P     O2P    sing N N 120 
FMN P     O3P    sing N N 121 
FMN O2P   HOP2   sing N N 122 
FMN O3P   HOP3   sing N N 123 
GLN N     CA     sing N N 124 
GLN N     H      sing N N 125 
GLN N     H2     sing N N 126 
GLN CA    C      sing N N 127 
GLN CA    CB     sing N N 128 
GLN CA    HA     sing N N 129 
GLN C     O      doub N N 130 
GLN C     OXT    sing N N 131 
GLN CB    CG     sing N N 132 
GLN CB    HB2    sing N N 133 
GLN CB    HB3    sing N N 134 
GLN CG    CD     sing N N 135 
GLN CG    HG2    sing N N 136 
GLN CG    HG3    sing N N 137 
GLN CD    OE1    doub N N 138 
GLN CD    NE2    sing N N 139 
GLN NE2   HE21   sing N N 140 
GLN NE2   HE22   sing N N 141 
GLN OXT   HXT    sing N N 142 
GLU N     CA     sing N N 143 
GLU N     H      sing N N 144 
GLU N     H2     sing N N 145 
GLU CA    C      sing N N 146 
GLU CA    CB     sing N N 147 
GLU CA    HA     sing N N 148 
GLU C     O      doub N N 149 
GLU C     OXT    sing N N 150 
GLU CB    CG     sing N N 151 
GLU CB    HB2    sing N N 152 
GLU CB    HB3    sing N N 153 
GLU CG    CD     sing N N 154 
GLU CG    HG2    sing N N 155 
GLU CG    HG3    sing N N 156 
GLU CD    OE1    doub N N 157 
GLU CD    OE2    sing N N 158 
GLU OE2   HE2    sing N N 159 
GLU OXT   HXT    sing N N 160 
GLY N     CA     sing N N 161 
GLY N     H      sing N N 162 
GLY N     H2     sing N N 163 
GLY CA    C      sing N N 164 
GLY CA    HA2    sing N N 165 
GLY CA    HA3    sing N N 166 
GLY C     O      doub N N 167 
GLY C     OXT    sing N N 168 
GLY OXT   HXT    sing N N 169 
HIS N     CA     sing N N 170 
HIS N     H      sing N N 171 
HIS N     H2     sing N N 172 
HIS CA    C      sing N N 173 
HIS CA    CB     sing N N 174 
HIS CA    HA     sing N N 175 
HIS C     O      doub N N 176 
HIS C     OXT    sing N N 177 
HIS CB    CG     sing N N 178 
HIS CB    HB2    sing N N 179 
HIS CB    HB3    sing N N 180 
HIS CG    ND1    sing Y N 181 
HIS CG    CD2    doub Y N 182 
HIS ND1   CE1    doub Y N 183 
HIS ND1   HD1    sing N N 184 
HIS CD2   NE2    sing Y N 185 
HIS CD2   HD2    sing N N 186 
HIS CE1   NE2    sing Y N 187 
HIS CE1   HE1    sing N N 188 
HIS NE2   HE2    sing N N 189 
HIS OXT   HXT    sing N N 190 
HOH O     H1     sing N N 191 
HOH O     H2     sing N N 192 
ILE N     CA     sing N N 193 
ILE N     H      sing N N 194 
ILE N     H2     sing N N 195 
ILE CA    C      sing N N 196 
ILE CA    CB     sing N N 197 
ILE CA    HA     sing N N 198 
ILE C     O      doub N N 199 
ILE C     OXT    sing N N 200 
ILE CB    CG1    sing N N 201 
ILE CB    CG2    sing N N 202 
ILE CB    HB     sing N N 203 
ILE CG1   CD1    sing N N 204 
ILE CG1   HG12   sing N N 205 
ILE CG1   HG13   sing N N 206 
ILE CG2   HG21   sing N N 207 
ILE CG2   HG22   sing N N 208 
ILE CG2   HG23   sing N N 209 
ILE CD1   HD11   sing N N 210 
ILE CD1   HD12   sing N N 211 
ILE CD1   HD13   sing N N 212 
ILE OXT   HXT    sing N N 213 
LEU N     CA     sing N N 214 
LEU N     H      sing N N 215 
LEU N     H2     sing N N 216 
LEU CA    C      sing N N 217 
LEU CA    CB     sing N N 218 
LEU CA    HA     sing N N 219 
LEU C     O      doub N N 220 
LEU C     OXT    sing N N 221 
LEU CB    CG     sing N N 222 
LEU CB    HB2    sing N N 223 
LEU CB    HB3    sing N N 224 
LEU CG    CD1    sing N N 225 
LEU CG    CD2    sing N N 226 
LEU CG    HG     sing N N 227 
LEU CD1   HD11   sing N N 228 
LEU CD1   HD12   sing N N 229 
LEU CD1   HD13   sing N N 230 
LEU CD2   HD21   sing N N 231 
LEU CD2   HD22   sing N N 232 
LEU CD2   HD23   sing N N 233 
LEU OXT   HXT    sing N N 234 
LYS N     CA     sing N N 235 
LYS N     H      sing N N 236 
LYS N     H2     sing N N 237 
LYS CA    C      sing N N 238 
LYS CA    CB     sing N N 239 
LYS CA    HA     sing N N 240 
LYS C     O      doub N N 241 
LYS C     OXT    sing N N 242 
LYS CB    CG     sing N N 243 
LYS CB    HB2    sing N N 244 
LYS CB    HB3    sing N N 245 
LYS CG    CD     sing N N 246 
LYS CG    HG2    sing N N 247 
LYS CG    HG3    sing N N 248 
LYS CD    CE     sing N N 249 
LYS CD    HD2    sing N N 250 
LYS CD    HD3    sing N N 251 
LYS CE    NZ     sing N N 252 
LYS CE    HE2    sing N N 253 
LYS CE    HE3    sing N N 254 
LYS NZ    HZ1    sing N N 255 
LYS NZ    HZ2    sing N N 256 
LYS NZ    HZ3    sing N N 257 
LYS OXT   HXT    sing N N 258 
MET N     CA     sing N N 259 
MET N     H      sing N N 260 
MET N     H2     sing N N 261 
MET CA    C      sing N N 262 
MET CA    CB     sing N N 263 
MET CA    HA     sing N N 264 
MET C     O      doub N N 265 
MET C     OXT    sing N N 266 
MET CB    CG     sing N N 267 
MET CB    HB2    sing N N 268 
MET CB    HB3    sing N N 269 
MET CG    SD     sing N N 270 
MET CG    HG2    sing N N 271 
MET CG    HG3    sing N N 272 
MET SD    CE     sing N N 273 
MET CE    HE1    sing N N 274 
MET CE    HE2    sing N N 275 
MET CE    HE3    sing N N 276 
MET OXT   HXT    sing N N 277 
PHE N     CA     sing N N 278 
PHE N     H      sing N N 279 
PHE N     H2     sing N N 280 
PHE CA    C      sing N N 281 
PHE CA    CB     sing N N 282 
PHE CA    HA     sing N N 283 
PHE C     O      doub N N 284 
PHE C     OXT    sing N N 285 
PHE CB    CG     sing N N 286 
PHE CB    HB2    sing N N 287 
PHE CB    HB3    sing N N 288 
PHE CG    CD1    doub Y N 289 
PHE CG    CD2    sing Y N 290 
PHE CD1   CE1    sing Y N 291 
PHE CD1   HD1    sing N N 292 
PHE CD2   CE2    doub Y N 293 
PHE CD2   HD2    sing N N 294 
PHE CE1   CZ     doub Y N 295 
PHE CE1   HE1    sing N N 296 
PHE CE2   CZ     sing Y N 297 
PHE CE2   HE2    sing N N 298 
PHE CZ    HZ     sing N N 299 
PHE OXT   HXT    sing N N 300 
PRO N     CA     sing N N 301 
PRO N     CD     sing N N 302 
PRO N     H      sing N N 303 
PRO CA    C      sing N N 304 
PRO CA    CB     sing N N 305 
PRO CA    HA     sing N N 306 
PRO C     O      doub N N 307 
PRO C     OXT    sing N N 308 
PRO CB    CG     sing N N 309 
PRO CB    HB2    sing N N 310 
PRO CB    HB3    sing N N 311 
PRO CG    CD     sing N N 312 
PRO CG    HG2    sing N N 313 
PRO CG    HG3    sing N N 314 
PRO CD    HD2    sing N N 315 
PRO CD    HD3    sing N N 316 
PRO OXT   HXT    sing N N 317 
SER N     CA     sing N N 318 
SER N     H      sing N N 319 
SER N     H2     sing N N 320 
SER CA    C      sing N N 321 
SER CA    CB     sing N N 322 
SER CA    HA     sing N N 323 
SER C     O      doub N N 324 
SER C     OXT    sing N N 325 
SER CB    OG     sing N N 326 
SER CB    HB2    sing N N 327 
SER CB    HB3    sing N N 328 
SER OG    HG     sing N N 329 
SER OXT   HXT    sing N N 330 
THR N     CA     sing N N 331 
THR N     H      sing N N 332 
THR N     H2     sing N N 333 
THR CA    C      sing N N 334 
THR CA    CB     sing N N 335 
THR CA    HA     sing N N 336 
THR C     O      doub N N 337 
THR C     OXT    sing N N 338 
THR CB    OG1    sing N N 339 
THR CB    CG2    sing N N 340 
THR CB    HB     sing N N 341 
THR OG1   HG1    sing N N 342 
THR CG2   HG21   sing N N 343 
THR CG2   HG22   sing N N 344 
THR CG2   HG23   sing N N 345 
THR OXT   HXT    sing N N 346 
TRP N     CA     sing N N 347 
TRP N     H      sing N N 348 
TRP N     H2     sing N N 349 
TRP CA    C      sing N N 350 
TRP CA    CB     sing N N 351 
TRP CA    HA     sing N N 352 
TRP C     O      doub N N 353 
TRP C     OXT    sing N N 354 
TRP CB    CG     sing N N 355 
TRP CB    HB2    sing N N 356 
TRP CB    HB3    sing N N 357 
TRP CG    CD1    doub Y N 358 
TRP CG    CD2    sing Y N 359 
TRP CD1   NE1    sing Y N 360 
TRP CD1   HD1    sing N N 361 
TRP CD2   CE2    doub Y N 362 
TRP CD2   CE3    sing Y N 363 
TRP NE1   CE2    sing Y N 364 
TRP NE1   HE1    sing N N 365 
TRP CE2   CZ2    sing Y N 366 
TRP CE3   CZ3    doub Y N 367 
TRP CE3   HE3    sing N N 368 
TRP CZ2   CH2    doub Y N 369 
TRP CZ2   HZ2    sing N N 370 
TRP CZ3   CH2    sing Y N 371 
TRP CZ3   HZ3    sing N N 372 
TRP CH2   HH2    sing N N 373 
TRP OXT   HXT    sing N N 374 
TYR N     CA     sing N N 375 
TYR N     H      sing N N 376 
TYR N     H2     sing N N 377 
TYR CA    C      sing N N 378 
TYR CA    CB     sing N N 379 
TYR CA    HA     sing N N 380 
TYR C     O      doub N N 381 
TYR C     OXT    sing N N 382 
TYR CB    CG     sing N N 383 
TYR CB    HB2    sing N N 384 
TYR CB    HB3    sing N N 385 
TYR CG    CD1    doub Y N 386 
TYR CG    CD2    sing Y N 387 
TYR CD1   CE1    sing Y N 388 
TYR CD1   HD1    sing N N 389 
TYR CD2   CE2    doub Y N 390 
TYR CD2   HD2    sing N N 391 
TYR CE1   CZ     doub Y N 392 
TYR CE1   HE1    sing N N 393 
TYR CE2   CZ     sing Y N 394 
TYR CE2   HE2    sing N N 395 
TYR CZ    OH     sing N N 396 
TYR OH    HH     sing N N 397 
TYR OXT   HXT    sing N N 398 
VAL N     CA     sing N N 399 
VAL N     H      sing N N 400 
VAL N     H2     sing N N 401 
VAL CA    C      sing N N 402 
VAL CA    CB     sing N N 403 
VAL CA    HA     sing N N 404 
VAL C     O      doub N N 405 
VAL C     OXT    sing N N 406 
VAL CB    CG1    sing N N 407 
VAL CB    CG2    sing N N 408 
VAL CB    HB     sing N N 409 
VAL CG1   HG11   sing N N 410 
VAL CG1   HG12   sing N N 411 
VAL CG1   HG13   sing N N 412 
VAL CG2   HG21   sing N N 413 
VAL CG2   HG22   sing N N 414 
VAL CG2   HG23   sing N N 415 
VAL OXT   HXT    sing N N 416 
# 
_atom_sites.entry_id                    1YWQ 
_atom_sites.fract_transf_matrix[1][1]   -0.00835625 
_atom_sites.fract_transf_matrix[1][2]   -0.01151410 
_atom_sites.fract_transf_matrix[1][3]   -0.00106034 
_atom_sites.fract_transf_matrix[2][1]   -0.01136829 
_atom_sites.fract_transf_matrix[2][2]   0.00020609 
_atom_sites.fract_transf_matrix[2][3]   -0.00861617 
_atom_sites.fract_transf_matrix[3][1]   0.00615318 
_atom_sites.fract_transf_matrix[3][2]   -0.00370979 
_atom_sites.fract_transf_matrix[3][3]   -0.00820733 
_atom_sites.fract_transf_vector[1]      0.348208 
_atom_sites.fract_transf_vector[2]      0.392531 
_atom_sites.fract_transf_vector[3]      0.117173 
# 
loop_
_atom_type.symbol 
C 
N 
O 
P 
S 
# 
loop_
_atom_site.group_PDB 
_atom_site.id 
_atom_site.type_symbol 
_atom_site.label_atom_id 
_atom_site.label_alt_id 
_atom_site.label_comp_id 
_atom_site.label_asym_id 
_atom_site.label_entity_id 
_atom_site.label_seq_id 
_atom_site.pdbx_PDB_ins_code 
_atom_site.Cartn_x 
_atom_site.Cartn_y 
_atom_site.Cartn_z 
_atom_site.occupancy 
_atom_site.B_iso_or_equiv 
_atom_site.pdbx_formal_charge 
_atom_site.auth_seq_id 
_atom_site.auth_comp_id 
_atom_site.auth_asym_id 
_atom_site.auth_atom_id 
_atom_site.pdbx_PDB_model_num 
ATOM   1    N N     . SER A 1 2   ? 16.645  6.868   9.430   1.00 87.71 ? 2   SER A N     1 
ATOM   2    C CA    . SER A 1 2   ? 16.131  8.250   9.675   1.00 87.95 ? 2   SER A CA    1 
ATOM   3    C C     . SER A 1 2   ? 14.760  8.209   10.369  1.00 88.38 ? 2   SER A C     1 
ATOM   4    O O     . SER A 1 2   ? 14.144  9.250   10.623  1.00 88.15 ? 2   SER A O     1 
ATOM   5    C CB    . SER A 1 2   ? 16.034  9.014   8.343   1.00 86.97 ? 2   SER A CB    1 
ATOM   6    O OG    . SER A 1 2   ? 15.853  10.407  8.546   1.00 85.26 ? 2   SER A OG    1 
ATOM   7    N N     . ALA A 1 3   ? 14.293  6.999   10.675  1.00 89.27 ? 3   ALA A N     1 
ATOM   8    C CA    . ALA A 1 3   ? 13.008  6.805   11.351  1.00 90.06 ? 3   ALA A CA    1 
ATOM   9    C C     . ALA A 1 3   ? 13.206  6.845   12.871  1.00 90.87 ? 3   ALA A C     1 
ATOM   10   O O     . ALA A 1 3   ? 12.271  6.610   13.647  1.00 90.30 ? 3   ALA A O     1 
ATOM   11   C CB    . ALA A 1 3   ? 12.391  5.469   10.932  1.00 89.96 ? 3   ALA A CB    1 
ATOM   12   N N     . THR A 1 4   ? 14.442  7.129   13.277  1.00 91.40 ? 4   THR A N     1 
ATOM   13   C CA    . THR A 1 4   ? 14.816  7.236   14.686  1.00 91.02 ? 4   THR A CA    1 
ATOM   14   C C     . THR A 1 4   ? 14.999  8.730   14.957  1.00 90.57 ? 4   THR A C     1 
ATOM   15   O O     . THR A 1 4   ? 14.785  9.218   16.073  1.00 90.09 ? 4   THR A O     1 
ATOM   16   C CB    . THR A 1 4   ? 16.148  6.494   14.969  1.00 90.95 ? 4   THR A CB    1 
ATOM   17   O OG1   . THR A 1 4   ? 16.018  5.116   14.594  1.00 90.21 ? 4   THR A OG1   1 
ATOM   18   C CG2   . THR A 1 4   ? 16.509  6.581   16.449  1.00 90.89 ? 4   THR A CG2   1 
ATOM   19   N N     . THR A 1 5   ? 15.402  9.443   13.907  1.00 89.82 ? 5   THR A N     1 
ATOM   20   C CA    . THR A 1 5   ? 15.602  10.883  13.965  1.00 88.50 ? 5   THR A CA    1 
ATOM   21   C C     . THR A 1 5   ? 14.247  11.464  14.344  1.00 86.72 ? 5   THR A C     1 
ATOM   22   O O     . THR A 1 5   ? 14.019  11.854  15.492  1.00 88.00 ? 5   THR A O     1 
ATOM   23   C CB    . THR A 1 5   ? 16.009  11.457  12.576  1.00 89.36 ? 5   THR A CB    1 
ATOM   24   O OG1   . THR A 1 5   ? 17.202  10.809  12.111  1.00 89.77 ? 5   THR A OG1   1 
ATOM   25   C CG2   . THR A 1 5   ? 16.245  12.966  12.662  1.00 89.79 ? 5   THR A CG2   1 
ATOM   26   N N     . THR A 1 6   ? 13.351  11.484  13.358  1.00 83.55 ? 6   THR A N     1 
ATOM   27   C CA    . THR A 1 6   ? 11.995  12.006  13.501  1.00 78.77 ? 6   THR A CA    1 
ATOM   28   C C     . THR A 1 6   ? 11.207  11.344  14.635  1.00 74.75 ? 6   THR A C     1 
ATOM   29   O O     . THR A 1 6   ? 11.233  10.123  14.796  1.00 73.31 ? 6   THR A O     1 
ATOM   30   C CB    . THR A 1 6   ? 11.224  11.842  12.169  1.00 79.28 ? 6   THR A CB    1 
ATOM   31   O OG1   . THR A 1 6   ? 11.363  10.492  11.704  1.00 79.02 ? 6   THR A OG1   1 
ATOM   32   C CG2   . THR A 1 6   ? 11.775  12.797  11.103  1.00 77.92 ? 6   THR A CG2   1 
ATOM   33   N N     . ASN A 1 7   ? 10.516  12.165  15.422  1.00 70.66 ? 7   ASN A N     1 
ATOM   34   C CA    . ASN A 1 7   ? 9.723   11.666  16.538  1.00 66.91 ? 7   ASN A CA    1 
ATOM   35   C C     . ASN A 1 7   ? 8.333   11.284  16.040  1.00 64.63 ? 7   ASN A C     1 
ATOM   36   O O     . ASN A 1 7   ? 7.961   11.586  14.904  1.00 64.25 ? 7   ASN A O     1 
ATOM   37   C CB    . ASN A 1 7   ? 9.610   12.724  17.644  1.00 66.51 ? 7   ASN A CB    1 
ATOM   38   C CG    . ASN A 1 7   ? 8.618   13.818  17.304  1.00 66.01 ? 7   ASN A CG    1 
ATOM   39   O OD1   . ASN A 1 7   ? 8.762   14.504  16.300  1.00 66.14 ? 7   ASN A OD1   1 
ATOM   40   N ND2   . ASN A 1 7   ? 7.604   13.983  18.143  1.00 66.35 ? 7   ASN A ND2   1 
ATOM   41   N N     . LEU A 1 8   ? 7.566   10.628  16.902  1.00 61.14 ? 8   LEU A N     1 
ATOM   42   C CA    . LEU A 1 8   ? 6.232   10.173  16.553  1.00 58.15 ? 8   LEU A CA    1 
ATOM   43   C C     . LEU A 1 8   ? 5.300   11.214  15.935  1.00 57.55 ? 8   LEU A C     1 
ATOM   44   O O     . LEU A 1 8   ? 4.860   11.048  14.799  1.00 57.19 ? 8   LEU A O     1 
ATOM   45   C CB    . LEU A 1 8   ? 5.567   9.550   17.779  1.00 56.65 ? 8   LEU A CB    1 
ATOM   46   C CG    . LEU A 1 8   ? 4.123   9.083   17.596  1.00 54.85 ? 8   LEU A CG    1 
ATOM   47   C CD1   . LEU A 1 8   ? 4.021   8.166   16.390  1.00 52.91 ? 8   LEU A CD1   1 
ATOM   48   C CD2   . LEU A 1 8   ? 3.657   8.385   18.861  1.00 54.13 ? 8   LEU A CD2   1 
ATOM   49   N N     . LYS A 1 9   ? 4.993   12.279  16.671  1.00 56.70 ? 9   LYS A N     1 
ATOM   50   C CA    . LYS A 1 9   ? 4.085   13.304  16.161  1.00 55.74 ? 9   LYS A CA    1 
ATOM   51   C C     . LYS A 1 9   ? 4.424   13.820  14.768  1.00 54.75 ? 9   LYS A C     1 
ATOM   52   O O     . LYS A 1 9   ? 3.533   14.037  13.949  1.00 53.83 ? 9   LYS A O     1 
ATOM   53   C CB    . LYS A 1 9   ? 4.009   14.490  17.123  1.00 57.22 ? 9   LYS A CB    1 
ATOM   54   C CG    . LYS A 1 9   ? 3.114   15.611  16.602  1.00 58.48 ? 9   LYS A CG    1 
ATOM   55   C CD    . LYS A 1 9   ? 2.800   16.633  17.677  1.00 61.00 ? 9   LYS A CD    1 
ATOM   56   C CE    . LYS A 1 9   ? 1.775   17.658  17.192  1.00 62.89 ? 9   LYS A CE    1 
ATOM   57   N NZ    . LYS A 1 9   ? 1.366   18.603  18.280  1.00 63.85 ? 9   LYS A NZ    1 
ATOM   58   N N     . GLU A 1 10  ? 5.705   14.028  14.497  1.00 54.19 ? 10  GLU A N     1 
ATOM   59   C CA    . GLU A 1 10  ? 6.108   14.519  13.189  1.00 53.96 ? 10  GLU A CA    1 
ATOM   60   C C     . GLU A 1 10  ? 5.860   13.478  12.119  1.00 51.10 ? 10  GLU A C     1 
ATOM   61   O O     . GLU A 1 10  ? 5.455   13.810  11.009  1.00 51.13 ? 10  GLU A O     1 
ATOM   62   C CB    . GLU A 1 10  ? 7.585   14.884  13.176  1.00 58.31 ? 10  GLU A CB    1 
ATOM   63   C CG    . GLU A 1 10  ? 7.959   15.998  14.115  1.00 65.57 ? 10  GLU A CG    1 
ATOM   64   C CD    . GLU A 1 10  ? 9.411   16.394  13.956  1.00 70.82 ? 10  GLU A CD    1 
ATOM   65   O OE1   . GLU A 1 10  ? 10.264  15.475  13.859  1.00 73.38 ? 10  GLU A OE1   1 
ATOM   66   O OE2   . GLU A 1 10  ? 9.694   17.616  13.930  1.00 72.61 ? 10  GLU A OE2   1 
ATOM   67   N N     . ALA A 1 11  ? 6.117   12.219  12.452  1.00 48.20 ? 11  ALA A N     1 
ATOM   68   C CA    . ALA A 1 11  ? 5.919   11.129  11.506  1.00 45.66 ? 11  ALA A CA    1 
ATOM   69   C C     . ALA A 1 11  ? 4.464   11.069  11.036  1.00 45.31 ? 11  ALA A C     1 
ATOM   70   O O     . ALA A 1 11  ? 4.192   10.777  9.870   1.00 45.81 ? 11  ALA A O     1 
ATOM   71   C CB    . ALA A 1 11  ? 6.323   9.812   12.145  1.00 43.64 ? 11  ALA A CB    1 
ATOM   72   N N     . ILE A 1 12  ? 3.539   11.362  11.947  1.00 43.97 ? 12  ILE A N     1 
ATOM   73   C CA    . ILE A 1 12  ? 2.105   11.345  11.659  1.00 42.11 ? 12  ILE A CA    1 
ATOM   74   C C     . ILE A 1 12  ? 1.687   12.511  10.768  1.00 41.19 ? 12  ILE A C     1 
ATOM   75   O O     . ILE A 1 12  ? 0.968   12.341  9.785   1.00 40.65 ? 12  ILE A O     1 
ATOM   76   C CB    . ILE A 1 12  ? 1.280   11.445  12.971  1.00 41.60 ? 12  ILE A CB    1 
ATOM   77   C CG1   . ILE A 1 12  ? 1.674   10.314  13.921  1.00 40.63 ? 12  ILE A CG1   1 
ATOM   78   C CG2   . ILE A 1 12  ? -0.218  11.413  12.660  1.00 40.11 ? 12  ILE A CG2   1 
ATOM   79   C CD1   . ILE A 1 12  ? 1.016   10.401  15.281  1.00 40.34 ? 12  ILE A CD1   1 
ATOM   80   N N     . VAL A 1 13  ? 2.155   13.695  11.139  1.00 41.11 ? 13  VAL A N     1 
ATOM   81   C CA    . VAL A 1 13  ? 1.842   14.935  10.451  1.00 40.24 ? 13  VAL A CA    1 
ATOM   82   C C     . VAL A 1 13  ? 2.575   15.177  9.134   1.00 40.40 ? 13  VAL A C     1 
ATOM   83   O O     . VAL A 1 13  ? 2.041   15.833  8.236   1.00 40.51 ? 13  VAL A O     1 
ATOM   84   C CB    . VAL A 1 13  ? 2.119   16.125  11.391  1.00 40.13 ? 13  VAL A CB    1 
ATOM   85   C CG1   . VAL A 1 13  ? 1.831   17.431  10.684  1.00 38.88 ? 13  VAL A CG1   1 
ATOM   86   C CG2   . VAL A 1 13  ? 1.268   15.992  12.652  1.00 39.80 ? 13  VAL A CG2   1 
ATOM   87   N N     . ASN A 1 14  ? 3.787   14.651  9.012   1.00 40.07 ? 14  ASN A N     1 
ATOM   88   C CA    . ASN A 1 14  ? 4.574   14.865  7.801   1.00 41.04 ? 14  ASN A CA    1 
ATOM   89   C C     . ASN A 1 14  ? 4.404   13.821  6.703   1.00 41.07 ? 14  ASN A C     1 
ATOM   90   O O     . ASN A 1 14  ? 4.876   14.005  5.578   1.00 41.73 ? 14  ASN A O     1 
ATOM   91   C CB    . ASN A 1 14  ? 6.059   15.001  8.151   1.00 41.95 ? 14  ASN A CB    1 
ATOM   92   C CG    . ASN A 1 14  ? 6.330   16.162  9.089   1.00 43.51 ? 14  ASN A CG    1 
ATOM   93   O OD1   . ASN A 1 14  ? 5.581   17.142  9.114   1.00 44.05 ? 14  ASN A OD1   1 
ATOM   94   N ND2   . ASN A 1 14  ? 7.411   16.065  9.861   1.00 43.68 ? 14  ASN A ND2   1 
ATOM   95   N N     . ARG A 1 15  ? 3.745   12.718  7.019   1.00 40.06 ? 15  ARG A N     1 
ATOM   96   C CA    . ARG A 1 15  ? 3.523   11.694  6.012   1.00 39.32 ? 15  ARG A CA    1 
ATOM   97   C C     . ARG A 1 15  ? 2.472   12.260  5.054   1.00 38.40 ? 15  ARG A C     1 
ATOM   98   O O     . ARG A 1 15  ? 1.391   12.668  5.484   1.00 38.99 ? 15  ARG A O     1 
ATOM   99   C CB    . ARG A 1 15  ? 3.043   10.401  6.693   1.00 38.84 ? 15  ARG A CB    1 
ATOM   100  C CG    . ARG A 1 15  ? 2.533   9.297   5.782   1.00 38.76 ? 15  ARG A CG    1 
ATOM   101  C CD    . ARG A 1 15  ? 1.018   9.138   5.947   1.00 39.87 ? 15  ARG A CD    1 
ATOM   102  N NE    . ARG A 1 15  ? 0.345   9.373   4.677   1.00 42.44 ? 15  ARG A NE    1 
ATOM   103  C CZ    . ARG A 1 15  ? -0.667  10.211  4.505   1.00 41.17 ? 15  ARG A CZ    1 
ATOM   104  N NH1   . ARG A 1 15  ? -1.139  10.902  5.536   1.00 38.61 ? 15  ARG A NH1   1 
ATOM   105  N NH2   . ARG A 1 15  ? -1.190  10.369  3.291   1.00 43.77 ? 15  ARG A NH2   1 
ATOM   106  N N     . ARG A 1 16  ? 2.809   12.331  3.769   1.00 37.20 ? 16  ARG A N     1 
ATOM   107  C CA    . ARG A 1 16  ? 1.882   12.839  2.765   1.00 36.12 ? 16  ARG A CA    1 
ATOM   108  C C     . ARG A 1 16  ? 1.913   11.917  1.561   1.00 37.11 ? 16  ARG A C     1 
ATOM   109  O O     . ARG A 1 16  ? 2.807   11.083  1.435   1.00 38.53 ? 16  ARG A O     1 
ATOM   110  C CB    . ARG A 1 16  ? 2.280   14.246  2.327   1.00 36.32 ? 16  ARG A CB    1 
ATOM   111  C CG    . ARG A 1 16  ? 2.256   15.294  3.437   1.00 38.15 ? 16  ARG A CG    1 
ATOM   112  C CD    . ARG A 1 16  ? 0.878   15.421  4.061   1.00 37.97 ? 16  ARG A CD    1 
ATOM   113  N NE    . ARG A 1 16  ? -0.138  15.556  3.030   1.00 39.92 ? 16  ARG A NE    1 
ATOM   114  C CZ    . ARG A 1 16  ? -0.445  16.687  2.404   1.00 40.51 ? 16  ARG A CZ    1 
ATOM   115  N NH1   . ARG A 1 16  ? 0.179   17.816  2.708   1.00 41.16 ? 16  ARG A NH1   1 
ATOM   116  N NH2   . ARG A 1 16  ? -1.363  16.677  1.446   1.00 39.69 ? 16  ARG A NH2   1 
ATOM   117  N N     . SER A 1 17  ? 0.937   12.062  0.675   1.00 37.81 ? 17  SER A N     1 
ATOM   118  C CA    . SER A 1 17  ? 0.891   11.229  -0.520  1.00 39.10 ? 17  SER A CA    1 
ATOM   119  C C     . SER A 1 17  ? 1.756   11.869  -1.609  1.00 40.46 ? 17  SER A C     1 
ATOM   120  O O     . SER A 1 17  ? 1.466   12.979  -2.070  1.00 41.38 ? 17  SER A O     1 
ATOM   121  C CB    . SER A 1 17  ? -0.555  11.082  -1.024  1.00 38.69 ? 17  SER A CB    1 
ATOM   122  O OG    . SER A 1 17  ? -1.405  10.488  -0.049  1.00 39.02 ? 17  SER A OG    1 
ATOM   123  N N     . ILE A 1 18  ? 2.832   11.185  -1.992  1.00 40.52 ? 18  ILE A N     1 
ATOM   124  C CA    . ILE A 1 18  ? 3.718   11.677  -3.049  1.00 40.56 ? 18  ILE A CA    1 
ATOM   125  C C     . ILE A 1 18  ? 3.505   10.736  -4.228  1.00 41.25 ? 18  ILE A C     1 
ATOM   126  O O     . ILE A 1 18  ? 4.023   9.618   -4.243  1.00 40.91 ? 18  ILE A O     1 
ATOM   127  C CB    . ILE A 1 18  ? 5.199   11.642  -2.615  1.00 40.25 ? 18  ILE A CB    1 
ATOM   128  C CG1   . ILE A 1 18  ? 5.403   12.545  -1.392  1.00 39.36 ? 18  ILE A CG1   1 
ATOM   129  C CG2   . ILE A 1 18  ? 6.093   12.088  -3.771  1.00 39.69 ? 18  ILE A CG2   1 
ATOM   130  C CD1   . ILE A 1 18  ? 4.999   13.991  -1.613  1.00 35.13 ? 18  ILE A CD1   1 
ATOM   131  N N     . ARG A 1 19  ? 2.736   11.202  -5.210  1.00 42.07 ? 19  ARG A N     1 
ATOM   132  C CA    . ARG A 1 19  ? 2.384   10.397  -6.374  1.00 42.60 ? 19  ARG A CA    1 
ATOM   133  C C     . ARG A 1 19  ? 3.382   10.342  -7.535  1.00 42.89 ? 19  ARG A C     1 
ATOM   134  O O     . ARG A 1 19  ? 3.176   9.605   -8.498  1.00 41.51 ? 19  ARG A O     1 
ATOM   135  C CB    . ARG A 1 19  ? 0.996   10.822  -6.865  1.00 43.22 ? 19  ARG A CB    1 
ATOM   136  C CG    . ARG A 1 19  ? -0.095  10.613  -5.810  1.00 43.26 ? 19  ARG A CG    1 
ATOM   137  C CD    . ARG A 1 19  ? -1.481  10.973  -6.325  1.00 43.23 ? 19  ARG A CD    1 
ATOM   138  N NE    . ARG A 1 19  ? -2.540  10.641  -5.365  1.00 43.39 ? 19  ARG A NE    1 
ATOM   139  C CZ    . ARG A 1 19  ? -2.752  11.270  -4.209  1.00 40.69 ? 19  ARG A CZ    1 
ATOM   140  N NH1   . ARG A 1 19  ? -1.979  12.280  -3.845  1.00 40.42 ? 19  ARG A NH1   1 
ATOM   141  N NH2   . ARG A 1 19  ? -3.748  10.895  -3.415  1.00 39.97 ? 19  ARG A NH2   1 
ATOM   142  N N     . LYS A 1 20  ? 4.455   11.122  -7.451  1.00 43.82 ? 20  LYS A N     1 
ATOM   143  C CA    . LYS A 1 20  ? 5.491   11.097  -8.480  1.00 44.69 ? 20  LYS A CA    1 
ATOM   144  C C     . LYS A 1 20  ? 6.797   10.854  -7.755  1.00 45.29 ? 20  LYS A C     1 
ATOM   145  O O     . LYS A 1 20  ? 7.219   11.675  -6.941  1.00 46.08 ? 20  LYS A O     1 
ATOM   146  C CB    . LYS A 1 20  ? 5.574   12.421  -9.234  1.00 44.90 ? 20  LYS A CB    1 
ATOM   147  C CG    . LYS A 1 20  ? 4.366   12.719  -10.072 1.00 47.30 ? 20  LYS A CG    1 
ATOM   148  C CD    . LYS A 1 20  ? 4.518   14.029  -10.815 1.00 49.67 ? 20  LYS A CD    1 
ATOM   149  C CE    . LYS A 1 20  ? 3.219   14.386  -11.528 1.00 52.23 ? 20  LYS A CE    1 
ATOM   150  N NZ    . LYS A 1 20  ? 3.321   15.640  -12.326 1.00 54.40 ? 20  LYS A NZ    1 
ATOM   151  N N     . VAL A 1 21  ? 7.419   9.711   -8.027  1.00 45.37 ? 21  VAL A N     1 
ATOM   152  C CA    . VAL A 1 21  ? 8.687   9.363   -7.400  1.00 45.24 ? 21  VAL A CA    1 
ATOM   153  C C     . VAL A 1 21  ? 9.693   8.859   -8.438  1.00 47.28 ? 21  VAL A C     1 
ATOM   154  O O     . VAL A 1 21  ? 9.325   8.185   -9.401  1.00 48.20 ? 21  VAL A O     1 
ATOM   155  C CB    . VAL A 1 21  ? 8.488   8.287   -6.303  1.00 42.64 ? 21  VAL A CB    1 
ATOM   156  C CG1   . VAL A 1 21  ? 7.753   8.886   -5.116  1.00 39.57 ? 21  VAL A CG1   1 
ATOM   157  C CG2   . VAL A 1 21  ? 7.714   7.111   -6.865  1.00 40.64 ? 21  VAL A CG2   1 
ATOM   158  N N     . THR A 1 22  ? 10.962  9.205   -8.249  1.00 48.64 ? 22  THR A N     1 
ATOM   159  C CA    . THR A 1 22  ? 12.011  8.779   -9.168  1.00 50.83 ? 22  THR A CA    1 
ATOM   160  C C     . THR A 1 22  ? 12.859  7.700   -8.515  1.00 52.74 ? 22  THR A C     1 
ATOM   161  O O     . THR A 1 22  ? 12.485  7.142   -7.483  1.00 52.62 ? 22  THR A O     1 
ATOM   162  C CB    . THR A 1 22  ? 12.932  9.951   -9.572  1.00 50.23 ? 22  THR A CB    1 
ATOM   163  O OG1   . THR A 1 22  ? 13.540  10.516  -8.403  1.00 50.66 ? 22  THR A OG1   1 
ATOM   164  C CG2   . THR A 1 22  ? 12.138  11.023  -10.287 1.00 50.29 ? 22  THR A CG2   1 
ATOM   165  N N     . LYS A 1 23  ? 14.007  7.411   -9.115  1.00 54.84 ? 23  LYS A N     1 
ATOM   166  C CA    . LYS A 1 23  ? 14.890  6.389   -8.575  1.00 56.21 ? 23  LYS A CA    1 
ATOM   167  C C     . LYS A 1 23  ? 16.034  6.965   -7.747  1.00 56.54 ? 23  LYS A C     1 
ATOM   168  O O     . LYS A 1 23  ? 16.347  8.160   -7.814  1.00 56.00 ? 23  LYS A O     1 
ATOM   169  C CB    . LYS A 1 23  ? 15.432  5.516   -9.711  1.00 56.83 ? 23  LYS A CB    1 
ATOM   170  C CG    . LYS A 1 23  ? 14.360  4.653   -10.367 1.00 59.83 ? 23  LYS A CG    1 
ATOM   171  C CD    . LYS A 1 23  ? 14.919  3.768   -11.467 1.00 61.78 ? 23  LYS A CD    1 
ATOM   172  C CE    . LYS A 1 23  ? 13.938  2.644   -11.839 1.00 65.68 ? 23  LYS A CE    1 
ATOM   173  N NZ    . LYS A 1 23  ? 12.631  3.118   -12.406 1.00 66.73 ? 23  LYS A NZ    1 
ATOM   174  N N     . ASN A 1 24  ? 16.636  6.095   -6.947  1.00 57.22 ? 24  ASN A N     1 
ATOM   175  C CA    . ASN A 1 24  ? 17.747  6.454   -6.081  1.00 58.33 ? 24  ASN A CA    1 
ATOM   176  C C     . ASN A 1 24  ? 18.372  5.149   -5.605  1.00 59.89 ? 24  ASN A C     1 
ATOM   177  O O     . ASN A 1 24  ? 17.667  4.262   -5.124  1.00 60.36 ? 24  ASN A O     1 
ATOM   178  C CB    . ASN A 1 24  ? 17.249  7.251   -4.882  1.00 57.63 ? 24  ASN A CB    1 
ATOM   179  C CG    . ASN A 1 24  ? 18.377  7.725   -3.998  1.00 57.92 ? 24  ASN A CG    1 
ATOM   180  O OD1   . ASN A 1 24  ? 19.328  6.990   -3.745  1.00 57.08 ? 24  ASN A OD1   1 
ATOM   181  N ND2   . ASN A 1 24  ? 18.277  8.955   -3.516  1.00 58.03 ? 24  ASN A ND2   1 
ATOM   182  N N     . ASP A 1 25  ? 19.689  5.027   -5.740  1.00 61.34 ? 25  ASP A N     1 
ATOM   183  C CA    . ASP A 1 25  ? 20.374  3.804   -5.332  1.00 62.28 ? 25  ASP A CA    1 
ATOM   184  C C     . ASP A 1 25  ? 20.551  3.660   -3.824  1.00 61.26 ? 25  ASP A C     1 
ATOM   185  O O     . ASP A 1 25  ? 20.948  2.599   -3.342  1.00 59.69 ? 25  ASP A O     1 
ATOM   186  C CB    . ASP A 1 25  ? 21.732  3.703   -6.030  1.00 66.72 ? 25  ASP A CB    1 
ATOM   187  C CG    . ASP A 1 25  ? 21.611  3.251   -7.485  1.00 70.29 ? 25  ASP A CG    1 
ATOM   188  O OD1   . ASP A 1 25  ? 21.054  2.152   -7.730  1.00 71.85 ? 25  ASP A OD1   1 
ATOM   189  O OD2   . ASP A 1 25  ? 22.075  3.989   -8.383  1.00 72.67 ? 25  ASP A OD2   1 
ATOM   190  N N     . ALA A 1 26  ? 20.251  4.727   -3.085  1.00 60.37 ? 26  ALA A N     1 
ATOM   191  C CA    . ALA A 1 26  ? 20.356  4.718   -1.624  1.00 59.26 ? 26  ALA A CA    1 
ATOM   192  C C     . ALA A 1 26  ? 19.196  3.908   -1.042  1.00 58.59 ? 26  ALA A C     1 
ATOM   193  O O     . ALA A 1 26  ? 19.313  3.302   0.028   1.00 58.92 ? 26  ALA A O     1 
ATOM   194  C CB    . ALA A 1 26  ? 20.321  6.149   -1.081  1.00 57.69 ? 26  ALA A CB    1 
ATOM   195  N N     . ILE A 1 27  ? 18.079  3.912   -1.765  1.00 56.70 ? 27  ILE A N     1 
ATOM   196  C CA    . ILE A 1 27  ? 16.880  3.184   -1.371  1.00 53.50 ? 27  ILE A CA    1 
ATOM   197  C C     . ILE A 1 27  ? 17.080  1.735   -1.805  1.00 52.20 ? 27  ILE A C     1 
ATOM   198  O O     . ILE A 1 27  ? 16.798  1.373   -2.947  1.00 50.54 ? 27  ILE A O     1 
ATOM   199  C CB    . ILE A 1 27  ? 15.638  3.796   -2.059  1.00 53.03 ? 27  ILE A CB    1 
ATOM   200  C CG1   . ILE A 1 27  ? 15.524  5.277   -1.676  1.00 50.53 ? 27  ILE A CG1   1 
ATOM   201  C CG2   . ILE A 1 27  ? 14.381  3.036   -1.657  1.00 52.50 ? 27  ILE A CG2   1 
ATOM   202  C CD1   . ILE A 1 27  ? 14.495  6.052   -2.467  1.00 49.88 ? 27  ILE A CD1   1 
ATOM   203  N N     . THR A 1 28  ? 17.571  0.917   -0.875  1.00 51.99 ? 28  THR A N     1 
ATOM   204  C CA    . THR A 1 28  ? 17.873  -0.491  -1.131  1.00 52.75 ? 28  THR A CA    1 
ATOM   205  C C     . THR A 1 28  ? 16.923  -1.506  -0.509  1.00 53.33 ? 28  THR A C     1 
ATOM   206  O O     . THR A 1 28  ? 16.259  -1.231  0.492   1.00 54.28 ? 28  THR A O     1 
ATOM   207  C CB    . THR A 1 28  ? 19.288  -0.854  -0.624  1.00 53.26 ? 28  THR A CB    1 
ATOM   208  O OG1   . THR A 1 28  ? 19.324  -0.762  0.809   1.00 53.70 ? 28  THR A OG1   1 
ATOM   209  C CG2   . THR A 1 28  ? 20.328  0.094   -1.212  1.00 53.40 ? 28  THR A CG2   1 
ATOM   210  N N     . LYS A 1 29  ? 16.897  -2.696  -1.104  1.00 53.36 ? 29  LYS A N     1 
ATOM   211  C CA    . LYS A 1 29  ? 16.071  -3.796  -0.631  1.00 53.67 ? 29  LYS A CA    1 
ATOM   212  C C     . LYS A 1 29  ? 16.251  -4.000  0.873   1.00 55.34 ? 29  LYS A C     1 
ATOM   213  O O     . LYS A 1 29  ? 15.314  -4.378  1.573   1.00 56.91 ? 29  LYS A O     1 
ATOM   214  C CB    . LYS A 1 29  ? 16.444  -5.084  -1.370  1.00 51.11 ? 29  LYS A CB    1 
ATOM   215  C CG    . LYS A 1 29  ? 15.886  -6.337  -0.732  1.00 51.36 ? 29  LYS A CG    1 
ATOM   216  C CD    . LYS A 1 29  ? 16.304  -7.595  -1.470  1.00 51.67 ? 29  LYS A CD    1 
ATOM   217  C CE    . LYS A 1 29  ? 15.784  -8.832  -0.742  1.00 53.88 ? 29  LYS A CE    1 
ATOM   218  N NZ    . LYS A 1 29  ? 16.106  -10.118 -1.432  1.00 55.44 ? 29  LYS A NZ    1 
ATOM   219  N N     . GLU A 1 30  ? 17.463  -3.746  1.360   1.00 57.09 ? 30  GLU A N     1 
ATOM   220  C CA    . GLU A 1 30  ? 17.786  -3.905  2.774   1.00 57.44 ? 30  GLU A CA    1 
ATOM   221  C C     . GLU A 1 30  ? 17.046  -2.877  3.610   1.00 55.33 ? 30  GLU A C     1 
ATOM   222  O O     . GLU A 1 30  ? 16.419  -3.222  4.609   1.00 54.01 ? 30  GLU A O     1 
ATOM   223  C CB    . GLU A 1 30  ? 19.301  -3.767  2.986   1.00 62.16 ? 30  GLU A CB    1 
ATOM   224  C CG    . GLU A 1 30  ? 19.775  -3.842  4.445   1.00 68.69 ? 30  GLU A CG    1 
ATOM   225  C CD    . GLU A 1 30  ? 20.403  -2.529  4.941   1.00 72.87 ? 30  GLU A CD    1 
ATOM   226  O OE1   . GLU A 1 30  ? 21.307  -1.996  4.252   1.00 74.77 ? 30  GLU A OE1   1 
ATOM   227  O OE2   . GLU A 1 30  ? 19.997  -2.031  6.019   1.00 73.60 ? 30  GLU A OE2   1 
ATOM   228  N N     . ARG A 1 31  ? 17.120  -1.614  3.201   1.00 54.13 ? 31  ARG A N     1 
ATOM   229  C CA    . ARG A 1 31  ? 16.445  -0.554  3.935   1.00 54.45 ? 31  ARG A CA    1 
ATOM   230  C C     . ARG A 1 31  ? 14.945  -0.814  3.956   1.00 54.07 ? 31  ARG A C     1 
ATOM   231  O O     . ARG A 1 31  ? 14.290  -0.625  4.980   1.00 56.00 ? 31  ARG A O     1 
ATOM   232  C CB    . ARG A 1 31  ? 16.737  0.818   3.314   1.00 53.88 ? 31  ARG A CB    1 
ATOM   233  C CG    . ARG A 1 31  ? 18.113  1.378   3.651   1.00 55.56 ? 31  ARG A CG    1 
ATOM   234  C CD    . ARG A 1 31  ? 18.363  2.710   2.952   1.00 58.22 ? 31  ARG A CD    1 
ATOM   235  N NE    . ARG A 1 31  ? 17.536  3.801   3.473   1.00 60.01 ? 31  ARG A NE    1 
ATOM   236  C CZ    . ARG A 1 31  ? 17.290  4.939   2.820   1.00 59.44 ? 31  ARG A CZ    1 
ATOM   237  N NH1   . ARG A 1 31  ? 17.801  5.148   1.613   1.00 59.15 ? 31  ARG A NH1   1 
ATOM   238  N NH2   . ARG A 1 31  ? 16.534  5.876   3.374   1.00 59.53 ? 31  ARG A NH2   1 
ATOM   239  N N     . ILE A 1 32  ? 14.404  -1.251  2.823   1.00 52.55 ? 32  ILE A N     1 
ATOM   240  C CA    . ILE A 1 32  ? 12.981  -1.547  2.726   1.00 52.05 ? 32  ILE A CA    1 
ATOM   241  C C     . ILE A 1 32  ? 12.653  -2.663  3.706   1.00 52.47 ? 32  ILE A C     1 
ATOM   242  O O     . ILE A 1 32  ? 11.651  -2.616  4.419   1.00 51.40 ? 32  ILE A O     1 
ATOM   243  C CB    . ILE A 1 32  ? 12.612  -2.005  1.303   1.00 51.82 ? 32  ILE A CB    1 
ATOM   244  C CG1   . ILE A 1 32  ? 12.755  -0.831  0.332   1.00 50.69 ? 32  ILE A CG1   1 
ATOM   245  C CG2   . ILE A 1 32  ? 11.213  -2.592  1.286   1.00 51.63 ? 32  ILE A CG2   1 
ATOM   246  C CD1   . ILE A 1 32  ? 11.994  0.408   0.741   1.00 49.16 ? 32  ILE A CD1   1 
ATOM   247  N N     . GLU A 1 33  ? 13.523  -3.664  3.724   1.00 53.76 ? 33  GLU A N     1 
ATOM   248  C CA    . GLU A 1 33  ? 13.392  -4.815  4.601   1.00 54.94 ? 33  GLU A CA    1 
ATOM   249  C C     . GLU A 1 33  ? 13.172  -4.363  6.046   1.00 53.95 ? 33  GLU A C     1 
ATOM   250  O O     . GLU A 1 33  ? 12.251  -4.826  6.720   1.00 53.06 ? 33  GLU A O     1 
ATOM   251  C CB    . GLU A 1 33  ? 14.664  -5.654  4.521   1.00 58.22 ? 33  GLU A CB    1 
ATOM   252  C CG    . GLU A 1 33  ? 14.505  -7.084  4.971   1.00 64.62 ? 33  GLU A CG    1 
ATOM   253  C CD    . GLU A 1 33  ? 14.194  -8.014  3.817   1.00 69.19 ? 33  GLU A CD    1 
ATOM   254  O OE1   . GLU A 1 33  ? 15.030  -8.095  2.881   1.00 71.19 ? 33  GLU A OE1   1 
ATOM   255  O OE2   . GLU A 1 33  ? 13.121  -8.662  3.845   1.00 70.80 ? 33  GLU A OE2   1 
ATOM   256  N N     . GLU A 1 34  ? 14.025  -3.461  6.522   1.00 52.96 ? 34  GLU A N     1 
ATOM   257  C CA    . GLU A 1 34  ? 13.901  -2.969  7.886   1.00 54.34 ? 34  GLU A CA    1 
ATOM   258  C C     . GLU A 1 34  ? 12.538  -2.342  8.134   1.00 51.61 ? 34  GLU A C     1 
ATOM   259  O O     . GLU A 1 34  ? 11.884  -2.640  9.136   1.00 51.75 ? 34  GLU A O     1 
ATOM   260  C CB    . GLU A 1 34  ? 14.997  -1.945  8.202   1.00 58.82 ? 34  GLU A CB    1 
ATOM   261  C CG    . GLU A 1 34  ? 16.230  -2.540  8.869   1.00 67.09 ? 34  GLU A CG    1 
ATOM   262  C CD    . GLU A 1 34  ? 17.460  -2.537  7.966   1.00 72.26 ? 34  GLU A CD    1 
ATOM   263  O OE1   . GLU A 1 34  ? 17.923  -1.428  7.595   1.00 72.56 ? 34  GLU A OE1   1 
ATOM   264  O OE2   . GLU A 1 34  ? 17.961  -3.642  7.632   1.00 74.82 ? 34  GLU A OE2   1 
ATOM   265  N N     . VAL A 1 35  ? 12.113  -1.478  7.220   1.00 48.80 ? 35  VAL A N     1 
ATOM   266  C CA    . VAL A 1 35  ? 10.825  -0.809  7.348   1.00 46.17 ? 35  VAL A CA    1 
ATOM   267  C C     . VAL A 1 35  ? 9.677   -1.796  7.522   1.00 45.63 ? 35  VAL A C     1 
ATOM   268  O O     . VAL A 1 35  ? 8.834   -1.628  8.395   1.00 45.32 ? 35  VAL A O     1 
ATOM   269  C CB    . VAL A 1 35  ? 10.532  0.060   6.125   1.00 44.32 ? 35  VAL A CB    1 
ATOM   270  C CG1   . VAL A 1 35  ? 9.163   0.711   6.270   1.00 42.49 ? 35  VAL A CG1   1 
ATOM   271  C CG2   . VAL A 1 35  ? 11.614  1.104   5.976   1.00 43.11 ? 35  VAL A CG2   1 
ATOM   272  N N     . LEU A 1 36  ? 9.646   -2.826  6.685   1.00 45.12 ? 36  LEU A N     1 
ATOM   273  C CA    . LEU A 1 36  ? 8.591   -3.819  6.766   1.00 45.32 ? 36  LEU A CA    1 
ATOM   274  C C     . LEU A 1 36  ? 8.640   -4.644  8.038   1.00 47.75 ? 36  LEU A C     1 
ATOM   275  O O     . LEU A 1 36  ? 7.592   -5.063  8.542   1.00 48.36 ? 36  LEU A O     1 
ATOM   276  C CB    . LEU A 1 36  ? 8.642   -4.745  5.556   1.00 43.32 ? 36  LEU A CB    1 
ATOM   277  C CG    . LEU A 1 36  ? 7.817   -4.282  4.358   1.00 42.90 ? 36  LEU A CG    1 
ATOM   278  C CD1   . LEU A 1 36  ? 8.120   -2.834  4.050   1.00 41.14 ? 36  LEU A CD1   1 
ATOM   279  C CD2   . LEU A 1 36  ? 8.116   -5.175  3.167   1.00 42.63 ? 36  LEU A CD2   1 
ATOM   280  N N     . LYS A 1 37  ? 9.844   -4.882  8.562   1.00 48.56 ? 37  LYS A N     1 
ATOM   281  C CA    . LYS A 1 37  ? 9.973   -5.674  9.780   1.00 48.26 ? 37  LYS A CA    1 
ATOM   282  C C     . LYS A 1 37  ? 9.444   -4.887  10.973  1.00 46.20 ? 37  LYS A C     1 
ATOM   283  O O     . LYS A 1 37  ? 8.879   -5.455  11.907  1.00 45.83 ? 37  LYS A O     1 
ATOM   284  C CB    . LYS A 1 37  ? 11.428  -6.100  10.009  1.00 50.75 ? 37  LYS A CB    1 
ATOM   285  C CG    . LYS A 1 37  ? 11.577  -7.079  11.183  1.00 57.16 ? 37  LYS A CG    1 
ATOM   286  C CD    . LYS A 1 37  ? 12.948  -7.770  11.243  1.00 60.78 ? 37  LYS A CD    1 
ATOM   287  C CE    . LYS A 1 37  ? 13.115  -8.854  10.172  1.00 63.18 ? 37  LYS A CE    1 
ATOM   288  N NZ    . LYS A 1 37  ? 13.130  -8.318  8.772   1.00 65.13 ? 37  LYS A NZ    1 
ATOM   289  N N     . THR A 1 38  ? 9.612   -3.572  10.930  1.00 44.28 ? 38  THR A N     1 
ATOM   290  C CA    . THR A 1 38  ? 9.124   -2.720  12.001  1.00 43.12 ? 38  THR A CA    1 
ATOM   291  C C     . THR A 1 38  ? 7.605   -2.597  11.884  1.00 43.06 ? 38  THR A C     1 
ATOM   292  O O     . THR A 1 38  ? 6.882   -2.727  12.874  1.00 44.68 ? 38  THR A O     1 
ATOM   293  C CB    . THR A 1 38  ? 9.743   -1.310  11.915  1.00 43.01 ? 38  THR A CB    1 
ATOM   294  O OG1   . THR A 1 38  ? 11.167  -1.407  12.026  1.00 43.23 ? 38  THR A OG1   1 
ATOM   295  C CG2   . THR A 1 38  ? 9.208   -0.422  13.032  1.00 41.82 ? 38  THR A CG2   1 
ATOM   296  N N     . ALA A 1 39  ? 7.134   -2.354  10.661  1.00 41.38 ? 39  ALA A N     1 
ATOM   297  C CA    . ALA A 1 39  ? 5.711   -2.194  10.374  1.00 38.76 ? 39  ALA A CA    1 
ATOM   298  C C     . ALA A 1 39  ? 4.892   -3.404  10.803  1.00 38.18 ? 39  ALA A C     1 
ATOM   299  O O     . ALA A 1 39  ? 3.723   -3.265  11.162  1.00 37.35 ? 39  ALA A O     1 
ATOM   300  C CB    . ALA A 1 39  ? 5.507   -1.929  8.886   1.00 37.40 ? 39  ALA A CB    1 
ATOM   301  N N     . LEU A 1 40  ? 5.498   -4.587  10.769  1.00 36.72 ? 40  LEU A N     1 
ATOM   302  C CA    . LEU A 1 40  ? 4.787   -5.792  11.163  1.00 36.45 ? 40  LEU A CA    1 
ATOM   303  C C     . LEU A 1 40  ? 4.458   -5.824  12.648  1.00 37.17 ? 40  LEU A C     1 
ATOM   304  O O     . LEU A 1 40  ? 3.896   -6.801  13.147  1.00 38.12 ? 40  LEU A O     1 
ATOM   305  C CB    . LEU A 1 40  ? 5.568   -7.041  10.750  1.00 35.66 ? 40  LEU A CB    1 
ATOM   306  C CG    . LEU A 1 40  ? 5.386   -7.333  9.251   1.00 37.37 ? 40  LEU A CG    1 
ATOM   307  C CD1   . LEU A 1 40  ? 6.418   -8.338  8.761   1.00 36.92 ? 40  LEU A CD1   1 
ATOM   308  C CD2   . LEU A 1 40  ? 3.968   -7.840  9.010   1.00 36.34 ? 40  LEU A CD2   1 
ATOM   309  N N     . HIS A 1 41  ? 4.804   -4.758  13.361  1.00 36.72 ? 41  HIS A N     1 
ATOM   310  C CA    . HIS A 1 41  ? 4.464   -4.691  14.774  1.00 36.70 ? 41  HIS A CA    1 
ATOM   311  C C     . HIS A 1 41  ? 3.061   -4.120  14.920  1.00 36.13 ? 41  HIS A C     1 
ATOM   312  O O     . HIS A 1 41  ? 2.525   -4.051  16.023  1.00 36.52 ? 41  HIS A O     1 
ATOM   313  C CB    . HIS A 1 41  ? 5.461   -3.836  15.552  1.00 37.75 ? 41  HIS A CB    1 
ATOM   314  C CG    . HIS A 1 41  ? 6.657   -4.601  16.018  1.00 39.24 ? 41  HIS A CG    1 
ATOM   315  N ND1   . HIS A 1 41  ? 7.690   -4.952  15.177  1.00 40.71 ? 41  HIS A ND1   1 
ATOM   316  C CD2   . HIS A 1 41  ? 6.961   -5.125  17.228  1.00 40.62 ? 41  HIS A CD2   1 
ATOM   317  C CE1   . HIS A 1 41  ? 8.582   -5.660  15.848  1.00 39.54 ? 41  HIS A CE1   1 
ATOM   318  N NE2   . HIS A 1 41  ? 8.163   -5.779  17.095  1.00 40.51 ? 41  HIS A NE2   1 
ATOM   319  N N     . ALA A 1 42  ? 2.476   -3.695  13.802  1.00 35.17 ? 42  ALA A N     1 
ATOM   320  C CA    . ALA A 1 42  ? 1.114   -3.177  13.813  1.00 34.44 ? 42  ALA A CA    1 
ATOM   321  C C     . ALA A 1 42  ? 0.283   -4.384  14.240  1.00 33.52 ? 42  ALA A C     1 
ATOM   322  O O     . ALA A 1 42  ? 0.600   -5.515  13.885  1.00 33.49 ? 42  ALA A O     1 
ATOM   323  C CB    . ALA A 1 42  ? 0.711   -2.713  12.421  1.00 33.53 ? 42  ALA A CB    1 
ATOM   324  N N     . PRO A 1 43  ? -0.788  -4.163  15.011  1.00 32.56 ? 43  PRO A N     1 
ATOM   325  C CA    . PRO A 1 43  ? -1.633  -5.269  15.475  1.00 31.88 ? 43  PRO A CA    1 
ATOM   326  C C     . PRO A 1 43  ? -2.665  -5.824  14.491  1.00 32.81 ? 43  PRO A C     1 
ATOM   327  O O     . PRO A 1 43  ? -3.050  -5.161  13.527  1.00 32.20 ? 43  PRO A O     1 
ATOM   328  C CB    . PRO A 1 43  ? -2.296  -4.677  16.704  1.00 32.13 ? 43  PRO A CB    1 
ATOM   329  C CG    . PRO A 1 43  ? -2.522  -3.255  16.271  1.00 29.78 ? 43  PRO A CG    1 
ATOM   330  C CD    . PRO A 1 43  ? -1.217  -2.884  15.605  1.00 30.03 ? 43  PRO A CD    1 
ATOM   331  N N     . THR A 1 44  ? -3.099  -7.057  14.754  1.00 32.79 ? 44  THR A N     1 
ATOM   332  C CA    . THR A 1 44  ? -4.116  -7.738  13.951  1.00 32.61 ? 44  THR A CA    1 
ATOM   333  C C     . THR A 1 44  ? -5.127  -8.366  14.920  1.00 32.29 ? 44  THR A C     1 
ATOM   334  O O     . THR A 1 44  ? -4.769  -8.728  16.039  1.00 31.00 ? 44  THR A O     1 
ATOM   335  C CB    . THR A 1 44  ? -3.503  -8.846  13.015  1.00 33.16 ? 44  THR A CB    1 
ATOM   336  O OG1   . THR A 1 44  ? -2.507  -9.603  13.720  1.00 34.63 ? 44  THR A OG1   1 
ATOM   337  C CG2   . THR A 1 44  ? -2.881  -8.221  11.777  1.00 32.06 ? 44  THR A CG2   1 
ATOM   338  N N     . SER A 1 45  ? -6.387  -8.476  14.504  1.00 32.68 ? 45  SER A N     1 
ATOM   339  C CA    . SER A 1 45  ? -7.420  -9.059  15.362  1.00 34.33 ? 45  SER A CA    1 
ATOM   340  C C     . SER A 1 45  ? -7.043  -10.490 15.728  1.00 35.67 ? 45  SER A C     1 
ATOM   341  O O     . SER A 1 45  ? -6.723  -11.294 14.848  1.00 36.78 ? 45  SER A O     1 
ATOM   342  C CB    . SER A 1 45  ? -8.769  -9.044  14.651  1.00 33.16 ? 45  SER A CB    1 
ATOM   343  O OG    . SER A 1 45  ? -8.708  -9.799  13.461  1.00 37.40 ? 45  SER A OG    1 
ATOM   344  N N     . PHE A 1 46  ? -7.090  -10.811 17.021  1.00 35.84 ? 46  PHE A N     1 
ATOM   345  C CA    . PHE A 1 46  ? -6.712  -12.141 17.494  1.00 35.96 ? 46  PHE A CA    1 
ATOM   346  C C     . PHE A 1 46  ? -5.294  -12.459 17.039  1.00 35.82 ? 46  PHE A C     1 
ATOM   347  O O     . PHE A 1 46  ? -4.903  -13.622 16.959  1.00 34.57 ? 46  PHE A O     1 
ATOM   348  C CB    . PHE A 1 46  ? -7.654  -13.213 16.952  1.00 38.07 ? 46  PHE A CB    1 
ATOM   349  C CG    . PHE A 1 46  ? -8.999  -13.230 17.614  1.00 42.13 ? 46  PHE A CG    1 
ATOM   350  C CD1   . PHE A 1 46  ? -9.979  -12.305 17.260  1.00 43.59 ? 46  PHE A CD1   1 
ATOM   351  C CD2   . PHE A 1 46  ? -9.289  -14.168 18.600  1.00 42.33 ? 46  PHE A CD2   1 
ATOM   352  C CE1   . PHE A 1 46  ? -11.227 -12.316 17.878  1.00 44.16 ? 46  PHE A CE1   1 
ATOM   353  C CE2   . PHE A 1 46  ? -10.534 -14.189 19.224  1.00 42.48 ? 46  PHE A CE2   1 
ATOM   354  C CZ    . PHE A 1 46  ? -11.505 -13.260 18.862  1.00 43.70 ? 46  PHE A CZ    1 
ATOM   355  N N     . ASN A 1 47  ? -4.532  -11.418 16.723  1.00 35.15 ? 47  ASN A N     1 
ATOM   356  C CA    . ASN A 1 47  ? -3.167  -11.599 16.272  1.00 35.10 ? 47  ASN A CA    1 
ATOM   357  C C     . ASN A 1 47  ? -3.129  -12.607 15.126  1.00 34.15 ? 47  ASN A C     1 
ATOM   358  O O     . ASN A 1 47  ? -2.158  -13.343 14.975  1.00 34.30 ? 47  ASN A O     1 
ATOM   359  C CB    . ASN A 1 47  ? -2.317  -12.092 17.443  1.00 37.87 ? 47  ASN A CB    1 
ATOM   360  C CG    . ASN A 1 47  ? -0.835  -12.065 17.146  1.00 38.68 ? 47  ASN A CG    1 
ATOM   361  O OD1   . ASN A 1 47  ? -0.312  -11.079 16.620  1.00 38.87 ? 47  ASN A OD1   1 
ATOM   362  N ND2   . ASN A 1 47  ? -0.144  -13.145 17.500  1.00 38.44 ? 47  ASN A ND2   1 
ATOM   363  N N     . MET A 1 48  ? -4.188  -12.637 14.317  1.00 33.69 ? 48  MET A N     1 
ATOM   364  C CA    . MET A 1 48  ? -4.261  -13.569 13.194  1.00 31.34 ? 48  MET A CA    1 
ATOM   365  C C     . MET A 1 48  ? -3.228  -13.263 12.114  1.00 31.32 ? 48  MET A C     1 
ATOM   366  O O     . MET A 1 48  ? -2.916  -14.125 11.292  1.00 31.26 ? 48  MET A O     1 
ATOM   367  C CB    . MET A 1 48  ? -5.688  -13.614 12.596  1.00 30.17 ? 48  MET A CB    1 
ATOM   368  C CG    . MET A 1 48  ? -6.292  -12.294 12.062  1.00 28.45 ? 48  MET A CG    1 
ATOM   369  S SD    . MET A 1 48  ? -7.992  -12.540 11.404  1.00 21.67 ? 48  MET A SD    1 
ATOM   370  C CE    . MET A 1 48  ? -8.161  -11.155 10.356  1.00 24.60 ? 48  MET A CE    1 
ATOM   371  N N     . GLN A 1 49  ? -2.692  -12.045 12.126  1.00 31.20 ? 49  GLN A N     1 
ATOM   372  C CA    . GLN A 1 49  ? -1.672  -11.640 11.160  1.00 32.72 ? 49  GLN A CA    1 
ATOM   373  C C     . GLN A 1 49  ? -1.945  -12.131 9.734   1.00 33.15 ? 49  GLN A C     1 
ATOM   374  O O     . GLN A 1 49  ? -1.067  -12.744 9.117   1.00 33.35 ? 49  GLN A O     1 
ATOM   375  C CB    . GLN A 1 49  ? -0.309  -12.189 11.587  1.00 33.37 ? 49  GLN A CB    1 
ATOM   376  C CG    . GLN A 1 49  ? 0.031   -12.003 13.054  1.00 33.63 ? 49  GLN A CG    1 
ATOM   377  C CD    . GLN A 1 49  ? 1.262   -12.798 13.449  1.00 33.04 ? 49  GLN A CD    1 
ATOM   378  O OE1   . GLN A 1 49  ? 2.353   -12.585 12.915  1.00 33.48 ? 49  GLN A OE1   1 
ATOM   379  N NE2   . GLN A 1 49  ? 1.090   -13.726 14.381  1.00 29.92 ? 49  GLN A NE2   1 
ATOM   380  N N     . SER A 1 50  ? -3.137  -11.864 9.202   1.00 32.82 ? 50  SER A N     1 
ATOM   381  C CA    . SER A 1 50  ? -3.484  -12.318 7.854   1.00 31.53 ? 50  SER A CA    1 
ATOM   382  C C     . SER A 1 50  ? -2.859  -11.497 6.727   1.00 30.53 ? 50  SER A C     1 
ATOM   383  O O     . SER A 1 50  ? -2.952  -11.864 5.557   1.00 29.84 ? 50  SER A O     1 
ATOM   384  C CB    . SER A 1 50  ? -5.010  -12.364 7.694   1.00 31.54 ? 50  SER A CB    1 
ATOM   385  O OG    . SER A 1 50  ? -5.636  -11.276 8.354   1.00 31.63 ? 50  SER A OG    1 
ATOM   386  N N     . GLY A 1 51  ? -2.212  -10.395 7.089   1.00 30.97 ? 51  GLY A N     1 
ATOM   387  C CA    . GLY A 1 51  ? -1.575  -9.541  6.104   1.00 30.75 ? 51  GLY A CA    1 
ATOM   388  C C     . GLY A 1 51  ? -0.363  -10.184 5.461   1.00 32.31 ? 51  GLY A C     1 
ATOM   389  O O     . GLY A 1 51  ? 0.371   -10.939 6.102   1.00 33.22 ? 51  GLY A O     1 
ATOM   390  N N     . ARG A 1 52  ? -0.159  -9.873  4.184   1.00 33.30 ? 52  ARG A N     1 
ATOM   391  C CA    . ARG A 1 52  ? 0.952   -10.402 3.393   1.00 33.39 ? 52  ARG A CA    1 
ATOM   392  C C     . ARG A 1 52  ? 1.485   -9.293  2.499   1.00 33.33 ? 52  ARG A C     1 
ATOM   393  O O     . ARG A 1 52  ? 0.705   -8.565  1.894   1.00 33.34 ? 52  ARG A O     1 
ATOM   394  C CB    . ARG A 1 52  ? 0.463   -11.553 2.511   1.00 33.37 ? 52  ARG A CB    1 
ATOM   395  C CG    . ARG A 1 52  ? 0.866   -12.928 2.966   1.00 33.84 ? 52  ARG A CG    1 
ATOM   396  C CD    . ARG A 1 52  ? 0.588   -13.120 4.405   1.00 35.79 ? 52  ARG A CD    1 
ATOM   397  N NE    . ARG A 1 52  ? 0.483   -14.522 4.766   1.00 36.27 ? 52  ARG A NE    1 
ATOM   398  C CZ    . ARG A 1 52  ? 0.067   -14.922 5.962   1.00 37.45 ? 52  ARG A CZ    1 
ATOM   399  N NH1   . ARG A 1 52  ? -0.260  -14.019 6.876   1.00 37.04 ? 52  ARG A NH1   1 
ATOM   400  N NH2   . ARG A 1 52  ? -0.058  -16.214 6.238   1.00 38.85 ? 52  ARG A NH2   1 
ATOM   401  N N     . MET A 1 53  ? 2.804   -9.158  2.413   1.00 33.76 ? 53  MET A N     1 
ATOM   402  C CA    . MET A 1 53  ? 3.389   -8.121  1.565   1.00 34.31 ? 53  MET A CA    1 
ATOM   403  C C     . MET A 1 53  ? 4.387   -8.683  0.556   1.00 36.08 ? 53  MET A C     1 
ATOM   404  O O     . MET A 1 53  ? 5.280   -9.454  0.906   1.00 36.37 ? 53  MET A O     1 
ATOM   405  C CB    . MET A 1 53  ? 4.080   -7.043  2.415   1.00 32.35 ? 53  MET A CB    1 
ATOM   406  C CG    . MET A 1 53  ? 3.143   -6.177  3.251   1.00 29.26 ? 53  MET A CG    1 
ATOM   407  S SD    . MET A 1 53  ? 4.040   -4.988  4.280   1.00 24.36 ? 53  MET A SD    1 
ATOM   408  C CE    . MET A 1 53  ? 4.595   -6.079  5.535   1.00 27.72 ? 53  MET A CE    1 
ATOM   409  N N     . VAL A 1 54  ? 4.215   -8.300  -0.705  1.00 37.29 ? 54  VAL A N     1 
ATOM   410  C CA    . VAL A 1 54  ? 5.108   -8.721  -1.777  1.00 37.71 ? 54  VAL A CA    1 
ATOM   411  C C     . VAL A 1 54  ? 5.703   -7.458  -2.391  1.00 38.20 ? 54  VAL A C     1 
ATOM   412  O O     . VAL A 1 54  ? 4.996   -6.688  -3.027  1.00 39.82 ? 54  VAL A O     1 
ATOM   413  C CB    . VAL A 1 54  ? 4.347   -9.513  -2.862  1.00 37.92 ? 54  VAL A CB    1 
ATOM   414  C CG1   . VAL A 1 54  ? 5.243   -9.731  -4.087  1.00 35.95 ? 54  VAL A CG1   1 
ATOM   415  C CG2   . VAL A 1 54  ? 3.895   -10.852 -2.292  1.00 37.69 ? 54  VAL A CG2   1 
ATOM   416  N N     . VAL A 1 55  ? 6.999   -7.244  -2.188  1.00 38.73 ? 55  VAL A N     1 
ATOM   417  C CA    . VAL A 1 55  ? 7.669   -6.059  -2.708  1.00 38.82 ? 55  VAL A CA    1 
ATOM   418  C C     . VAL A 1 55  ? 8.305   -6.279  -4.081  1.00 39.77 ? 55  VAL A C     1 
ATOM   419  O O     . VAL A 1 55  ? 9.109   -7.190  -4.268  1.00 39.85 ? 55  VAL A O     1 
ATOM   420  C CB    . VAL A 1 55  ? 8.767   -5.579  -1.728  1.00 39.00 ? 55  VAL A CB    1 
ATOM   421  C CG1   . VAL A 1 55  ? 9.364   -4.264  -2.210  1.00 38.05 ? 55  VAL A CG1   1 
ATOM   422  C CG2   . VAL A 1 55  ? 8.188   -5.422  -0.339  1.00 37.75 ? 55  VAL A CG2   1 
ATOM   423  N N     . LEU A 1 56  ? 7.933   -5.436  -5.039  1.00 40.48 ? 56  LEU A N     1 
ATOM   424  C CA    . LEU A 1 56  ? 8.473   -5.514  -6.387  1.00 41.45 ? 56  LEU A CA    1 
ATOM   425  C C     . LEU A 1 56  ? 9.478   -4.391  -6.546  1.00 44.16 ? 56  LEU A C     1 
ATOM   426  O O     . LEU A 1 56  ? 9.142   -3.217  -6.386  1.00 44.24 ? 56  LEU A O     1 
ATOM   427  C CB    . LEU A 1 56  ? 7.367   -5.354  -7.430  1.00 39.46 ? 56  LEU A CB    1 
ATOM   428  C CG    . LEU A 1 56  ? 6.281   -6.423  -7.414  1.00 38.67 ? 56  LEU A CG    1 
ATOM   429  C CD1   . LEU A 1 56  ? 5.339   -6.195  -8.578  1.00 38.37 ? 56  LEU A CD1   1 
ATOM   430  C CD2   . LEU A 1 56  ? 6.915   -7.805  -7.499  1.00 38.45 ? 56  LEU A CD2   1 
ATOM   431  N N     . MET A 1 57  ? 10.713  -4.756  -6.866  1.00 47.33 ? 57  MET A N     1 
ATOM   432  C CA    . MET A 1 57  ? 11.774  -3.777  -7.027  1.00 50.18 ? 57  MET A CA    1 
ATOM   433  C C     . MET A 1 57  ? 12.240  -3.662  -8.475  1.00 53.31 ? 57  MET A C     1 
ATOM   434  O O     . MET A 1 57  ? 12.221  -4.632  -9.235  1.00 54.38 ? 57  MET A O     1 
ATOM   435  C CB    . MET A 1 57  ? 12.948  -4.139  -6.107  1.00 48.89 ? 57  MET A CB    1 
ATOM   436  C CG    . MET A 1 57  ? 12.573  -4.253  -4.613  1.00 46.63 ? 57  MET A CG    1 
ATOM   437  S SD    . MET A 1 57  ? 13.179  -2.903  -3.570  1.00 43.66 ? 57  MET A SD    1 
ATOM   438  C CE    . MET A 1 57  ? 12.394  -1.512  -4.328  1.00 45.52 ? 57  MET A CE    1 
ATOM   439  N N     . ASP A 1 58  ? 12.637  -2.447  -8.837  1.00 57.10 ? 58  ASP A N     1 
ATOM   440  C CA    . ASP A 1 58  ? 13.129  -2.090  -10.169 1.00 61.20 ? 58  ASP A CA    1 
ATOM   441  C C     . ASP A 1 58  ? 12.604  -2.876  -11.366 1.00 59.81 ? 58  ASP A C     1 
ATOM   442  O O     . ASP A 1 58  ? 11.535  -2.565  -11.887 1.00 60.49 ? 58  ASP A O     1 
ATOM   443  C CB    . ASP A 1 58  ? 14.658  -2.099  -10.158 1.00 67.37 ? 58  ASP A CB    1 
ATOM   444  C CG    . ASP A 1 58  ? 15.231  -1.128  -9.121  1.00 74.02 ? 58  ASP A CG    1 
ATOM   445  O OD1   . ASP A 1 58  ? 15.631  -1.582  -8.015  1.00 76.09 ? 58  ASP A OD1   1 
ATOM   446  O OD2   . ASP A 1 58  ? 15.261  0.098   -9.410  1.00 76.16 ? 58  ASP A OD2   1 
ATOM   447  N N     . GLY A 1 59  ? 13.353  -3.873  -11.821 1.00 57.21 ? 59  GLY A N     1 
ATOM   448  C CA    . GLY A 1 59  ? 12.889  -4.640  -12.960 1.00 56.03 ? 59  GLY A CA    1 
ATOM   449  C C     . GLY A 1 59  ? 11.433  -5.081  -12.857 1.00 55.65 ? 59  GLY A C     1 
ATOM   450  O O     . GLY A 1 59  ? 10.624  -4.830  -13.756 1.00 54.08 ? 59  GLY A O     1 
ATOM   451  N N     . GLU A 1 60  ? 11.100  -5.737  -11.748 1.00 55.58 ? 60  GLU A N     1 
ATOM   452  C CA    . GLU A 1 60  ? 9.752   -6.248  -11.515 1.00 54.84 ? 60  GLU A CA    1 
ATOM   453  C C     . GLU A 1 60  ? 8.754   -5.153  -11.165 1.00 53.98 ? 60  GLU A C     1 
ATOM   454  O O     . GLU A 1 60  ? 7.552   -5.301  -11.385 1.00 52.88 ? 60  GLU A O     1 
ATOM   455  C CB    . GLU A 1 60  ? 9.789   -7.293  -10.405 1.00 55.49 ? 60  GLU A CB    1 
ATOM   456  C CG    . GLU A 1 60  ? 10.677  -8.477  -10.725 1.00 56.54 ? 60  GLU A CG    1 
ATOM   457  C CD    . GLU A 1 60  ? 10.198  -9.240  -11.935 1.00 57.09 ? 60  GLU A CD    1 
ATOM   458  O OE1   . GLU A 1 60  ? 9.111   -9.846  -11.860 1.00 57.77 ? 60  GLU A OE1   1 
ATOM   459  O OE2   . GLU A 1 60  ? 10.906  -9.225  -12.961 1.00 58.89 ? 60  GLU A OE2   1 
ATOM   460  N N     . HIS A 1 61  ? 9.264   -4.064  -10.608 1.00 53.19 ? 61  HIS A N     1 
ATOM   461  C CA    . HIS A 1 61  ? 8.439   -2.919  -10.249 1.00 52.27 ? 61  HIS A CA    1 
ATOM   462  C C     . HIS A 1 61  ? 7.804   -2.366  -11.520 1.00 52.16 ? 61  HIS A C     1 
ATOM   463  O O     . HIS A 1 61  ? 6.584   -2.275  -11.631 1.00 52.36 ? 61  HIS A O     1 
ATOM   464  C CB    . HIS A 1 61  ? 9.317   -1.851  -9.592  1.00 51.49 ? 61  HIS A CB    1 
ATOM   465  C CG    . HIS A 1 61  ? 8.748   -0.467  -9.642  1.00 50.80 ? 61  HIS A CG    1 
ATOM   466  N ND1   . HIS A 1 61  ? 7.696   -0.062  -8.849  1.00 50.88 ? 61  HIS A ND1   1 
ATOM   467  C CD2   . HIS A 1 61  ? 9.115   0.619   -10.364 1.00 51.10 ? 61  HIS A CD2   1 
ATOM   468  C CE1   . HIS A 1 61  ? 7.443   1.215   -9.076  1.00 50.45 ? 61  HIS A CE1   1 
ATOM   469  N NE2   . HIS A 1 61  ? 8.290   1.653   -9.990  1.00 50.73 ? 61  HIS A NE2   1 
ATOM   470  N N     . GLU A 1 62  ? 8.642   -2.015  -12.488 1.00 52.58 ? 62  GLU A N     1 
ATOM   471  C CA    . GLU A 1 62  ? 8.158   -1.462  -13.742 1.00 52.99 ? 62  GLU A CA    1 
ATOM   472  C C     . GLU A 1 62  ? 7.229   -2.422  -14.473 1.00 51.92 ? 62  GLU A C     1 
ATOM   473  O O     . GLU A 1 62  ? 6.251   -1.995  -15.090 1.00 51.06 ? 62  GLU A O     1 
ATOM   474  C CB    . GLU A 1 62  ? 9.338   -1.092  -14.640 1.00 55.44 ? 62  GLU A CB    1 
ATOM   475  C CG    . GLU A 1 62  ? 10.310  -0.116  -13.997 1.00 60.02 ? 62  GLU A CG    1 
ATOM   476  C CD    . GLU A 1 62  ? 11.401  0.315   -14.953 1.00 63.55 ? 62  GLU A CD    1 
ATOM   477  O OE1   . GLU A 1 62  ? 11.954  -0.572  -15.640 1.00 66.32 ? 62  GLU A OE1   1 
ATOM   478  O OE2   . GLU A 1 62  ? 11.709  1.531   -15.016 1.00 65.38 ? 62  GLU A OE2   1 
ATOM   479  N N     . LYS A 1 63  ? 7.527   -3.717  -14.394 1.00 50.79 ? 63  LYS A N     1 
ATOM   480  C CA    . LYS A 1 63  ? 6.705   -4.723  -15.056 1.00 49.59 ? 63  LYS A CA    1 
ATOM   481  C C     . LYS A 1 63  ? 5.262   -4.672  -14.562 1.00 48.25 ? 63  LYS A C     1 
ATOM   482  O O     . LYS A 1 63  ? 4.322   -4.838  -15.343 1.00 49.32 ? 63  LYS A O     1 
ATOM   483  C CB    . LYS A 1 63  ? 7.289   -6.127  -14.837 1.00 51.78 ? 63  LYS A CB    1 
ATOM   484  C CG    . LYS A 1 63  ? 6.452   -7.237  -15.478 1.00 55.86 ? 63  LYS A CG    1 
ATOM   485  C CD    . LYS A 1 63  ? 7.249   -8.508  -15.787 1.00 58.50 ? 63  LYS A CD    1 
ATOM   486  C CE    . LYS A 1 63  ? 7.671   -9.265  -14.537 1.00 60.92 ? 63  LYS A CE    1 
ATOM   487  N NZ    . LYS A 1 63  ? 8.330   -10.564 -14.886 1.00 62.64 ? 63  LYS A NZ    1 
ATOM   488  N N     . PHE A 1 64  ? 5.089   -4.437  -13.264 1.00 46.36 ? 64  PHE A N     1 
ATOM   489  C CA    . PHE A 1 64  ? 3.760   -4.354  -12.669 1.00 43.95 ? 64  PHE A CA    1 
ATOM   490  C C     . PHE A 1 64  ? 2.988   -3.179  -13.241 1.00 42.50 ? 64  PHE A C     1 
ATOM   491  O O     . PHE A 1 64  ? 1.853   -3.319  -13.688 1.00 40.83 ? 64  PHE A O     1 
ATOM   492  C CB    . PHE A 1 64  ? 3.855   -4.178  -11.153 1.00 42.76 ? 64  PHE A CB    1 
ATOM   493  C CG    . PHE A 1 64  ? 2.536   -3.839  -10.501 1.00 42.14 ? 64  PHE A CG    1 
ATOM   494  C CD1   . PHE A 1 64  ? 1.532   -4.799  -10.389 1.00 40.06 ? 64  PHE A CD1   1 
ATOM   495  C CD2   . PHE A 1 64  ? 2.282   -2.548  -10.047 1.00 40.39 ? 64  PHE A CD2   1 
ATOM   496  C CE1   . PHE A 1 64  ? 0.292   -4.473  -9.835  1.00 39.87 ? 64  PHE A CE1   1 
ATOM   497  C CE2   . PHE A 1 64  ? 1.046   -2.214  -9.493  1.00 40.01 ? 64  PHE A CE2   1 
ATOM   498  C CZ    . PHE A 1 64  ? 0.050   -3.178  -9.388  1.00 39.59 ? 64  PHE A CZ    1 
ATOM   499  N N     . TRP A 1 65  ? 3.611   -2.011  -13.215 1.00 42.25 ? 65  TRP A N     1 
ATOM   500  C CA    . TRP A 1 65  ? 2.947   -0.830  -13.716 1.00 44.14 ? 65  TRP A CA    1 
ATOM   501  C C     . TRP A 1 65  ? 2.673   -0.908  -15.202 1.00 44.95 ? 65  TRP A C     1 
ATOM   502  O O     . TRP A 1 65  ? 1.810   -0.198  -15.716 1.00 46.39 ? 65  TRP A O     1 
ATOM   503  C CB    . TRP A 1 65  ? 3.740   0.423   -13.335 1.00 43.79 ? 65  TRP A CB    1 
ATOM   504  C CG    . TRP A 1 65  ? 3.630   0.654   -11.857 1.00 44.50 ? 65  TRP A CG    1 
ATOM   505  C CD1   . TRP A 1 65  ? 4.573   0.378   -10.904 1.00 42.95 ? 65  TRP A CD1   1 
ATOM   506  C CD2   . TRP A 1 65  ? 2.449   1.057   -11.147 1.00 44.89 ? 65  TRP A CD2   1 
ATOM   507  N NE1   . TRP A 1 65  ? 4.049   0.575   -9.645  1.00 42.77 ? 65  TRP A NE1   1 
ATOM   508  C CE2   . TRP A 1 65  ? 2.748   0.992   -9.766  1.00 44.88 ? 65  TRP A CE2   1 
ATOM   509  C CE3   . TRP A 1 65  ? 1.165   1.460   -11.544 1.00 43.65 ? 65  TRP A CE3   1 
ATOM   510  C CZ2   . TRP A 1 65  ? 1.807   1.316   -8.780  1.00 44.12 ? 65  TRP A CZ2   1 
ATOM   511  C CZ3   . TRP A 1 65  ? 0.231   1.779   -10.564 1.00 42.84 ? 65  TRP A CZ3   1 
ATOM   512  C CH2   . TRP A 1 65  ? 0.558   1.705   -9.200  1.00 43.46 ? 65  TRP A CH2   1 
ATOM   513  N N     . ASP A 1 66  ? 3.392   -1.780  -15.896 1.00 45.40 ? 66  ASP A N     1 
ATOM   514  C CA    . ASP A 1 66  ? 3.149   -1.945  -17.316 1.00 45.61 ? 66  ASP A CA    1 
ATOM   515  C C     . ASP A 1 66  ? 1.889   -2.788  -17.406 1.00 45.00 ? 66  ASP A C     1 
ATOM   516  O O     . ASP A 1 66  ? 1.058   -2.594  -18.297 1.00 46.08 ? 66  ASP A O     1 
ATOM   517  C CB    . ASP A 1 66  ? 4.325   -2.644  -18.007 1.00 47.51 ? 66  ASP A CB    1 
ATOM   518  C CG    . ASP A 1 66  ? 5.520   -1.712  -18.213 1.00 49.96 ? 66  ASP A CG    1 
ATOM   519  O OD1   . ASP A 1 66  ? 5.310   -0.481  -18.344 1.00 50.02 ? 66  ASP A OD1   1 
ATOM   520  O OD2   . ASP A 1 66  ? 6.668   -2.211  -18.261 1.00 51.03 ? 66  ASP A OD2   1 
ATOM   521  N N     . ILE A 1 67  ? 1.746   -3.714  -16.460 1.00 44.03 ? 67  ILE A N     1 
ATOM   522  C CA    . ILE A 1 67  ? 0.570   -4.581  -16.399 1.00 43.18 ? 67  ILE A CA    1 
ATOM   523  C C     . ILE A 1 67  ? -0.674  -3.720  -16.182 1.00 42.19 ? 67  ILE A C     1 
ATOM   524  O O     . ILE A 1 67  ? -1.712  -3.935  -16.811 1.00 41.96 ? 67  ILE A O     1 
ATOM   525  C CB    . ILE A 1 67  ? 0.677   -5.599  -15.236 1.00 42.80 ? 67  ILE A CB    1 
ATOM   526  C CG1   . ILE A 1 67  ? 1.713   -6.671  -15.579 1.00 42.19 ? 67  ILE A CG1   1 
ATOM   527  C CG2   . ILE A 1 67  ? -0.687  -6.221  -14.955 1.00 42.31 ? 67  ILE A CG2   1 
ATOM   528  C CD1   . ILE A 1 67  ? 1.780   -7.806  -14.568 1.00 42.46 ? 67  ILE A CD1   1 
ATOM   529  N N     . VAL A 1 68  ? -0.560  -2.747  -15.284 1.00 41.41 ? 68  VAL A N     1 
ATOM   530  C CA    . VAL A 1 68  ? -1.667  -1.844  -14.995 1.00 40.86 ? 68  VAL A CA    1 
ATOM   531  C C     . VAL A 1 68  ? -2.022  -1.056  -16.260 1.00 42.17 ? 68  VAL A C     1 
ATOM   532  O O     . VAL A 1 68  ? -3.184  -1.001  -16.674 1.00 41.77 ? 68  VAL A O     1 
ATOM   533  C CB    . VAL A 1 68  ? -1.295  -0.856  -13.862 1.00 38.08 ? 68  VAL A CB    1 
ATOM   534  C CG1   . VAL A 1 68  ? -2.423  0.140   -13.648 1.00 35.49 ? 68  VAL A CG1   1 
ATOM   535  C CG2   . VAL A 1 68  ? -1.010  -1.622  -12.571 1.00 36.07 ? 68  VAL A CG2   1 
ATOM   536  N N     . LYS A 1 69  ? -1.006  -0.456  -16.872 1.00 43.10 ? 69  LYS A N     1 
ATOM   537  C CA    . LYS A 1 69  ? -1.184  0.327   -18.083 1.00 43.82 ? 69  LYS A CA    1 
ATOM   538  C C     . LYS A 1 69  ? -1.911  -0.468  -19.160 1.00 44.37 ? 69  LYS A C     1 
ATOM   539  O O     . LYS A 1 69  ? -2.827  0.038   -19.810 1.00 45.59 ? 69  LYS A O     1 
ATOM   540  C CB    . LYS A 1 69  ? 0.172   0.778   -18.625 1.00 45.34 ? 69  LYS A CB    1 
ATOM   541  C CG    . LYS A 1 69  ? 0.057   1.619   -19.879 1.00 46.99 ? 69  LYS A CG    1 
ATOM   542  C CD    . LYS A 1 69  ? 1.411   2.018   -20.417 1.00 49.50 ? 69  LYS A CD    1 
ATOM   543  C CE    . LYS A 1 69  ? 1.252   2.923   -21.630 1.00 50.97 ? 69  LYS A CE    1 
ATOM   544  N NZ    . LYS A 1 69  ? 2.564   3.320   -22.205 1.00 52.73 ? 69  LYS A NZ    1 
ATOM   545  N N     . GLU A 1 70  ? -1.498  -1.716  -19.347 1.00 43.78 ? 70  GLU A N     1 
ATOM   546  C CA    . GLU A 1 70  ? -2.104  -2.565  -20.358 1.00 42.87 ? 70  GLU A CA    1 
ATOM   547  C C     . GLU A 1 70  ? -3.511  -3.004  -20.009 1.00 42.36 ? 70  GLU A C     1 
ATOM   548  O O     . GLU A 1 70  ? -4.362  -3.132  -20.888 1.00 42.59 ? 70  GLU A O     1 
ATOM   549  C CB    . GLU A 1 70  ? -1.223  -3.781  -20.602 1.00 45.33 ? 70  GLU A CB    1 
ATOM   550  C CG    . GLU A 1 70  ? 0.134   -3.422  -21.180 1.00 49.62 ? 70  GLU A CG    1 
ATOM   551  C CD    . GLU A 1 70  ? 0.025   -2.485  -22.380 1.00 51.87 ? 70  GLU A CD    1 
ATOM   552  O OE1   . GLU A 1 70  ? -0.806  -2.752  -23.280 1.00 52.83 ? 70  GLU A OE1   1 
ATOM   553  O OE2   . GLU A 1 70  ? 0.774   -1.482  -22.424 1.00 53.20 ? 70  GLU A OE2   1 
ATOM   554  N N     . THR A 1 71  ? -3.754  -3.243  -18.725 1.00 42.11 ? 71  THR A N     1 
ATOM   555  C CA    . THR A 1 71  ? -5.075  -3.658  -18.272 1.00 41.86 ? 71  THR A CA    1 
ATOM   556  C C     . THR A 1 71  ? -6.048  -2.516  -18.511 1.00 41.98 ? 71  THR A C     1 
ATOM   557  O O     . THR A 1 71  ? -7.212  -2.737  -18.846 1.00 43.05 ? 71  THR A O     1 
ATOM   558  C CB    . THR A 1 71  ? -5.077  -3.992  -16.773 1.00 42.01 ? 71  THR A CB    1 
ATOM   559  O OG1   . THR A 1 71  ? -4.207  -5.104  -16.529 1.00 43.93 ? 71  THR A OG1   1 
ATOM   560  C CG2   . THR A 1 71  ? -6.478  -4.343  -16.310 1.00 41.69 ? 71  THR A CG2   1 
ATOM   561  N N     . LEU A 1 72  ? -5.561  -1.293  -18.329 1.00 41.30 ? 72  LEU A N     1 
ATOM   562  C CA    . LEU A 1 72  ? -6.382  -0.110  -18.529 1.00 40.81 ? 72  LEU A CA    1 
ATOM   563  C C     . LEU A 1 72  ? -6.616  0.120   -20.016 1.00 41.54 ? 72  LEU A C     1 
ATOM   564  O O     . LEU A 1 72  ? -7.672  0.605   -20.424 1.00 41.64 ? 72  LEU A O     1 
ATOM   565  C CB    . LEU A 1 72  ? -5.706  1.110   -17.904 1.00 39.68 ? 72  LEU A CB    1 
ATOM   566  C CG    . LEU A 1 72  ? -5.836  1.197   -16.385 1.00 38.57 ? 72  LEU A CG    1 
ATOM   567  C CD1   . LEU A 1 72  ? -5.055  2.372   -15.835 1.00 38.91 ? 72  LEU A CD1   1 
ATOM   568  C CD2   . LEU A 1 72  ? -7.300  1.350   -16.044 1.00 40.72 ? 72  LEU A CD2   1 
ATOM   569  N N     . ARG A 1 73  ? -5.629  -0.244  -20.826 1.00 42.04 ? 73  ARG A N     1 
ATOM   570  C CA    . ARG A 1 73  ? -5.744  -0.083  -22.266 1.00 43.03 ? 73  ARG A CA    1 
ATOM   571  C C     . ARG A 1 73  ? -6.899  -0.895  -22.854 1.00 43.51 ? 73  ARG A C     1 
ATOM   572  O O     . ARG A 1 73  ? -7.483  -0.515  -23.869 1.00 43.76 ? 73  ARG A O     1 
ATOM   573  C CB    . ARG A 1 73  ? -4.439  -0.484  -22.951 1.00 43.44 ? 73  ARG A CB    1 
ATOM   574  C CG    . ARG A 1 73  ? -4.573  -0.607  -24.455 1.00 45.19 ? 73  ARG A CG    1 
ATOM   575  C CD    . ARG A 1 73  ? -3.250  -0.895  -25.116 1.00 45.66 ? 73  ARG A CD    1 
ATOM   576  N NE    . ARG A 1 73  ? -2.540  0.334   -25.432 1.00 47.80 ? 73  ARG A NE    1 
ATOM   577  C CZ    . ARG A 1 73  ? -1.342  0.640   -24.955 1.00 50.65 ? 73  ARG A CZ    1 
ATOM   578  N NH1   . ARG A 1 73  ? -0.726  -0.200  -24.135 1.00 52.12 ? 73  ARG A NH1   1 
ATOM   579  N NH2   . ARG A 1 73  ? -0.754  1.777   -25.305 1.00 53.07 ? 73  ARG A NH2   1 
ATOM   580  N N     . ALA A 1 74  ? -7.236  -2.006  -22.214 1.00 43.50 ? 74  ALA A N     1 
ATOM   581  C CA    . ALA A 1 74  ? -8.312  -2.853  -22.705 1.00 43.11 ? 74  ALA A CA    1 
ATOM   582  C C     . ALA A 1 74  ? -9.676  -2.505  -22.113 1.00 43.27 ? 74  ALA A C     1 
ATOM   583  O O     . ALA A 1 74  ? -10.705 -2.967  -22.606 1.00 44.25 ? 74  ALA A O     1 
ATOM   584  C CB    . ALA A 1 74  ? -7.984  -4.312  -22.419 1.00 43.09 ? 74  ALA A CB    1 
ATOM   585  N N     . ARG A 1 75  ? -9.690  -1.682  -21.070 1.00 43.38 ? 75  ARG A N     1 
ATOM   586  C CA    . ARG A 1 75  ? -10.944 -1.333  -20.413 1.00 43.55 ? 75  ARG A CA    1 
ATOM   587  C C     . ARG A 1 75  ? -11.384 0.109   -20.610 1.00 41.97 ? 75  ARG A C     1 
ATOM   588  O O     . ARG A 1 75  ? -12.489 0.476   -20.218 1.00 42.12 ? 75  ARG A O     1 
ATOM   589  C CB    . ARG A 1 75  ? -10.835 -1.638  -18.914 1.00 44.95 ? 75  ARG A CB    1 
ATOM   590  C CG    . ARG A 1 75  ? -10.296 -3.040  -18.635 1.00 50.06 ? 75  ARG A CG    1 
ATOM   591  C CD    . ARG A 1 75  ? -10.253 -3.397  -17.149 1.00 51.81 ? 75  ARG A CD    1 
ATOM   592  N NE    . ARG A 1 75  ? -11.588 -3.588  -16.581 1.00 53.39 ? 75  ARG A NE    1 
ATOM   593  C CZ    . ARG A 1 75  ? -12.327 -2.616  -16.051 1.00 53.71 ? 75  ARG A CZ    1 
ATOM   594  N NH1   . ARG A 1 75  ? -11.861 -1.373  -16.009 1.00 53.20 ? 75  ARG A NH1   1 
ATOM   595  N NH2   . ARG A 1 75  ? -13.539 -2.887  -15.572 1.00 52.55 ? 75  ARG A NH2   1 
ATOM   596  N N     . VAL A 1 76  ? -10.530 0.918   -21.229 1.00 41.30 ? 76  VAL A N     1 
ATOM   597  C CA    . VAL A 1 76  ? -10.836 2.331   -21.450 1.00 40.95 ? 76  VAL A CA    1 
ATOM   598  C C     . VAL A 1 76  ? -10.942 2.745   -22.917 1.00 40.75 ? 76  VAL A C     1 
ATOM   599  O O     . VAL A 1 76  ? -10.124 2.350   -23.747 1.00 40.09 ? 76  VAL A O     1 
ATOM   600  C CB    . VAL A 1 76  ? -9.764  3.244   -20.792 1.00 41.44 ? 76  VAL A CB    1 
ATOM   601  C CG1   . VAL A 1 76  ? -10.082 4.713   -21.057 1.00 40.46 ? 76  VAL A CG1   1 
ATOM   602  C CG2   . VAL A 1 76  ? -9.700  2.976   -19.299 1.00 40.70 ? 76  VAL A CG2   1 
ATOM   603  N N     . PRO A 1 77  ? -11.965 3.549   -23.251 1.00 40.13 ? 77  PRO A N     1 
ATOM   604  C CA    . PRO A 1 77  ? -12.174 4.032   -24.621 1.00 39.46 ? 77  PRO A CA    1 
ATOM   605  C C     . PRO A 1 77  ? -10.924 4.757   -25.117 1.00 39.15 ? 77  PRO A C     1 
ATOM   606  O O     . PRO A 1 77  ? -10.226 5.402   -24.334 1.00 39.86 ? 77  PRO A O     1 
ATOM   607  C CB    . PRO A 1 77  ? -13.368 4.967   -24.468 1.00 38.50 ? 77  PRO A CB    1 
ATOM   608  C CG    . PRO A 1 77  ? -14.168 4.269   -23.428 1.00 38.61 ? 77  PRO A CG    1 
ATOM   609  C CD    . PRO A 1 77  ? -13.128 3.865   -22.404 1.00 38.11 ? 77  PRO A CD    1 
ATOM   610  N N     . ALA A 1 78  ? -10.652 4.652   -26.415 1.00 39.46 ? 78  ALA A N     1 
ATOM   611  C CA    . ALA A 1 78  ? -9.473  5.270   -27.023 1.00 39.92 ? 78  ALA A CA    1 
ATOM   612  C C     . ALA A 1 78  ? -9.218  6.718   -26.616 1.00 41.04 ? 78  ALA A C     1 
ATOM   613  O O     . ALA A 1 78  ? -8.090  7.088   -26.293 1.00 42.47 ? 78  ALA A O     1 
ATOM   614  C CB    . ALA A 1 78  ? -9.569  5.175   -28.534 1.00 39.63 ? 78  ALA A CB    1 
ATOM   615  N N     . GLU A 1 79  ? -10.266 7.533   -26.630 1.00 41.81 ? 79  GLU A N     1 
ATOM   616  C CA    . GLU A 1 79  ? -10.160 8.951   -26.290 1.00 41.93 ? 79  GLU A CA    1 
ATOM   617  C C     . GLU A 1 79  ? -9.709  9.266   -24.867 1.00 42.32 ? 79  GLU A C     1 
ATOM   618  O O     . GLU A 1 79  ? -9.211  10.358  -24.604 1.00 43.91 ? 79  GLU A O     1 
ATOM   619  C CB    . GLU A 1 79  ? -11.504 9.647   -26.536 1.00 41.29 ? 79  GLU A CB    1 
ATOM   620  C CG    . GLU A 1 79  ? -12.633 9.136   -25.646 1.00 39.82 ? 79  GLU A CG    1 
ATOM   621  C CD    . GLU A 1 79  ? -13.473 8.062   -26.310 1.00 39.98 ? 79  GLU A CD    1 
ATOM   622  O OE1   . GLU A 1 79  ? -12.921 7.261   -27.090 1.00 39.54 ? 79  GLU A OE1   1 
ATOM   623  O OE2   . GLU A 1 79  ? -14.689 8.012   -26.041 1.00 39.89 ? 79  GLU A OE2   1 
ATOM   624  N N     . ASN A 1 80  ? -9.878  8.322   -23.950 1.00 43.00 ? 80  ASN A N     1 
ATOM   625  C CA    . ASN A 1 80  ? -9.524  8.555   -22.553 1.00 43.98 ? 80  ASN A CA    1 
ATOM   626  C C     . ASN A 1 80  ? -8.280  7.828   -22.081 1.00 44.13 ? 80  ASN A C     1 
ATOM   627  O O     . ASN A 1 80  ? -7.773  8.099   -20.998 1.00 44.20 ? 80  ASN A O     1 
ATOM   628  C CB    . ASN A 1 80  ? -10.695 8.150   -21.664 1.00 45.13 ? 80  ASN A CB    1 
ATOM   629  C CG    . ASN A 1 80  ? -11.969 8.894   -22.011 1.00 45.85 ? 80  ASN A CG    1 
ATOM   630  O OD1   . ASN A 1 80  ? -13.069 8.410   -21.758 1.00 46.60 ? 80  ASN A OD1   1 
ATOM   631  N ND2   . ASN A 1 80  ? -11.823 10.082  -22.586 1.00 46.44 ? 80  ASN A ND2   1 
ATOM   632  N N     . PHE A 1 81  ? -7.790  6.904   -22.892 1.00 44.08 ? 81  PHE A N     1 
ATOM   633  C CA    . PHE A 1 81  ? -6.621  6.133   -22.514 1.00 44.20 ? 81  PHE A CA    1 
ATOM   634  C C     . PHE A 1 81  ? -5.445  6.944   -21.987 1.00 44.77 ? 81  PHE A C     1 
ATOM   635  O O     . PHE A 1 81  ? -5.063  6.810   -20.829 1.00 45.07 ? 81  PHE A O     1 
ATOM   636  C CB    . PHE A 1 81  ? -6.142  5.286   -23.687 1.00 42.76 ? 81  PHE A CB    1 
ATOM   637  C CG    . PHE A 1 81  ? -4.913  4.490   -23.381 1.00 42.55 ? 81  PHE A CG    1 
ATOM   638  C CD1   . PHE A 1 81  ? -4.958  3.449   -22.454 1.00 43.29 ? 81  PHE A CD1   1 
ATOM   639  C CD2   . PHE A 1 81  ? -3.701  4.802   -23.987 1.00 41.49 ? 81  PHE A CD2   1 
ATOM   640  C CE1   . PHE A 1 81  ? -3.804  2.728   -22.130 1.00 44.83 ? 81  PHE A CE1   1 
ATOM   641  C CE2   . PHE A 1 81  ? -2.543  4.093   -23.675 1.00 42.60 ? 81  PHE A CE2   1 
ATOM   642  C CZ    . PHE A 1 81  ? -2.592  3.053   -22.744 1.00 44.44 ? 81  PHE A CZ    1 
ATOM   643  N N     . GLU A 1 82  ? -4.867  7.781   -22.838 1.00 45.99 ? 82  GLU A N     1 
ATOM   644  C CA    . GLU A 1 82  ? -3.707  8.564   -22.447 1.00 46.78 ? 82  GLU A CA    1 
ATOM   645  C C     . GLU A 1 82  ? -3.912  9.352   -21.161 1.00 45.41 ? 82  GLU A C     1 
ATOM   646  O O     . GLU A 1 82  ? -3.004  9.440   -20.335 1.00 45.95 ? 82  GLU A O     1 
ATOM   647  C CB    . GLU A 1 82  ? -3.293  9.490   -23.592 1.00 50.82 ? 82  GLU A CB    1 
ATOM   648  C CG    . GLU A 1 82  ? -1.771  9.522   -23.844 1.00 59.70 ? 82  GLU A CG    1 
ATOM   649  C CD    . GLU A 1 82  ? -1.135  8.129   -24.085 1.00 63.57 ? 82  GLU A CD    1 
ATOM   650  O OE1   . GLU A 1 82  ? -1.522  7.435   -25.055 1.00 65.23 ? 82  GLU A OE1   1 
ATOM   651  O OE2   . GLU A 1 82  ? -0.232  7.728   -23.305 1.00 65.45 ? 82  GLU A OE2   1 
ATOM   652  N N     . ALA A 1 83  ? -5.104  9.906   -20.977 1.00 43.46 ? 83  ALA A N     1 
ATOM   653  C CA    . ALA A 1 83  ? -5.401  10.672  -19.769 1.00 41.82 ? 83  ALA A CA    1 
ATOM   654  C C     . ALA A 1 83  ? -5.463  9.761   -18.546 1.00 42.07 ? 83  ALA A C     1 
ATOM   655  O O     . ALA A 1 83  ? -5.039  10.136  -17.457 1.00 43.72 ? 83  ALA A O     1 
ATOM   656  C CB    . ALA A 1 83  ? -6.722  11.411  -19.927 1.00 39.98 ? 83  ALA A CB    1 
ATOM   657  N N     . THR A 1 84  ? -5.992  8.559   -18.735 1.00 41.38 ? 84  THR A N     1 
ATOM   658  C CA    . THR A 1 84  ? -6.130  7.586   -17.658 1.00 39.87 ? 84  THR A CA    1 
ATOM   659  C C     . THR A 1 84  ? -4.812  7.008   -17.160 1.00 39.93 ? 84  THR A C     1 
ATOM   660  O O     . THR A 1 84  ? -4.651  6.771   -15.966 1.00 40.03 ? 84  THR A O     1 
ATOM   661  C CB    . THR A 1 84  ? -7.018  6.406   -18.098 1.00 39.46 ? 84  THR A CB    1 
ATOM   662  O OG1   . THR A 1 84  ? -8.334  6.883   -18.390 1.00 39.47 ? 84  THR A OG1   1 
ATOM   663  C CG2   . THR A 1 84  ? -7.090  5.347   -17.014 1.00 38.41 ? 84  THR A CG2   1 
ATOM   664  N N     . VAL A 1 85  ? -3.873  6.772   -18.071 1.00 40.69 ? 85  VAL A N     1 
ATOM   665  C CA    . VAL A 1 85  ? -2.592  6.182   -17.695 1.00 40.52 ? 85  VAL A CA    1 
ATOM   666  C C     . VAL A 1 85  ? -1.487  7.201   -17.429 1.00 40.80 ? 85  VAL A C     1 
ATOM   667  O O     . VAL A 1 85  ? -0.363  6.829   -17.108 1.00 42.08 ? 85  VAL A O     1 
ATOM   668  C CB    . VAL A 1 85  ? -2.111  5.173   -18.769 1.00 39.27 ? 85  VAL A CB    1 
ATOM   669  C CG1   . VAL A 1 85  ? -3.156  4.081   -18.958 1.00 38.23 ? 85  VAL A CG1   1 
ATOM   670  C CG2   . VAL A 1 85  ? -1.856  5.884   -20.078 1.00 38.53 ? 85  VAL A CG2   1 
ATOM   671  N N     . GLU A 1 86  ? -1.810  8.482   -17.551 1.00 41.46 ? 86  GLU A N     1 
ATOM   672  C CA    . GLU A 1 86  ? -0.828  9.535   -17.318 1.00 42.78 ? 86  GLU A CA    1 
ATOM   673  C C     . GLU A 1 86  ? -0.200  9.445   -15.925 1.00 42.53 ? 86  GLU A C     1 
ATOM   674  O O     . GLU A 1 86  ? 1.023   9.551   -15.767 1.00 41.27 ? 86  GLU A O     1 
ATOM   675  C CB    . GLU A 1 86  ? -1.490  10.903  -17.486 1.00 45.49 ? 86  GLU A CB    1 
ATOM   676  C CG    . GLU A 1 86  ? -0.570  12.088  -17.241 1.00 50.72 ? 86  GLU A CG    1 
ATOM   677  C CD    . GLU A 1 86  ? 0.675   12.053  -18.114 1.00 55.63 ? 86  GLU A CD    1 
ATOM   678  O OE1   . GLU A 1 86  ? 0.552   11.685  -19.308 1.00 58.97 ? 86  GLU A OE1   1 
ATOM   679  O OE2   . GLU A 1 86  ? 1.771   12.403  -17.614 1.00 56.48 ? 86  GLU A OE2   1 
ATOM   680  N N     . ARG A 1 87  ? -1.044  9.249   -14.915 1.00 41.09 ? 87  ARG A N     1 
ATOM   681  C CA    . ARG A 1 87  ? -0.579  9.158   -13.536 1.00 40.30 ? 87  ARG A CA    1 
ATOM   682  C C     . ARG A 1 87  ? 0.327   7.946   -13.289 1.00 40.34 ? 87  ARG A C     1 
ATOM   683  O O     . ARG A 1 87  ? 1.139   7.958   -12.366 1.00 40.48 ? 87  ARG A O     1 
ATOM   684  C CB    . ARG A 1 87  ? -1.779  9.117   -12.580 1.00 38.08 ? 87  ARG A CB    1 
ATOM   685  C CG    . ARG A 1 87  ? -2.608  7.841   -12.658 1.00 36.72 ? 87  ARG A CG    1 
ATOM   686  C CD    . ARG A 1 87  ? -3.976  8.050   -12.037 1.00 36.76 ? 87  ARG A CD    1 
ATOM   687  N NE    . ARG A 1 87  ? -3.888  8.584   -10.681 1.00 36.78 ? 87  ARG A NE    1 
ATOM   688  C CZ    . ARG A 1 87  ? -3.690  7.848   -9.591  1.00 35.25 ? 87  ARG A CZ    1 
ATOM   689  N NH1   . ARG A 1 87  ? -3.562  6.531   -9.690  1.00 35.63 ? 87  ARG A NH1   1 
ATOM   690  N NH2   . ARG A 1 87  ? -3.610  8.432   -8.404  1.00 34.02 ? 87  ARG A NH2   1 
ATOM   691  N N     . LEU A 1 88  ? 0.187   6.904   -14.106 1.00 40.00 ? 88  LEU A N     1 
ATOM   692  C CA    . LEU A 1 88  ? 0.998   5.701   -13.949 1.00 40.20 ? 88  LEU A CA    1 
ATOM   693  C C     . LEU A 1 88  ? 2.486   5.991   -14.134 1.00 41.26 ? 88  LEU A C     1 
ATOM   694  O O     . LEU A 1 88  ? 3.340   5.262   -13.626 1.00 41.11 ? 88  LEU A O     1 
ATOM   695  C CB    . LEU A 1 88  ? 0.562   4.623   -14.947 1.00 39.92 ? 88  LEU A CB    1 
ATOM   696  C CG    . LEU A 1 88  ? -0.844  4.035   -14.813 1.00 39.49 ? 88  LEU A CG    1 
ATOM   697  C CD1   . LEU A 1 88  ? -1.017  2.902   -15.811 1.00 37.71 ? 88  LEU A CD1   1 
ATOM   698  C CD2   . LEU A 1 88  ? -1.054  3.524   -13.397 1.00 39.53 ? 88  LEU A CD2   1 
ATOM   699  N N     . LYS A 1 89  ? 2.796   7.057   -14.862 1.00 42.47 ? 89  LYS A N     1 
ATOM   700  C CA    . LYS A 1 89  ? 4.183   7.426   -15.101 1.00 43.42 ? 89  LYS A CA    1 
ATOM   701  C C     . LYS A 1 89  ? 4.923   7.710   -13.797 1.00 43.48 ? 89  LYS A C     1 
ATOM   702  O O     . LYS A 1 89  ? 6.010   7.180   -13.572 1.00 44.37 ? 89  LYS A O     1 
ATOM   703  C CB    . LYS A 1 89  ? 4.245   8.649   -16.012 1.00 44.33 ? 89  LYS A CB    1 
ATOM   704  C CG    . LYS A 1 89  ? 3.728   8.386   -17.412 1.00 46.46 ? 89  LYS A CG    1 
ATOM   705  C CD    . LYS A 1 89  ? 3.826   9.635   -18.260 1.00 48.68 ? 89  LYS A CD    1 
ATOM   706  C CE    . LYS A 1 89  ? 3.279   9.399   -19.653 1.00 50.46 ? 89  LYS A CE    1 
ATOM   707  N NZ    . LYS A 1 89  ? 3.357   10.648  -20.461 1.00 54.28 ? 89  LYS A NZ    1 
ATOM   708  N N     . GLY A 1 90  ? 4.329   8.541   -12.942 1.00 43.22 ? 90  GLY A N     1 
ATOM   709  C CA    . GLY A 1 90  ? 4.943   8.882   -11.669 1.00 41.59 ? 90  GLY A CA    1 
ATOM   710  C C     . GLY A 1 90  ? 5.193   7.707   -10.736 1.00 42.15 ? 90  GLY A C     1 
ATOM   711  O O     . GLY A 1 90  ? 5.966   7.828   -9.785  1.00 42.73 ? 90  GLY A O     1 
ATOM   712  N N     . PHE A 1 91  ? 4.533   6.577   -10.984 1.00 41.85 ? 91  PHE A N     1 
ATOM   713  C CA    . PHE A 1 91  ? 4.728   5.395   -10.150 1.00 41.87 ? 91  PHE A CA    1 
ATOM   714  C C     . PHE A 1 91  ? 5.806   4.541   -10.795 1.00 42.96 ? 91  PHE A C     1 
ATOM   715  O O     . PHE A 1 91  ? 6.769   4.140   -10.139 1.00 43.34 ? 91  PHE A O     1 
ATOM   716  C CB    . PHE A 1 91  ? 3.440   4.561   -10.030 1.00 40.59 ? 91  PHE A CB    1 
ATOM   717  C CG    . PHE A 1 91  ? 2.223   5.355   -9.625  1.00 39.57 ? 91  PHE A CG    1 
ATOM   718  C CD1   . PHE A 1 91  ? 2.319   6.395   -8.698  1.00 38.42 ? 91  PHE A CD1   1 
ATOM   719  C CD2   . PHE A 1 91  ? 0.975   5.055   -10.170 1.00 37.06 ? 91  PHE A CD2   1 
ATOM   720  C CE1   . PHE A 1 91  ? 1.191   7.125   -8.327  1.00 36.58 ? 91  PHE A CE1   1 
ATOM   721  C CE2   . PHE A 1 91  ? -0.155  5.776   -9.805  1.00 35.06 ? 91  PHE A CE2   1 
ATOM   722  C CZ    . PHE A 1 91  ? -0.048  6.813   -8.883  1.00 35.66 ? 91  PHE A CZ    1 
ATOM   723  N N     . HIS A 1 92  ? 5.632   4.270   -12.087 1.00 43.06 ? 92  HIS A N     1 
ATOM   724  C CA    . HIS A 1 92  ? 6.572   3.462   -12.867 1.00 44.38 ? 92  HIS A CA    1 
ATOM   725  C C     . HIS A 1 92  ? 8.012   3.979   -12.739 1.00 44.06 ? 92  HIS A C     1 
ATOM   726  O O     . HIS A 1 92  ? 8.970   3.210   -12.809 1.00 43.72 ? 92  HIS A O     1 
ATOM   727  C CB    . HIS A 1 92  ? 6.128   3.455   -14.341 1.00 45.63 ? 92  HIS A CB    1 
ATOM   728  C CG    . HIS A 1 92  ? 7.039   2.693   -15.261 1.00 48.26 ? 92  HIS A CG    1 
ATOM   729  N ND1   . HIS A 1 92  ? 8.302   3.135   -15.601 1.00 48.17 ? 92  HIS A ND1   1 
ATOM   730  C CD2   . HIS A 1 92  ? 6.855   1.529   -15.932 1.00 47.83 ? 92  HIS A CD2   1 
ATOM   731  C CE1   . HIS A 1 92  ? 8.854   2.276   -16.440 1.00 48.10 ? 92  HIS A CE1   1 
ATOM   732  N NE2   . HIS A 1 92  ? 7.999   1.293   -16.658 1.00 46.98 ? 92  HIS A NE2   1 
ATOM   733  N N     . ALA A 1 93  ? 8.150   5.284   -12.531 1.00 44.04 ? 93  ALA A N     1 
ATOM   734  C CA    . ALA A 1 93  ? 9.458   5.913   -12.405 1.00 44.80 ? 93  ALA A CA    1 
ATOM   735  C C     . ALA A 1 93  ? 10.117  5.649   -11.053 1.00 46.13 ? 93  ALA A C     1 
ATOM   736  O O     . ALA A 1 93  ? 11.332  5.832   -10.898 1.00 46.57 ? 93  ALA A O     1 
ATOM   737  C CB    . ALA A 1 93  ? 9.328   7.412   -12.628 1.00 43.45 ? 93  ALA A CB    1 
ATOM   738  N N     . GLY A 1 94  ? 9.317   5.219   -10.080 1.00 45.99 ? 94  GLY A N     1 
ATOM   739  C CA    . GLY A 1 94  ? 9.838   4.953   -8.749  1.00 45.12 ? 94  GLY A CA    1 
ATOM   740  C C     . GLY A 1 94  ? 10.816  3.796   -8.625  1.00 44.90 ? 94  GLY A C     1 
ATOM   741  O O     . GLY A 1 94  ? 11.136  3.113   -9.598  1.00 45.39 ? 94  GLY A O     1 
ATOM   742  N N     . VAL A 1 95  ? 11.299  3.586   -7.405  1.00 44.93 ? 95  VAL A N     1 
ATOM   743  C CA    . VAL A 1 95  ? 12.238  2.512   -7.105  1.00 44.36 ? 95  VAL A CA    1 
ATOM   744  C C     . VAL A 1 95  ? 11.530  1.158   -7.065  1.00 44.65 ? 95  VAL A C     1 
ATOM   745  O O     . VAL A 1 95  ? 11.983  0.193   -7.684  1.00 44.38 ? 95  VAL A O     1 
ATOM   746  C CB    . VAL A 1 95  ? 12.931  2.748   -5.738  1.00 43.78 ? 95  VAL A CB    1 
ATOM   747  C CG1   . VAL A 1 95  ? 13.730  1.516   -5.331  1.00 43.61 ? 95  VAL A CG1   1 
ATOM   748  C CG2   . VAL A 1 95  ? 13.838  3.966   -5.823  1.00 43.46 ? 95  VAL A CG2   1 
ATOM   749  N N     . GLY A 1 96  ? 10.419  1.096   -6.332  1.00 44.76 ? 96  GLY A N     1 
ATOM   750  C CA    . GLY A 1 96  ? 9.671   -0.145  -6.218  1.00 43.41 ? 96  GLY A CA    1 
ATOM   751  C C     . GLY A 1 96  ? 8.236   0.062   -5.769  1.00 42.59 ? 96  GLY A C     1 
ATOM   752  O O     . GLY A 1 96  ? 7.803   1.200   -5.581  1.00 42.25 ? 96  GLY A O     1 
ATOM   753  N N     . THR A 1 97  ? 7.513   -1.045  -5.594  1.00 41.67 ? 97  THR A N     1 
ATOM   754  C CA    . THR A 1 97  ? 6.107   -1.027  -5.176  1.00 41.25 ? 97  THR A CA    1 
ATOM   755  C C     . THR A 1 97  ? 5.783   -2.138  -4.168  1.00 41.31 ? 97  THR A C     1 
ATOM   756  O O     . THR A 1 97  ? 6.209   -3.283  -4.340  1.00 41.40 ? 97  THR A O     1 
ATOM   757  C CB    . THR A 1 97  ? 5.163   -1.218  -6.391  1.00 39.83 ? 97  THR A CB    1 
ATOM   758  O OG1   . THR A 1 97  ? 5.296   -0.110  -7.289  1.00 40.69 ? 97  THR A OG1   1 
ATOM   759  C CG2   . THR A 1 97  ? 3.716   -1.327  -5.932  1.00 39.79 ? 97  THR A CG2   1 
ATOM   760  N N     . VAL A 1 98  ? 5.026   -1.805  -3.122  1.00 40.26 ? 98  VAL A N     1 
ATOM   761  C CA    . VAL A 1 98  ? 4.644   -2.811  -2.128  1.00 39.21 ? 98  VAL A CA    1 
ATOM   762  C C     . VAL A 1 98  ? 3.235   -3.311  -2.431  1.00 39.13 ? 98  VAL A C     1 
ATOM   763  O O     . VAL A 1 98  ? 2.295   -2.519  -2.541  1.00 39.78 ? 98  VAL A O     1 
ATOM   764  C CB    . VAL A 1 98  ? 4.647   -2.250  -0.675  1.00 39.20 ? 98  VAL A CB    1 
ATOM   765  C CG1   . VAL A 1 98  ? 4.258   -3.355  0.312   1.00 37.08 ? 98  VAL A CG1   1 
ATOM   766  C CG2   . VAL A 1 98  ? 6.013   -1.692  -0.324  1.00 37.96 ? 98  VAL A CG2   1 
ATOM   767  N N     . LEU A 1 99  ? 3.089   -4.623  -2.582  1.00 37.92 ? 99  LEU A N     1 
ATOM   768  C CA    . LEU A 1 99  ? 1.780   -5.202  -2.845  1.00 37.17 ? 99  LEU A CA    1 
ATOM   769  C C     . LEU A 1 99  ? 1.254   -5.747  -1.531  1.00 36.76 ? 99  LEU A C     1 
ATOM   770  O O     . LEU A 1 99  ? 1.878   -6.610  -0.910  1.00 36.24 ? 99  LEU A O     1 
ATOM   771  C CB    . LEU A 1 99  ? 1.869   -6.320  -3.888  1.00 37.47 ? 99  LEU A CB    1 
ATOM   772  C CG    . LEU A 1 99  ? 2.388   -5.906  -5.270  1.00 38.42 ? 99  LEU A CG    1 
ATOM   773  C CD1   . LEU A 1 99  ? 2.159   -7.049  -6.239  1.00 38.44 ? 99  LEU A CD1   1 
ATOM   774  C CD2   . LEU A 1 99  ? 1.668   -4.653  -5.773  1.00 38.15 ? 99  LEU A CD2   1 
ATOM   775  N N     . PHE A 1 100 ? 0.109   -5.217  -1.110  1.00 35.60 ? 100 PHE A N     1 
ATOM   776  C CA    . PHE A 1 100 ? -0.532  -5.615  0.135   1.00 33.20 ? 100 PHE A CA    1 
ATOM   777  C C     . PHE A 1 100 ? -1.655  -6.612  -0.112  1.00 32.19 ? 100 PHE A C     1 
ATOM   778  O O     . PHE A 1 100 ? -2.630  -6.306  -0.797  1.00 31.02 ? 100 PHE A O     1 
ATOM   779  C CB    . PHE A 1 100 ? -1.100  -4.382  0.841   1.00 31.90 ? 100 PHE A CB    1 
ATOM   780  C CG    . PHE A 1 100 ? -0.055  -3.435  1.367   1.00 29.60 ? 100 PHE A CG    1 
ATOM   781  C CD1   . PHE A 1 100 ? 0.491   -3.614  2.638   1.00 29.01 ? 100 PHE A CD1   1 
ATOM   782  C CD2   . PHE A 1 100 ? 0.342   -2.328  0.616   1.00 29.99 ? 100 PHE A CD2   1 
ATOM   783  C CE1   . PHE A 1 100 ? 1.410   -2.698  3.160   1.00 27.40 ? 100 PHE A CE1   1 
ATOM   784  C CE2   . PHE A 1 100 ? 1.261   -1.406  1.125   1.00 27.32 ? 100 PHE A CE2   1 
ATOM   785  C CZ    . PHE A 1 100 ? 1.793   -1.591  2.400   1.00 28.51 ? 100 PHE A CZ    1 
ATOM   786  N N     . PHE A 1 101 ? -1.505  -7.806  0.453   1.00 32.92 ? 101 PHE A N     1 
ATOM   787  C CA    . PHE A 1 101 ? -2.500  -8.866  0.327   1.00 33.41 ? 101 PHE A CA    1 
ATOM   788  C C     . PHE A 1 101 ? -3.063  -9.237  1.695   1.00 33.13 ? 101 PHE A C     1 
ATOM   789  O O     . PHE A 1 101 ? -2.509  -8.897  2.742   1.00 31.71 ? 101 PHE A O     1 
ATOM   790  C CB    . PHE A 1 101 ? -1.901  -10.135 -0.294  1.00 34.50 ? 101 PHE A CB    1 
ATOM   791  C CG    . PHE A 1 101 ? -1.426  -9.967  -1.708  1.00 35.61 ? 101 PHE A CG    1 
ATOM   792  C CD1   . PHE A 1 101 ? -0.182  -9.401  -1.978  1.00 36.37 ? 101 PHE A CD1   1 
ATOM   793  C CD2   . PHE A 1 101 ? -2.211  -10.399 -2.770  1.00 36.24 ? 101 PHE A CD2   1 
ATOM   794  C CE1   . PHE A 1 101 ? 0.279   -9.272  -3.293  1.00 37.03 ? 101 PHE A CE1   1 
ATOM   795  C CE2   . PHE A 1 101 ? -1.762  -10.276 -4.086  1.00 36.48 ? 101 PHE A CE2   1 
ATOM   796  C CZ    . PHE A 1 101 ? -0.514  -9.712  -4.347  1.00 36.83 ? 101 PHE A CZ    1 
ATOM   797  N N     . GLU A 1 102 ? -4.168  -9.966  1.667   1.00 33.70 ? 102 GLU A N     1 
ATOM   798  C CA    . GLU A 1 102 ? -4.820  -10.413 2.878   1.00 33.72 ? 102 GLU A CA    1 
ATOM   799  C C     . GLU A 1 102 ? -5.095  -11.904 2.669   1.00 33.94 ? 102 GLU A C     1 
ATOM   800  O O     . GLU A 1 102 ? -5.741  -12.306 1.698   1.00 34.66 ? 102 GLU A O     1 
ATOM   801  C CB    . GLU A 1 102 ? -6.107  -9.612  3.064   1.00 34.05 ? 102 GLU A CB    1 
ATOM   802  C CG    . GLU A 1 102 ? -6.636  -9.553  4.477   1.00 36.90 ? 102 GLU A CG    1 
ATOM   803  C CD    . GLU A 1 102 ? -5.628  -9.055  5.507   1.00 36.72 ? 102 GLU A CD    1 
ATOM   804  O OE1   . GLU A 1 102 ? -4.830  -8.143  5.218   1.00 35.97 ? 102 GLU A OE1   1 
ATOM   805  O OE2   . GLU A 1 102 ? -5.655  -9.574  6.635   1.00 39.11 ? 102 GLU A OE2   1 
ATOM   806  N N     . ASP A 1 103 ? -4.558  -12.725 3.561   1.00 33.96 ? 103 ASP A N     1 
ATOM   807  C CA    . ASP A 1 103 ? -4.731  -14.166 3.473   1.00 33.30 ? 103 ASP A CA    1 
ATOM   808  C C     . ASP A 1 103 ? -6.159  -14.504 3.870   1.00 33.36 ? 103 ASP A C     1 
ATOM   809  O O     . ASP A 1 103 ? -6.507  -14.468 5.053   1.00 33.44 ? 103 ASP A O     1 
ATOM   810  C CB    . ASP A 1 103 ? -3.748  -14.851 4.416   1.00 34.29 ? 103 ASP A CB    1 
ATOM   811  C CG    . ASP A 1 103 ? -3.828  -16.358 4.354   1.00 35.65 ? 103 ASP A CG    1 
ATOM   812  O OD1   . ASP A 1 103 ? -4.835  -16.893 3.836   1.00 36.43 ? 103 ASP A OD1   1 
ATOM   813  O OD2   . ASP A 1 103 ? -2.879  -17.007 4.843   1.00 34.91 ? 103 ASP A OD2   1 
ATOM   814  N N     . GLN A 1 104 ? -6.978  -14.838 2.877   1.00 33.21 ? 104 GLN A N     1 
ATOM   815  C CA    . GLN A 1 104 ? -8.384  -15.166 3.106   1.00 33.44 ? 104 GLN A CA    1 
ATOM   816  C C     . GLN A 1 104 ? -8.611  -16.494 3.826   1.00 34.05 ? 104 GLN A C     1 
ATOM   817  O O     . GLN A 1 104 ? -9.622  -16.674 4.511   1.00 35.03 ? 104 GLN A O     1 
ATOM   818  C CB    . GLN A 1 104 ? -9.141  -15.160 1.777   1.00 32.79 ? 104 GLN A CB    1 
ATOM   819  C CG    . GLN A 1 104 ? -9.096  -13.818 1.077   1.00 33.95 ? 104 GLN A CG    1 
ATOM   820  C CD    . GLN A 1 104 ? -9.760  -12.724 1.890   1.00 36.29 ? 104 GLN A CD    1 
ATOM   821  O OE1   . GLN A 1 104 ? -9.302  -11.579 1.903   1.00 38.80 ? 104 GLN A OE1   1 
ATOM   822  N NE2   . GLN A 1 104 ? -10.852 -13.068 2.567   1.00 35.85 ? 104 GLN A NE2   1 
ATOM   823  N N     . ALA A 1 105 ? -7.682  -17.430 3.674   1.00 32.85 ? 105 ALA A N     1 
ATOM   824  C CA    . ALA A 1 105 ? -7.829  -18.711 4.346   1.00 33.03 ? 105 ALA A CA    1 
ATOM   825  C C     . ALA A 1 105 ? -7.754  -18.491 5.861   1.00 33.00 ? 105 ALA A C     1 
ATOM   826  O O     . ALA A 1 105 ? -8.438  -19.167 6.632   1.00 33.09 ? 105 ALA A O     1 
ATOM   827  C CB    . ALA A 1 105 ? -6.738  -19.663 3.888   1.00 32.06 ? 105 ALA A CB    1 
ATOM   828  N N     . THR A 1 106 ? -6.924  -17.532 6.273   1.00 33.94 ? 106 THR A N     1 
ATOM   829  C CA    . THR A 1 106 ? -6.742  -17.190 7.689   1.00 34.97 ? 106 THR A CA    1 
ATOM   830  C C     . THR A 1 106 ? -8.018  -16.579 8.258   1.00 34.99 ? 106 THR A C     1 
ATOM   831  O O     . THR A 1 106 ? -8.466  -16.948 9.345   1.00 35.33 ? 106 THR A O     1 
ATOM   832  C CB    . THR A 1 106 ? -5.593  -16.156 7.898   1.00 35.83 ? 106 THR A CB    1 
ATOM   833  O OG1   . THR A 1 106 ? -4.361  -16.679 7.386   1.00 35.45 ? 106 THR A OG1   1 
ATOM   834  C CG2   . THR A 1 106 ? -5.427  -15.833 9.382   1.00 34.43 ? 106 THR A CG2   1 
ATOM   835  N N     . VAL A 1 107 ? -8.589  -15.631 7.521   1.00 35.04 ? 107 VAL A N     1 
ATOM   836  C CA    . VAL A 1 107 ? -9.814  -14.973 7.944   1.00 35.76 ? 107 VAL A CA    1 
ATOM   837  C C     . VAL A 1 107 ? -10.903 -16.030 8.121   1.00 37.81 ? 107 VAL A C     1 
ATOM   838  O O     . VAL A 1 107 ? -11.583 -16.067 9.146   1.00 37.38 ? 107 VAL A O     1 
ATOM   839  C CB    . VAL A 1 107 ? -10.285 -13.935 6.897   1.00 34.93 ? 107 VAL A CB    1 
ATOM   840  C CG1   . VAL A 1 107 ? -11.504 -13.186 7.421   1.00 33.54 ? 107 VAL A CG1   1 
ATOM   841  C CG2   . VAL A 1 107 ? -9.152  -12.969 6.564   1.00 32.43 ? 107 VAL A CG2   1 
ATOM   842  N N     . GLU A 1 108 ? -11.048 -16.892 7.116   1.00 40.18 ? 108 GLU A N     1 
ATOM   843  C CA    . GLU A 1 108 ? -12.047 -17.957 7.135   1.00 41.70 ? 108 GLU A CA    1 
ATOM   844  C C     . GLU A 1 108 ? -11.858 -18.910 8.300   1.00 41.17 ? 108 GLU A C     1 
ATOM   845  O O     . GLU A 1 108 ? -12.831 -19.371 8.894   1.00 41.95 ? 108 GLU A O     1 
ATOM   846  C CB    . GLU A 1 108 ? -12.002 -18.733 5.823   1.00 44.28 ? 108 GLU A CB    1 
ATOM   847  C CG    . GLU A 1 108 ? -12.699 -18.019 4.683   1.00 50.93 ? 108 GLU A CG    1 
ATOM   848  C CD    . GLU A 1 108 ? -12.110 -18.359 3.323   1.00 54.56 ? 108 GLU A CD    1 
ATOM   849  O OE1   . GLU A 1 108 ? -11.687 -19.522 3.128   1.00 57.91 ? 108 GLU A OE1   1 
ATOM   850  O OE2   . GLU A 1 108 ? -12.080 -17.462 2.447   1.00 55.06 ? 108 GLU A OE2   1 
ATOM   851  N N     . LYS A 1 109 ? -10.611 -19.217 8.632   1.00 40.79 ? 109 LYS A N     1 
ATOM   852  C CA    . LYS A 1 109 ? -10.363 -20.119 9.748   1.00 41.92 ? 109 LYS A CA    1 
ATOM   853  C C     . LYS A 1 109 ? -10.706 -19.444 11.077  1.00 41.53 ? 109 LYS A C     1 
ATOM   854  O O     . LYS A 1 109 ? -11.298 -20.063 11.970  1.00 42.10 ? 109 LYS A O     1 
ATOM   855  C CB    . LYS A 1 109 ? -8.905  -20.575 9.759   1.00 42.43 ? 109 LYS A CB    1 
ATOM   856  C CG    . LYS A 1 109 ? -8.530  -21.394 10.989  1.00 43.33 ? 109 LYS A CG    1 
ATOM   857  C CD    . LYS A 1 109 ? -9.384  -22.647 11.129  1.00 43.72 ? 109 LYS A CD    1 
ATOM   858  C CE    . LYS A 1 109 ? -9.182  -23.584 9.954   1.00 45.83 ? 109 LYS A CE    1 
ATOM   859  N NZ    . LYS A 1 109 ? -9.854  -24.893 10.174  1.00 47.82 ? 109 LYS A NZ    1 
ATOM   860  N N     . MET A 1 110 ? -10.333 -18.175 11.204  1.00 40.06 ? 110 MET A N     1 
ATOM   861  C CA    . MET A 1 110 ? -10.621 -17.436 12.419  1.00 38.85 ? 110 MET A CA    1 
ATOM   862  C C     . MET A 1 110 ? -12.130 -17.297 12.619  1.00 39.81 ? 110 MET A C     1 
ATOM   863  O O     . MET A 1 110 ? -12.608 -17.203 13.753  1.00 38.96 ? 110 MET A O     1 
ATOM   864  C CB    . MET A 1 110 ? -9.944  -16.063 12.373  1.00 36.12 ? 110 MET A CB    1 
ATOM   865  C CG    . MET A 1 110 ? -8.431  -16.134 12.578  1.00 32.29 ? 110 MET A CG    1 
ATOM   866  S SD    . MET A 1 110 ? -7.994  -17.054 14.081  1.00 29.11 ? 110 MET A SD    1 
ATOM   867  C CE    . MET A 1 110 ? -8.846  -16.102 15.297  1.00 26.12 ? 110 MET A CE    1 
ATOM   868  N N     . GLN A 1 111 ? -12.877 -17.294 11.516  1.00 41.26 ? 111 GLN A N     1 
ATOM   869  C CA    . GLN A 1 111 ? -14.335 -17.200 11.574  1.00 42.99 ? 111 GLN A CA    1 
ATOM   870  C C     . GLN A 1 111 ? -14.882 -18.493 12.157  1.00 45.97 ? 111 GLN A C     1 
ATOM   871  O O     . GLN A 1 111 ? -15.976 -18.523 12.726  1.00 47.26 ? 111 GLN A O     1 
ATOM   872  C CB    . GLN A 1 111 ? -14.930 -17.000 10.183  1.00 40.61 ? 111 GLN A CB    1 
ATOM   873  C CG    . GLN A 1 111 ? -14.728 -15.626 9.612   1.00 39.03 ? 111 GLN A CG    1 
ATOM   874  C CD    . GLN A 1 111 ? -15.236 -15.524 8.196   1.00 37.72 ? 111 GLN A CD    1 
ATOM   875  O OE1   . GLN A 1 111 ? -14.779 -16.246 7.311   1.00 38.79 ? 111 GLN A OE1   1 
ATOM   876  N NE2   . GLN A 1 111 ? -16.188 -14.629 7.971   1.00 35.37 ? 111 GLN A NE2   1 
ATOM   877  N N     . GLU A 1 112 ? -14.118 -19.566 12.003  1.00 48.17 ? 112 GLU A N     1 
ATOM   878  C CA    . GLU A 1 112 ? -14.525 -20.853 12.533  1.00 50.51 ? 112 GLU A CA    1 
ATOM   879  C C     . GLU A 1 112 ? -14.152 -20.958 14.002  1.00 50.03 ? 112 GLU A C     1 
ATOM   880  O O     . GLU A 1 112 ? -14.953 -21.405 14.819  1.00 49.96 ? 112 GLU A O     1 
ATOM   881  C CB    . GLU A 1 112 ? -13.850 -21.966 11.754  1.00 54.15 ? 112 GLU A CB    1 
ATOM   882  C CG    . GLU A 1 112 ? -14.263 -22.006 10.311  1.00 60.43 ? 112 GLU A CG    1 
ATOM   883  C CD    . GLU A 1 112 ? -13.591 -23.136 9.573   1.00 64.98 ? 112 GLU A CD    1 
ATOM   884  O OE1   . GLU A 1 112 ? -13.650 -24.283 10.079  1.00 66.94 ? 112 GLU A OE1   1 
ATOM   885  O OE2   . GLU A 1 112 ? -13.009 -22.878 8.492   1.00 67.64 ? 112 GLU A OE2   1 
ATOM   886  N N     . ASN A 1 113 ? -12.936 -20.538 14.336  1.00 49.18 ? 113 ASN A N     1 
ATOM   887  C CA    . ASN A 1 113 ? -12.472 -20.603 15.715  1.00 48.71 ? 113 ASN A CA    1 
ATOM   888  C C     . ASN A 1 113 ? -13.207 -19.639 16.633  1.00 48.84 ? 113 ASN A C     1 
ATOM   889  O O     . ASN A 1 113 ? -13.421 -19.944 17.804  1.00 50.69 ? 113 ASN A O     1 
ATOM   890  C CB    . ASN A 1 113 ? -10.976 -20.313 15.800  1.00 48.90 ? 113 ASN A CB    1 
ATOM   891  C CG    . ASN A 1 113 ? -10.167 -21.181 14.874  1.00 50.38 ? 113 ASN A CG    1 
ATOM   892  O OD1   . ASN A 1 113 ? -10.494 -22.350 14.661  1.00 50.92 ? 113 ASN A OD1   1 
ATOM   893  N ND2   . ASN A 1 113 ? -9.093  -20.621 14.322  1.00 51.13 ? 113 ASN A ND2   1 
ATOM   894  N N     . ALA A 1 114 ? -13.585 -18.473 16.119  1.00 47.22 ? 114 ALA A N     1 
ATOM   895  C CA    . ALA A 1 114 ? -14.288 -17.494 16.942  1.00 46.75 ? 114 ALA A CA    1 
ATOM   896  C C     . ALA A 1 114 ? -15.608 -17.083 16.296  1.00 46.51 ? 114 ALA A C     1 
ATOM   897  O O     . ALA A 1 114 ? -15.825 -15.910 15.982  1.00 44.61 ? 114 ALA A O     1 
ATOM   898  C CB    . ALA A 1 114 ? -13.404 -16.277 17.167  1.00 46.38 ? 114 ALA A CB    1 
ATOM   899  N N     . PRO A 1 115 ? -16.520 -18.052 16.113  1.00 47.13 ? 115 PRO A N     1 
ATOM   900  C CA    . PRO A 1 115 ? -17.833 -17.828 15.503  1.00 48.13 ? 115 PRO A CA    1 
ATOM   901  C C     . PRO A 1 115 ? -18.600 -16.642 16.075  1.00 48.87 ? 115 PRO A C     1 
ATOM   902  O O     . PRO A 1 115 ? -19.474 -16.087 15.409  1.00 49.32 ? 115 PRO A O     1 
ATOM   903  C CB    . PRO A 1 115 ? -18.547 -19.159 15.728  1.00 47.35 ? 115 PRO A CB    1 
ATOM   904  C CG    . PRO A 1 115 ? -17.915 -19.670 16.972  1.00 46.70 ? 115 PRO A CG    1 
ATOM   905  C CD    . PRO A 1 115 ? -16.466 -19.387 16.725  1.00 46.79 ? 115 PRO A CD    1 
ATOM   906  N N     . LEU A 1 116 ? -18.270 -16.254 17.303  1.00 50.11 ? 116 LEU A N     1 
ATOM   907  C CA    . LEU A 1 116 ? -18.925 -15.117 17.944  1.00 51.75 ? 116 LEU A CA    1 
ATOM   908  C C     . LEU A 1 116 ? -18.576 -13.796 17.261  1.00 51.79 ? 116 LEU A C     1 
ATOM   909  O O     . LEU A 1 116 ? -19.252 -12.785 17.464  1.00 52.58 ? 116 LEU A O     1 
ATOM   910  C CB    . LEU A 1 116 ? -18.526 -15.031 19.417  1.00 52.87 ? 116 LEU A CB    1 
ATOM   911  C CG    . LEU A 1 116 ? -19.369 -15.824 20.417  1.00 57.03 ? 116 LEU A CG    1 
ATOM   912  C CD1   . LEU A 1 116 ? -19.506 -17.290 19.972  1.00 57.67 ? 116 LEU A CD1   1 
ATOM   913  C CD2   . LEU A 1 116 ? -18.714 -15.709 21.796  1.00 57.13 ? 116 LEU A CD2   1 
ATOM   914  N N     . TYR A 1 117 ? -17.523 -13.807 16.451  1.00 50.03 ? 117 TYR A N     1 
ATOM   915  C CA    . TYR A 1 117 ? -17.090 -12.605 15.757  1.00 47.70 ? 117 TYR A CA    1 
ATOM   916  C C     . TYR A 1 117 ? -16.969 -12.865 14.261  1.00 46.14 ? 117 TYR A C     1 
ATOM   917  O O     . TYR A 1 117 ? -16.378 -12.071 13.529  1.00 44.05 ? 117 TYR A O     1 
ATOM   918  C CB    . TYR A 1 117 ? -15.748 -12.152 16.332  1.00 47.32 ? 117 TYR A CB    1 
ATOM   919  C CG    . TYR A 1 117 ? -15.836 -11.650 17.758  1.00 48.30 ? 117 TYR A CG    1 
ATOM   920  C CD1   . TYR A 1 117 ? -16.336 -10.378 18.037  1.00 49.44 ? 117 TYR A CD1   1 
ATOM   921  C CD2   . TYR A 1 117 ? -15.401 -12.432 18.828  1.00 49.37 ? 117 TYR A CD2   1 
ATOM   922  C CE1   . TYR A 1 117 ? -16.395 -9.887  19.346  1.00 50.51 ? 117 TYR A CE1   1 
ATOM   923  C CE2   . TYR A 1 117 ? -15.459 -11.952 20.149  1.00 50.85 ? 117 TYR A CE2   1 
ATOM   924  C CZ    . TYR A 1 117 ? -15.953 -10.673 20.398  1.00 51.32 ? 117 TYR A CZ    1 
ATOM   925  O OH    . TYR A 1 117 ? -15.976 -10.160 21.684  1.00 52.27 ? 117 TYR A OH    1 
ATOM   926  N N     . LYS A 1 118 ? -17.555 -13.974 13.822  1.00 45.70 ? 118 LYS A N     1 
ATOM   927  C CA    . LYS A 1 118 ? -17.514 -14.391 12.426  1.00 47.01 ? 118 LYS A CA    1 
ATOM   928  C C     . LYS A 1 118 ? -17.841 -13.296 11.419  1.00 46.37 ? 118 LYS A C     1 
ATOM   929  O O     . LYS A 1 118 ? -17.285 -13.281 10.324  1.00 46.39 ? 118 LYS A O     1 
ATOM   930  C CB    . LYS A 1 118 ? -18.466 -15.570 12.203  1.00 50.43 ? 118 LYS A CB    1 
ATOM   931  C CG    . LYS A 1 118 ? -19.937 -15.195 12.258  1.00 55.28 ? 118 LYS A CG    1 
ATOM   932  C CD    . LYS A 1 118 ? -20.841 -16.404 12.071  1.00 59.45 ? 118 LYS A CD    1 
ATOM   933  C CE    . LYS A 1 118 ? -22.316 -15.993 12.023  1.00 62.42 ? 118 LYS A CE    1 
ATOM   934  N NZ    . LYS A 1 118 ? -22.767 -15.262 13.249  1.00 63.57 ? 118 LYS A NZ    1 
ATOM   935  N N     . ASP A 1 119 ? -18.740 -12.385 11.782  1.00 46.19 ? 119 ASP A N     1 
ATOM   936  C CA    . ASP A 1 119 ? -19.128 -11.300 10.882  1.00 45.78 ? 119 ASP A CA    1 
ATOM   937  C C     . ASP A 1 119 ? -18.154 -10.140 10.886  1.00 43.11 ? 119 ASP A C     1 
ATOM   938  O O     . ASP A 1 119 ? -18.130 -9.347  9.950   1.00 42.16 ? 119 ASP A O     1 
ATOM   939  C CB    . ASP A 1 119 ? -20.513 -10.766 11.246  1.00 49.91 ? 119 ASP A CB    1 
ATOM   940  C CG    . ASP A 1 119 ? -21.585 -11.821 11.134  1.00 55.51 ? 119 ASP A CG    1 
ATOM   941  O OD1   . ASP A 1 119 ? -21.674 -12.472 10.066  1.00 57.21 ? 119 ASP A OD1   1 
ATOM   942  O OD2   . ASP A 1 119 ? -22.341 -11.997 12.114  1.00 60.22 ? 119 ASP A OD2   1 
ATOM   943  N N     . GLN A 1 120 ? -17.354 -10.036 11.938  1.00 40.87 ? 120 GLN A N     1 
ATOM   944  C CA    . GLN A 1 120 ? -16.405 -8.943  12.034  1.00 39.34 ? 120 GLN A CA    1 
ATOM   945  C C     . GLN A 1 120 ? -15.046 -9.225  11.379  1.00 38.48 ? 120 GLN A C     1 
ATOM   946  O O     . GLN A 1 120 ? -14.424 -8.311  10.828  1.00 38.42 ? 120 GLN A O     1 
ATOM   947  C CB    . GLN A 1 120 ? -16.242 -8.543  13.507  1.00 39.98 ? 120 GLN A CB    1 
ATOM   948  C CG    . GLN A 1 120 ? -17.577 -8.169  14.176  1.00 39.95 ? 120 GLN A CG    1 
ATOM   949  C CD    . GLN A 1 120 ? -17.443 -7.098  15.258  1.00 41.12 ? 120 GLN A CD    1 
ATOM   950  O OE1   . GLN A 1 120 ? -16.861 -6.034  15.030  1.00 41.97 ? 120 GLN A OE1   1 
ATOM   951  N NE2   . GLN A 1 120 ? -17.996 -7.371  16.437  1.00 39.79 ? 120 GLN A NE2   1 
ATOM   952  N N     . PHE A 1 121 ? -14.603 -10.484 11.409  1.00 37.36 ? 121 PHE A N     1 
ATOM   953  C CA    . PHE A 1 121 ? -13.312 -10.874 10.829  1.00 36.10 ? 121 PHE A CA    1 
ATOM   954  C C     . PHE A 1 121 ? -13.028 -10.373 9.423   1.00 36.67 ? 121 PHE A C     1 
ATOM   955  O O     . PHE A 1 121 ? -11.894 -10.018 9.106   1.00 38.52 ? 121 PHE A O     1 
ATOM   956  C CB    . PHE A 1 121 ? -13.152 -12.388 10.865  1.00 34.60 ? 121 PHE A CB    1 
ATOM   957  C CG    . PHE A 1 121 ? -12.763 -12.908 12.217  1.00 35.79 ? 121 PHE A CG    1 
ATOM   958  C CD1   . PHE A 1 121 ? -11.557 -12.529 12.795  1.00 34.62 ? 121 PHE A CD1   1 
ATOM   959  C CD2   . PHE A 1 121 ? -13.610 -13.749 12.930  1.00 35.21 ? 121 PHE A CD2   1 
ATOM   960  C CE1   . PHE A 1 121 ? -11.199 -12.975 14.059  1.00 34.37 ? 121 PHE A CE1   1 
ATOM   961  C CE2   . PHE A 1 121 ? -13.259 -14.200 14.199  1.00 35.37 ? 121 PHE A CE2   1 
ATOM   962  C CZ    . PHE A 1 121 ? -12.050 -13.811 14.764  1.00 34.91 ? 121 PHE A CZ    1 
ATOM   963  N N     . PRO A 1 122 ? -14.044 -10.362 8.548   1.00 36.43 ? 122 PRO A N     1 
ATOM   964  C CA    . PRO A 1 122 ? -13.832 -9.878  7.179   1.00 34.59 ? 122 PRO A CA    1 
ATOM   965  C C     . PRO A 1 122 ? -13.434 -8.398  7.157   1.00 33.90 ? 122 PRO A C     1 
ATOM   966  O O     . PRO A 1 122 ? -12.683 -7.956  6.283   1.00 33.34 ? 122 PRO A O     1 
ATOM   967  C CB    . PRO A 1 122 ? -15.186 -10.118 6.525   1.00 34.93 ? 122 PRO A CB    1 
ATOM   968  C CG    . PRO A 1 122 ? -15.672 -11.353 7.227   1.00 34.41 ? 122 PRO A CG    1 
ATOM   969  C CD    . PRO A 1 122 ? -15.336 -11.065 8.667   1.00 34.20 ? 122 PRO A CD    1 
ATOM   970  N N     . PHE A 1 123 ? -13.949 -7.645  8.126   1.00 32.68 ? 123 PHE A N     1 
ATOM   971  C CA    . PHE A 1 123 ? -13.668 -6.217  8.234   1.00 33.19 ? 123 PHE A CA    1 
ATOM   972  C C     . PHE A 1 123 ? -12.378 -5.968  8.985   1.00 31.91 ? 123 PHE A C     1 
ATOM   973  O O     . PHE A 1 123 ? -11.622 -5.064  8.640   1.00 30.65 ? 123 PHE A O     1 
ATOM   974  C CB    . PHE A 1 123 ? -14.817 -5.493  8.943   1.00 35.08 ? 123 PHE A CB    1 
ATOM   975  C CG    . PHE A 1 123 ? -16.107 -5.536  8.188   1.00 36.26 ? 123 PHE A CG    1 
ATOM   976  C CD1   . PHE A 1 123 ? -16.196 -4.989  6.909   1.00 37.86 ? 123 PHE A CD1   1 
ATOM   977  C CD2   . PHE A 1 123 ? -17.223 -6.159  8.729   1.00 37.17 ? 123 PHE A CD2   1 
ATOM   978  C CE1   . PHE A 1 123 ? -17.378 -5.067  6.175   1.00 37.05 ? 123 PHE A CE1   1 
ATOM   979  C CE2   . PHE A 1 123 ? -18.411 -6.241  8.006   1.00 38.32 ? 123 PHE A CE2   1 
ATOM   980  C CZ    . PHE A 1 123 ? -18.486 -5.694  6.723   1.00 36.87 ? 123 PHE A CZ    1 
ATOM   981  N N     . TRP A 1 124 ? -12.144 -6.766  10.023  1.00 31.27 ? 124 TRP A N     1 
ATOM   982  C CA    . TRP A 1 124 ? -10.928 -6.661  10.824  1.00 31.47 ? 124 TRP A CA    1 
ATOM   983  C C     . TRP A 1 124 ? -9.726  -6.987  9.947   1.00 31.53 ? 124 TRP A C     1 
ATOM   984  O O     . TRP A 1 124 ? -8.593  -6.584  10.222  1.00 30.94 ? 124 TRP A O     1 
ATOM   985  C CB    . TRP A 1 124 ? -10.998 -7.627  12.000  1.00 30.69 ? 124 TRP A CB    1 
ATOM   986  C CG    . TRP A 1 124 ? -11.970 -7.202  13.021  1.00 31.00 ? 124 TRP A CG    1 
ATOM   987  C CD1   . TRP A 1 124 ? -12.540 -5.967  13.142  1.00 31.46 ? 124 TRP A CD1   1 
ATOM   988  C CD2   . TRP A 1 124 ? -12.444 -7.975  14.126  1.00 33.46 ? 124 TRP A CD2   1 
ATOM   989  N NE1   . TRP A 1 124 ? -13.337 -5.918  14.261  1.00 33.84 ? 124 TRP A NE1   1 
ATOM   990  C CE2   . TRP A 1 124 ? -13.297 -7.138  14.885  1.00 33.60 ? 124 TRP A CE2   1 
ATOM   991  C CE3   . TRP A 1 124 ? -12.230 -9.294  14.554  1.00 34.19 ? 124 TRP A CE3   1 
ATOM   992  C CZ2   . TRP A 1 124 ? -13.937 -7.576  16.052  1.00 33.73 ? 124 TRP A CZ2   1 
ATOM   993  C CZ3   . TRP A 1 124 ? -12.867 -9.732  15.718  1.00 33.83 ? 124 TRP A CZ3   1 
ATOM   994  C CH2   . TRP A 1 124 ? -13.710 -8.870  16.452  1.00 34.72 ? 124 TRP A CH2   1 
ATOM   995  N N     . SER A 1 125 ? -10.007 -7.734  8.889   1.00 31.72 ? 125 SER A N     1 
ATOM   996  C CA    . SER A 1 125 ? -9.022  -8.132  7.908   1.00 31.28 ? 125 SER A CA    1 
ATOM   997  C C     . SER A 1 125 ? -8.564  -6.848  7.217   1.00 31.62 ? 125 SER A C     1 
ATOM   998  O O     . SER A 1 125 ? -7.366  -6.582  7.100   1.00 32.38 ? 125 SER A O     1 
ATOM   999  C CB    . SER A 1 125 ? -9.683  -9.079  6.909   1.00 32.36 ? 125 SER A CB    1 
ATOM   1000 O OG    . SER A 1 125 ? -8.783  -9.495  5.913   1.00 35.00 ? 125 SER A OG    1 
ATOM   1001 N N     . HIS A 1 126 ? -9.525  -6.046  6.768   1.00 31.30 ? 126 HIS A N     1 
ATOM   1002 C CA    . HIS A 1 126 ? -9.205  -4.784  6.113   1.00 31.53 ? 126 HIS A CA    1 
ATOM   1003 C C     . HIS A 1 126 ? -8.596  -3.790  7.088   1.00 32.34 ? 126 HIS A C     1 
ATOM   1004 O O     . HIS A 1 126 ? -7.727  -2.995  6.724   1.00 32.68 ? 126 HIS A O     1 
ATOM   1005 C CB    . HIS A 1 126 ? -10.449 -4.162  5.489   1.00 30.86 ? 126 HIS A CB    1 
ATOM   1006 C CG    . HIS A 1 126 ? -10.762 -4.687  4.125   1.00 33.21 ? 126 HIS A CG    1 
ATOM   1007 N ND1   . HIS A 1 126 ? -11.516 -5.823  3.916   1.00 33.98 ? 126 HIS A ND1   1 
ATOM   1008 C CD2   . HIS A 1 126 ? -10.398 -4.245  2.897   1.00 31.32 ? 126 HIS A CD2   1 
ATOM   1009 C CE1   . HIS A 1 126 ? -11.605 -6.055  2.619   1.00 33.99 ? 126 HIS A CE1   1 
ATOM   1010 N NE2   . HIS A 1 126 ? -10.936 -5.113  1.980   1.00 33.40 ? 126 HIS A NE2   1 
ATOM   1011 N N     . GLN A 1 127 ? -9.065  -3.826  8.329   1.00 31.82 ? 127 GLN A N     1 
ATOM   1012 C CA    . GLN A 1 127 ? -8.553  -2.926  9.346   1.00 32.12 ? 127 GLN A CA    1 
ATOM   1013 C C     . GLN A 1 127 ? -7.086  -3.228  9.623   1.00 33.45 ? 127 GLN A C     1 
ATOM   1014 O O     . GLN A 1 127 ? -6.240  -2.329  9.600   1.00 33.21 ? 127 GLN A O     1 
ATOM   1015 C CB    . GLN A 1 127 ? -9.377  -3.068  10.625  1.00 31.42 ? 127 GLN A CB    1 
ATOM   1016 C CG    . GLN A 1 127 ? -10.714 -2.353  10.557  1.00 31.95 ? 127 GLN A CG    1 
ATOM   1017 C CD    . GLN A 1 127 ? -11.601 -2.662  11.743  1.00 33.69 ? 127 GLN A CD    1 
ATOM   1018 O OE1   . GLN A 1 127 ? -11.112 -2.957  12.838  1.00 31.68 ? 127 GLN A OE1   1 
ATOM   1019 N NE2   . GLN A 1 127 ? -12.916 -2.579  11.540  1.00 34.26 ? 127 GLN A NE2   1 
ATOM   1020 N N     . GLY A 1 128 ? -6.788  -4.501  9.867   1.00 33.41 ? 128 GLY A N     1 
ATOM   1021 C CA    . GLY A 1 128 ? -5.423  -4.895  10.145  1.00 32.41 ? 128 GLY A CA    1 
ATOM   1022 C C     . GLY A 1 128 ? -4.471  -4.535  9.024   1.00 33.24 ? 128 GLY A C     1 
ATOM   1023 O O     . GLY A 1 128 ? -3.359  -4.062  9.283   1.00 34.84 ? 128 GLY A O     1 
ATOM   1024 N N     . ASN A 1 129 ? -4.902  -4.743  7.781   1.00 32.10 ? 129 ASN A N     1 
ATOM   1025 C CA    . ASN A 1 129 ? -4.056  -4.461  6.624   1.00 30.69 ? 129 ASN A CA    1 
ATOM   1026 C C     . ASN A 1 129 ? -3.843  -2.962  6.451   1.00 30.78 ? 129 ASN A C     1 
ATOM   1027 O O     . ASN A 1 129 ? -2.782  -2.521  6.005   1.00 29.63 ? 129 ASN A O     1 
ATOM   1028 C CB    . ASN A 1 129 ? -4.685  -5.066  5.367   1.00 31.72 ? 129 ASN A CB    1 
ATOM   1029 C CG    . ASN A 1 129 ? -3.660  -5.357  4.276   1.00 33.59 ? 129 ASN A CG    1 
ATOM   1030 O OD1   . ASN A 1 129 ? -3.251  -4.469  3.534   1.00 35.74 ? 129 ASN A OD1   1 
ATOM   1031 N ND2   . ASN A 1 129 ? -3.235  -6.610  4.188   1.00 32.82 ? 129 ASN A ND2   1 
ATOM   1032 N N     . ALA A 1 130 ? -4.859  -2.184  6.815   1.00 30.83 ? 130 ALA A N     1 
ATOM   1033 C CA    . ALA A 1 130 ? -4.798  -0.731  6.716   1.00 28.48 ? 130 ALA A CA    1 
ATOM   1034 C C     . ALA A 1 130 ? -3.805  -0.188  7.727   1.00 27.40 ? 130 ALA A C     1 
ATOM   1035 O O     . ALA A 1 130 ? -3.001  0.673   7.399   1.00 27.90 ? 130 ALA A O     1 
ATOM   1036 C CB    . ALA A 1 130 ? -6.175  -0.128  6.959   1.00 27.96 ? 130 ALA A CB    1 
ATOM   1037 N N     . MET A 1 131 ? -3.872  -0.686  8.960   1.00 29.05 ? 131 MET A N     1 
ATOM   1038 C CA    . MET A 1 131 ? -2.950  -0.259  10.018  1.00 29.14 ? 131 MET A CA    1 
ATOM   1039 C C     . MET A 1 131 ? -1.519  -0.527  9.558   1.00 31.00 ? 131 MET A C     1 
ATOM   1040 O O     . MET A 1 131 ? -0.626  0.299   9.743   1.00 32.01 ? 131 MET A O     1 
ATOM   1041 C CB    . MET A 1 131 ? -3.220  -1.027  11.316  1.00 26.14 ? 131 MET A CB    1 
ATOM   1042 C CG    . MET A 1 131 ? -4.578  -0.766  11.940  1.00 22.06 ? 131 MET A CG    1 
ATOM   1043 S SD    . MET A 1 131 ? -4.798  -1.715  13.452  1.00 17.30 ? 131 MET A SD    1 
ATOM   1044 C CE    . MET A 1 131 ? -6.373  -1.090  13.972  1.00 21.11 ? 131 MET A CE    1 
ATOM   1045 N N     . LEU A 1 132 ? -1.314  -1.687  8.944   1.00 33.15 ? 132 LEU A N     1 
ATOM   1046 C CA    . LEU A 1 132 ? -0.003  -2.078  8.430   1.00 34.14 ? 132 LEU A CA    1 
ATOM   1047 C C     . LEU A 1 132 ? 0.426   -1.171  7.277   1.00 35.03 ? 132 LEU A C     1 
ATOM   1048 O O     . LEU A 1 132 ? 1.566   -0.706  7.229   1.00 36.64 ? 132 LEU A O     1 
ATOM   1049 C CB    . LEU A 1 132 ? -0.049  -3.529  7.950   1.00 32.78 ? 132 LEU A CB    1 
ATOM   1050 C CG    . LEU A 1 132 ? 1.217   -4.081  7.307   1.00 31.75 ? 132 LEU A CG    1 
ATOM   1051 C CD1   . LEU A 1 132 ? 2.342   -4.102  8.334   1.00 30.81 ? 132 LEU A CD1   1 
ATOM   1052 C CD2   . LEU A 1 132 ? 0.931   -5.482  6.763   1.00 30.51 ? 132 LEU A CD2   1 
ATOM   1053 N N     . GLN A 1 133 ? -0.492  -0.929  6.346   1.00 34.82 ? 133 GLN A N     1 
ATOM   1054 C CA    . GLN A 1 133 ? -0.212  -0.072  5.201   1.00 34.21 ? 133 GLN A CA    1 
ATOM   1055 C C     . GLN A 1 133 ? 0.226   1.302   5.672   1.00 34.46 ? 133 GLN A C     1 
ATOM   1056 O O     . GLN A 1 133 ? 1.227   1.839   5.196   1.00 34.45 ? 133 GLN A O     1 
ATOM   1057 C CB    . GLN A 1 133 ? -1.461  0.089   4.332   1.00 34.55 ? 133 GLN A CB    1 
ATOM   1058 C CG    . GLN A 1 133 ? -1.791  -1.074  3.414   1.00 35.35 ? 133 GLN A CG    1 
ATOM   1059 C CD    . GLN A 1 133 ? -3.136  -0.885  2.727   1.00 37.28 ? 133 GLN A CD    1 
ATOM   1060 O OE1   . GLN A 1 133 ? -3.512  0.236   2.384   1.00 38.48 ? 133 GLN A OE1   1 
ATOM   1061 N NE2   . GLN A 1 133 ? -3.861  -1.981  2.513   1.00 37.96 ? 133 GLN A NE2   1 
ATOM   1062 N N     . HIS A 1 134 ? -0.537  1.867   6.607   1.00 34.36 ? 134 HIS A N     1 
ATOM   1063 C CA    . HIS A 1 134 ? -0.254  3.193   7.138   1.00 33.49 ? 134 HIS A CA    1 
ATOM   1064 C C     . HIS A 1 134 ? 1.082   3.265   7.856   1.00 34.35 ? 134 HIS A C     1 
ATOM   1065 O O     . HIS A 1 134 ? 1.793   4.259   7.742   1.00 34.98 ? 134 HIS A O     1 
ATOM   1066 C CB    . HIS A 1 134 ? -1.356  3.644   8.097   1.00 32.38 ? 134 HIS A CB    1 
ATOM   1067 C CG    . HIS A 1 134 ? -1.191  5.057   8.571   1.00 33.29 ? 134 HIS A CG    1 
ATOM   1068 N ND1   . HIS A 1 134 ? -1.347  5.425   9.891   1.00 32.31 ? 134 HIS A ND1   1 
ATOM   1069 C CD2   . HIS A 1 134 ? -0.879  6.193   7.901   1.00 33.28 ? 134 HIS A CD2   1 
ATOM   1070 C CE1   . HIS A 1 134 ? -1.139  6.725   10.014  1.00 31.60 ? 134 HIS A CE1   1 
ATOM   1071 N NE2   . HIS A 1 134 ? -0.853  7.215   8.821   1.00 32.81 ? 134 HIS A NE2   1 
ATOM   1072 N N     . THR A 1 135 ? 1.423   2.222   8.602   1.00 35.69 ? 135 THR A N     1 
ATOM   1073 C CA    . THR A 1 135 ? 2.695   2.208   9.324   1.00 38.57 ? 135 THR A CA    1 
ATOM   1074 C C     . THR A 1 135 ? 3.865   2.249   8.338   1.00 38.66 ? 135 THR A C     1 
ATOM   1075 O O     . THR A 1 135 ? 4.805   3.030   8.504   1.00 38.70 ? 135 THR A O     1 
ATOM   1076 C CB    . THR A 1 135 ? 2.828   0.947   10.206  1.00 40.29 ? 135 THR A CB    1 
ATOM   1077 O OG1   . THR A 1 135 ? 1.717   0.882   11.110  1.00 41.43 ? 135 THR A OG1   1 
ATOM   1078 C CG2   . THR A 1 135 ? 4.133   0.987   11.010  1.00 39.55 ? 135 THR A CG2   1 
ATOM   1079 N N     . VAL A 1 136 ? 3.804   1.391   7.323   1.00 37.53 ? 136 VAL A N     1 
ATOM   1080 C CA    . VAL A 1 136 ? 4.830   1.342   6.292   1.00 36.94 ? 136 VAL A CA    1 
ATOM   1081 C C     . VAL A 1 136 ? 4.953   2.730   5.658   1.00 37.64 ? 136 VAL A C     1 
ATOM   1082 O O     . VAL A 1 136 ? 6.052   3.248   5.461   1.00 38.18 ? 136 VAL A O     1 
ATOM   1083 C CB    . VAL A 1 136 ? 4.449   0.330   5.189   1.00 36.35 ? 136 VAL A CB    1 
ATOM   1084 C CG1   . VAL A 1 136 ? 5.430   0.425   4.028   1.00 35.58 ? 136 VAL A CG1   1 
ATOM   1085 C CG2   . VAL A 1 136 ? 4.418   -1.077  5.763   1.00 34.31 ? 136 VAL A CG2   1 
ATOM   1086 N N     . TRP A 1 137 ? 3.809   3.329   5.350   1.00 36.94 ? 137 TRP A N     1 
ATOM   1087 C CA    . TRP A 1 137 ? 3.768   4.645   4.733   1.00 36.33 ? 137 TRP A CA    1 
ATOM   1088 C C     . TRP A 1 137 ? 4.530   5.683   5.559   1.00 36.38 ? 137 TRP A C     1 
ATOM   1089 O O     . TRP A 1 137 ? 5.375   6.408   5.028   1.00 34.23 ? 137 TRP A O     1 
ATOM   1090 C CB    . TRP A 1 137 ? 2.313   5.087   4.565   1.00 36.01 ? 137 TRP A CB    1 
ATOM   1091 C CG    . TRP A 1 137 ? 2.107   6.085   3.467   1.00 37.33 ? 137 TRP A CG    1 
ATOM   1092 C CD1   . TRP A 1 137 ? 3.073   6.801   2.811   1.00 37.24 ? 137 TRP A CD1   1 
ATOM   1093 C CD2   . TRP A 1 137 ? 0.853   6.495   2.907   1.00 37.05 ? 137 TRP A CD2   1 
ATOM   1094 N NE1   . TRP A 1 137 ? 2.495   7.631   1.879   1.00 38.25 ? 137 TRP A NE1   1 
ATOM   1095 C CE2   . TRP A 1 137 ? 1.134   7.466   1.918   1.00 37.83 ? 137 TRP A CE2   1 
ATOM   1096 C CE3   . TRP A 1 137 ? -0.482  6.137   3.147   1.00 34.69 ? 137 TRP A CE3   1 
ATOM   1097 C CZ2   . TRP A 1 137 ? 0.126   8.088   1.167   1.00 38.61 ? 137 TRP A CZ2   1 
ATOM   1098 C CZ3   . TRP A 1 137 ? -1.485  6.755   2.401   1.00 35.76 ? 137 TRP A CZ3   1 
ATOM   1099 C CH2   . TRP A 1 137 ? -1.174  7.720   1.422   1.00 37.14 ? 137 TRP A CH2   1 
ATOM   1100 N N     . MET A 1 138 ? 4.214   5.750   6.856   1.00 36.64 ? 138 MET A N     1 
ATOM   1101 C CA    . MET A 1 138 ? 4.854   6.696   7.776   1.00 36.02 ? 138 MET A CA    1 
ATOM   1102 C C     . MET A 1 138 ? 6.355   6.441   7.913   1.00 36.38 ? 138 MET A C     1 
ATOM   1103 O O     . MET A 1 138 ? 7.143   7.386   7.945   1.00 36.78 ? 138 MET A O     1 
ATOM   1104 C CB    . MET A 1 138 ? 4.213   6.638   9.176   1.00 34.39 ? 138 MET A CB    1 
ATOM   1105 C CG    . MET A 1 138 ? 2.864   7.341   9.317   1.00 29.32 ? 138 MET A CG    1 
ATOM   1106 S SD    . MET A 1 138 ? 2.367   7.529   11.049  1.00 26.32 ? 138 MET A SD    1 
ATOM   1107 C CE    . MET A 1 138 ? 2.146   5.837   11.525  1.00 25.25 ? 138 MET A CE    1 
ATOM   1108 N N     . LEU A 1 139 ? 6.737   5.169   8.004   1.00 35.89 ? 139 LEU A N     1 
ATOM   1109 C CA    . LEU A 1 139 ? 8.137   4.791   8.131   1.00 36.34 ? 139 LEU A CA    1 
ATOM   1110 C C     . LEU A 1 139 ? 8.941   5.222   6.907   1.00 38.08 ? 139 LEU A C     1 
ATOM   1111 O O     . LEU A 1 139 ? 10.040  5.765   7.040   1.00 38.95 ? 139 LEU A O     1 
ATOM   1112 C CB    . LEU A 1 139 ? 8.255   3.280   8.327   1.00 36.52 ? 139 LEU A CB    1 
ATOM   1113 C CG    . LEU A 1 139 ? 7.887   2.757   9.717   1.00 37.43 ? 139 LEU A CG    1 
ATOM   1114 C CD1   . LEU A 1 139 ? 7.812   1.235   9.708   1.00 37.92 ? 139 LEU A CD1   1 
ATOM   1115 C CD2   . LEU A 1 139 ? 8.925   3.232   10.719  1.00 37.87 ? 139 LEU A CD2   1 
ATOM   1116 N N     . LEU A 1 140 ? 8.395   4.975   5.718   1.00 38.82 ? 140 LEU A N     1 
ATOM   1117 C CA    . LEU A 1 140 ? 9.061   5.361   4.482   1.00 38.74 ? 140 LEU A CA    1 
ATOM   1118 C C     . LEU A 1 140 ? 9.248   6.869   4.460   1.00 39.14 ? 140 LEU A C     1 
ATOM   1119 O O     . LEU A 1 140 ? 10.339  7.355   4.203   1.00 40.13 ? 140 LEU A O     1 
ATOM   1120 C CB    . LEU A 1 140 ? 8.244   4.916   3.263   1.00 38.88 ? 140 LEU A CB    1 
ATOM   1121 C CG    . LEU A 1 140 ? 8.180   3.410   2.963   1.00 38.68 ? 140 LEU A CG    1 
ATOM   1122 C CD1   . LEU A 1 140 ? 7.234   3.139   1.798   1.00 36.64 ? 140 LEU A CD1   1 
ATOM   1123 C CD2   . LEU A 1 140 ? 9.572   2.899   2.640   1.00 37.48 ? 140 LEU A CD2   1 
ATOM   1124 N N     . SER A 1 141 ? 8.188   7.614   4.733   1.00 41.14 ? 141 SER A N     1 
ATOM   1125 C CA    . SER A 1 141 ? 8.292   9.067   4.743   1.00 44.72 ? 141 SER A CA    1 
ATOM   1126 C C     . SER A 1 141 ? 9.301   9.551   5.787   1.00 46.63 ? 141 SER A C     1 
ATOM   1127 O O     . SER A 1 141 ? 10.018  10.527  5.558   1.00 48.56 ? 141 SER A O     1 
ATOM   1128 C CB    . SER A 1 141 ? 6.928   9.701   5.016   1.00 44.55 ? 141 SER A CB    1 
ATOM   1129 O OG    . SER A 1 141 ? 6.032   9.426   3.955   1.00 49.23 ? 141 SER A OG    1 
ATOM   1130 N N     . ALA A 1 142 ? 9.351   8.877   6.933   1.00 46.70 ? 142 ALA A N     1 
ATOM   1131 C CA    . ALA A 1 142 ? 10.289  9.250   7.990   1.00 47.32 ? 142 ALA A CA    1 
ATOM   1132 C C     . ALA A 1 142 ? 11.719  9.103   7.476   1.00 47.74 ? 142 ALA A C     1 
ATOM   1133 O O     . ALA A 1 142 ? 12.630  9.776   7.943   1.00 49.83 ? 142 ALA A O     1 
ATOM   1134 C CB    . ALA A 1 142 ? 10.083  8.364   9.221   1.00 46.48 ? 142 ALA A CB    1 
ATOM   1135 N N     . GLU A 1 143 ? 11.905  8.219   6.506   1.00 47.08 ? 143 GLU A N     1 
ATOM   1136 C CA    . GLU A 1 143 ? 13.212  7.986   5.928   1.00 46.83 ? 143 GLU A CA    1 
ATOM   1137 C C     . GLU A 1 143 ? 13.417  8.767   4.637   1.00 46.55 ? 143 GLU A C     1 
ATOM   1138 O O     . GLU A 1 143 ? 14.320  8.455   3.866   1.00 46.77 ? 143 GLU A O     1 
ATOM   1139 C CB    . GLU A 1 143 ? 13.396  6.498   5.651   1.00 48.75 ? 143 GLU A CB    1 
ATOM   1140 C CG    . GLU A 1 143 ? 13.653  5.682   6.885   1.00 53.42 ? 143 GLU A CG    1 
ATOM   1141 C CD    . GLU A 1 143 ? 13.863  4.222   6.566   1.00 57.41 ? 143 GLU A CD    1 
ATOM   1142 O OE1   . GLU A 1 143 ? 14.311  3.928   5.437   1.00 57.94 ? 143 GLU A OE1   1 
ATOM   1143 O OE2   . GLU A 1 143 ? 13.596  3.369   7.445   1.00 60.85 ? 143 GLU A OE2   1 
ATOM   1144 N N     . GLY A 1 144 ? 12.573  9.765   4.396   1.00 46.16 ? 144 GLY A N     1 
ATOM   1145 C CA    . GLY A 1 144 ? 12.701  10.576  3.192   1.00 45.18 ? 144 GLY A CA    1 
ATOM   1146 C C     . GLY A 1 144 ? 12.347  9.891   1.881   1.00 45.09 ? 144 GLY A C     1 
ATOM   1147 O O     . GLY A 1 144 ? 12.804  10.294  0.805   1.00 44.83 ? 144 GLY A O     1 
ATOM   1148 N N     . ILE A 1 145 ? 11.529  8.850   1.961   1.00 44.40 ? 145 ILE A N     1 
ATOM   1149 C CA    . ILE A 1 145 ? 11.119  8.116   0.773   1.00 42.97 ? 145 ILE A CA    1 
ATOM   1150 C C     . ILE A 1 145 ? 9.664   8.442   0.443   1.00 44.05 ? 145 ILE A C     1 
ATOM   1151 O O     . ILE A 1 145 ? 8.767   8.203   1.257   1.00 46.30 ? 145 ILE A O     1 
ATOM   1152 C CB    . ILE A 1 145 ? 11.258  6.600   0.998   1.00 39.71 ? 145 ILE A CB    1 
ATOM   1153 C CG1   . ILE A 1 145 ? 12.703  6.269   1.355   1.00 38.19 ? 145 ILE A CG1   1 
ATOM   1154 C CG2   . ILE A 1 145 ? 10.828  5.844   -0.237  1.00 37.96 ? 145 ILE A CG2   1 
ATOM   1155 C CD1   . ILE A 1 145 ? 12.905  4.852   1.823   1.00 37.50 ? 145 ILE A CD1   1 
ATOM   1156 N N     . GLY A 1 146 ? 9.435   8.999   -0.744  1.00 43.80 ? 146 GLY A N     1 
ATOM   1157 C CA    . GLY A 1 146 ? 8.083   9.331   -1.159  1.00 40.67 ? 146 GLY A CA    1 
ATOM   1158 C C     . GLY A 1 146 ? 7.255   8.094   -1.480  1.00 40.10 ? 146 GLY A C     1 
ATOM   1159 O O     . GLY A 1 146 ? 7.770   7.093   -1.991  1.00 37.86 ? 146 GLY A O     1 
ATOM   1160 N N     . ALA A 1 147 ? 5.963   8.159   -1.171  1.00 39.77 ? 147 ALA A N     1 
ATOM   1161 C CA    . ALA A 1 147 ? 5.065   7.042   -1.434  1.00 38.64 ? 147 ALA A CA    1 
ATOM   1162 C C     . ALA A 1 147 ? 3.608   7.485   -1.517  1.00 37.36 ? 147 ALA A C     1 
ATOM   1163 O O     . ALA A 1 147 ? 3.235   8.580   -1.077  1.00 35.62 ? 147 ALA A O     1 
ATOM   1164 C CB    . ALA A 1 147 ? 5.218   5.976   -0.349  1.00 37.31 ? 147 ALA A CB    1 
ATOM   1165 N N     . SER A 1 148 ? 2.793   6.618   -2.103  1.00 36.12 ? 148 SER A N     1 
ATOM   1166 C CA    . SER A 1 148 ? 1.370   6.872   -2.234  1.00 35.07 ? 148 SER A CA    1 
ATOM   1167 C C     . SER A 1 148 ? 0.668   5.527   -2.175  1.00 33.23 ? 148 SER A C     1 
ATOM   1168 O O     . SER A 1 148 ? 1.307   4.486   -2.326  1.00 33.11 ? 148 SER A O     1 
ATOM   1169 C CB    . SER A 1 148 ? 1.055   7.588   -3.558  1.00 34.86 ? 148 SER A CB    1 
ATOM   1170 O OG    . SER A 1 148 ? 1.318   6.770   -4.683  1.00 35.63 ? 148 SER A OG    1 
ATOM   1171 N N     . LEU A 1 149 ? -0.636  5.551   -1.930  1.00 32.82 ? 149 LEU A N     1 
ATOM   1172 C CA    . LEU A 1 149 ? -1.423  4.324   -1.856  1.00 32.20 ? 149 LEU A CA    1 
ATOM   1173 C C     . LEU A 1 149 ? -2.357  4.254   -3.062  1.00 32.16 ? 149 LEU A C     1 
ATOM   1174 O O     . LEU A 1 149 ? -3.195  5.130   -3.255  1.00 31.57 ? 149 LEU A O     1 
ATOM   1175 C CB    . LEU A 1 149 ? -2.235  4.296   -0.562  1.00 30.33 ? 149 LEU A CB    1 
ATOM   1176 C CG    . LEU A 1 149 ? -3.119  3.062   -0.371  1.00 31.41 ? 149 LEU A CG    1 
ATOM   1177 C CD1   . LEU A 1 149 ? -2.279  1.785   -0.353  1.00 30.09 ? 149 LEU A CD1   1 
ATOM   1178 C CD2   . LEU A 1 149 ? -3.891  3.215   0.921   1.00 30.64 ? 149 LEU A CD2   1 
ATOM   1179 N N     . GLN A 1 150 ? -2.205  3.207   -3.870  1.00 31.91 ? 150 GLN A N     1 
ATOM   1180 C CA    . GLN A 1 150 ? -3.017  3.037   -5.070  1.00 31.61 ? 150 GLN A CA    1 
ATOM   1181 C C     . GLN A 1 150 ? -3.925  1.819   -5.004  1.00 32.11 ? 150 GLN A C     1 
ATOM   1182 O O     . GLN A 1 150 ? -3.691  0.901   -4.220  1.00 31.49 ? 150 GLN A O     1 
ATOM   1183 C CB    . GLN A 1 150 ? -2.108  2.930   -6.291  1.00 31.56 ? 150 GLN A CB    1 
ATOM   1184 C CG    . GLN A 1 150 ? -1.227  4.144   -6.491  1.00 30.63 ? 150 GLN A CG    1 
ATOM   1185 C CD    . GLN A 1 150 ? -2.029  5.424   -6.473  1.00 29.99 ? 150 GLN A CD    1 
ATOM   1186 O OE1   . GLN A 1 150 ? -3.148  5.470   -6.987  1.00 32.03 ? 150 GLN A OE1   1 
ATOM   1187 N NE2   . GLN A 1 150 ? -1.464  6.474   -5.890  1.00 29.43 ? 150 GLN A NE2   1 
ATOM   1188 N N     . HIS A 1 151 ? -4.968  1.816   -5.828  1.00 32.97 ? 151 HIS A N     1 
ATOM   1189 C CA    . HIS A 1 151 ? -5.900  0.699   -5.843  1.00 33.27 ? 151 HIS A CA    1 
ATOM   1190 C C     . HIS A 1 151 ? -6.313  0.300   -7.242  1.00 34.38 ? 151 HIS A C     1 
ATOM   1191 O O     . HIS A 1 151 ? -7.324  0.771   -7.764  1.00 35.11 ? 151 HIS A O     1 
ATOM   1192 C CB    . HIS A 1 151 ? -7.144  1.021   -5.010  1.00 31.64 ? 151 HIS A CB    1 
ATOM   1193 C CG    . HIS A 1 151 ? -6.870  1.109   -3.542  1.00 33.74 ? 151 HIS A CG    1 
ATOM   1194 N ND1   . HIS A 1 151 ? -6.439  2.268   -2.931  1.00 31.77 ? 151 HIS A ND1   1 
ATOM   1195 C CD2   . HIS A 1 151 ? -6.877  0.157   -2.578  1.00 33.68 ? 151 HIS A CD2   1 
ATOM   1196 C CE1   . HIS A 1 151 ? -6.187  2.022   -1.657  1.00 30.77 ? 151 HIS A CE1   1 
ATOM   1197 N NE2   . HIS A 1 151 ? -6.446  0.750   -1.417  1.00 32.37 ? 151 HIS A NE2   1 
ATOM   1198 N N     . TYR A 1 152 ? -5.516  -0.573  -7.849  1.00 34.43 ? 152 TYR A N     1 
ATOM   1199 C CA    . TYR A 1 152 ? -5.816  -1.059  -9.181  1.00 33.71 ? 152 TYR A CA    1 
ATOM   1200 C C     . TYR A 1 152 ? -6.404  -2.451  -9.088  1.00 34.09 ? 152 TYR A C     1 
ATOM   1201 O O     . TYR A 1 152 ? -6.642  -3.114  -10.093 1.00 35.54 ? 152 TYR A O     1 
ATOM   1202 C CB    . TYR A 1 152 ? -4.573  -0.996  -10.060 1.00 32.75 ? 152 TYR A CB    1 
ATOM   1203 C CG    . TYR A 1 152 ? -4.308  0.424   -10.496 1.00 31.64 ? 152 TYR A CG    1 
ATOM   1204 C CD1   . TYR A 1 152 ? -5.074  1.014   -11.499 1.00 31.17 ? 152 TYR A CD1   1 
ATOM   1205 C CD2   . TYR A 1 152 ? -3.360  1.210   -9.844  1.00 31.98 ? 152 TYR A CD2   1 
ATOM   1206 C CE1   . TYR A 1 152 ? -4.904  2.356   -11.840 1.00 32.24 ? 152 TYR A CE1   1 
ATOM   1207 C CE2   . TYR A 1 152 ? -3.184  2.557   -10.174 1.00 31.70 ? 152 TYR A CE2   1 
ATOM   1208 C CZ    . TYR A 1 152 ? -3.958  3.124   -11.170 1.00 32.12 ? 152 TYR A CZ    1 
ATOM   1209 O OH    . TYR A 1 152 ? -3.803  4.461   -11.488 1.00 31.78 ? 152 TYR A OH    1 
ATOM   1210 N N     . ASN A 1 153 ? -6.628  -2.894  -7.857  1.00 33.40 ? 153 ASN A N     1 
ATOM   1211 C CA    . ASN A 1 153 ? -7.288  -4.164  -7.632  1.00 33.76 ? 153 ASN A CA    1 
ATOM   1212 C C     . ASN A 1 153 ? -8.740  -3.718  -7.841  1.00 34.82 ? 153 ASN A C     1 
ATOM   1213 O O     . ASN A 1 153 ? -9.071  -2.559  -7.611  1.00 35.89 ? 153 ASN A O     1 
ATOM   1214 C CB    . ASN A 1 153 ? -7.085  -4.630  -6.189  1.00 32.00 ? 153 ASN A CB    1 
ATOM   1215 C CG    . ASN A 1 153 ? -7.206  -3.493  -5.190  1.00 32.49 ? 153 ASN A CG    1 
ATOM   1216 O OD1   . ASN A 1 153 ? -6.321  -2.642  -5.091  1.00 32.00 ? 153 ASN A OD1   1 
ATOM   1217 N ND2   . ASN A 1 153 ? -8.313  -3.464  -4.457  1.00 29.33 ? 153 ASN A ND2   1 
ATOM   1218 N N     . PRO A 1 154 ? -9.622  -4.620  -8.269  1.00 35.21 ? 154 PRO A N     1 
ATOM   1219 C CA    . PRO A 1 154 ? -9.352  -6.023  -8.564  1.00 36.75 ? 154 PRO A CA    1 
ATOM   1220 C C     . PRO A 1 154 ? -9.016  -6.282  -10.030 1.00 37.79 ? 154 PRO A C     1 
ATOM   1221 O O     . PRO A 1 154 ? -8.732  -7.418  -10.399 1.00 39.97 ? 154 PRO A O     1 
ATOM   1222 C CB    . PRO A 1 154 ? -10.655 -6.691  -8.168  1.00 35.54 ? 154 PRO A CB    1 
ATOM   1223 C CG    . PRO A 1 154 ? -11.655 -5.702  -8.699  1.00 34.87 ? 154 PRO A CG    1 
ATOM   1224 C CD    . PRO A 1 154 ? -11.072 -4.356  -8.276  1.00 34.15 ? 154 PRO A CD    1 
ATOM   1225 N N     . ILE A 1 155 ? -9.027  -5.246  -10.866 1.00 38.01 ? 155 ILE A N     1 
ATOM   1226 C CA    . ILE A 1 155 ? -8.769  -5.467  -12.284 1.00 37.23 ? 155 ILE A CA    1 
ATOM   1227 C C     . ILE A 1 155 ? -7.415  -6.061  -12.655 1.00 38.15 ? 155 ILE A C     1 
ATOM   1228 O O     . ILE A 1 155 ? -7.304  -6.702  -13.701 1.00 39.24 ? 155 ILE A O     1 
ATOM   1229 C CB    . ILE A 1 155 ? -8.999  -4.189  -13.117 1.00 35.86 ? 155 ILE A CB    1 
ATOM   1230 C CG1   . ILE A 1 155 ? -7.940  -3.131  -12.807 1.00 35.97 ? 155 ILE A CG1   1 
ATOM   1231 C CG2   . ILE A 1 155 ? -10.368 -3.647  -12.816 1.00 35.92 ? 155 ILE A CG2   1 
ATOM   1232 C CD1   . ILE A 1 155 ? -8.019  -1.900  -13.708 1.00 32.66 ? 155 ILE A CD1   1 
ATOM   1233 N N     . VAL A 1 156 ? -6.393  -5.875  -11.824 1.00 37.17 ? 156 VAL A N     1 
ATOM   1234 C CA    . VAL A 1 156 ? -5.086  -6.442  -12.152 1.00 37.93 ? 156 VAL A CA    1 
ATOM   1235 C C     . VAL A 1 156 ? -4.767  -7.693  -11.335 1.00 38.08 ? 156 VAL A C     1 
ATOM   1236 O O     . VAL A 1 156 ? -3.751  -8.342  -11.553 1.00 38.81 ? 156 VAL A O     1 
ATOM   1237 C CB    . VAL A 1 156 ? -3.946  -5.416  -11.947 1.00 37.52 ? 156 VAL A CB    1 
ATOM   1238 C CG1   . VAL A 1 156 ? -4.187  -4.195  -12.810 1.00 35.71 ? 156 VAL A CG1   1 
ATOM   1239 C CG2   . VAL A 1 156 ? -3.841  -5.038  -10.484 1.00 37.25 ? 156 VAL A CG2   1 
ATOM   1240 N N     . ASP A 1 157 ? -5.652  -8.030  -10.407 1.00 39.37 ? 157 ASP A N     1 
ATOM   1241 C CA    . ASP A 1 157 ? -5.481  -9.191  -9.533  1.00 41.13 ? 157 ASP A CA    1 
ATOM   1242 C C     . ASP A 1 157 ? -5.040  -10.472 -10.240 1.00 41.65 ? 157 ASP A C     1 
ATOM   1243 O O     . ASP A 1 157 ? -3.976  -11.015 -9.952  1.00 41.32 ? 157 ASP A O     1 
ATOM   1244 C CB    . ASP A 1 157 ? -6.789  -9.475  -8.785  1.00 42.28 ? 157 ASP A CB    1 
ATOM   1245 C CG    . ASP A 1 157 ? -7.173  -8.363  -7.818  1.00 45.43 ? 157 ASP A CG    1 
ATOM   1246 O OD1   . ASP A 1 157 ? -6.637  -7.234  -7.942  1.00 47.43 ? 157 ASP A OD1   1 
ATOM   1247 O OD2   . ASP A 1 157 ? -8.026  -8.621  -6.938  1.00 46.19 ? 157 ASP A OD2   1 
ATOM   1248 N N     . ALA A 1 158 ? -5.876  -10.959 -11.151 1.00 42.88 ? 158 ALA A N     1 
ATOM   1249 C CA    . ALA A 1 158 ? -5.596  -12.190 -11.884 1.00 44.05 ? 158 ALA A CA    1 
ATOM   1250 C C     . ALA A 1 158 ? -4.194  -12.220 -12.474 1.00 45.36 ? 158 ALA A C     1 
ATOM   1251 O O     . ALA A 1 158 ? -3.422  -13.145 -12.222 1.00 45.58 ? 158 ALA A O     1 
ATOM   1252 C CB    . ALA A 1 158 ? -6.620  -12.375 -12.987 1.00 42.72 ? 158 ALA A CB    1 
ATOM   1253 N N     . GLU A 1 159 ? -3.875  -11.201 -13.263 1.00 46.29 ? 159 GLU A N     1 
ATOM   1254 C CA    . GLU A 1 159 ? -2.577  -11.103 -13.906 1.00 47.27 ? 159 GLU A CA    1 
ATOM   1255 C C     . GLU A 1 159 ? -1.435  -11.101 -12.909 1.00 47.01 ? 159 GLU A C     1 
ATOM   1256 O O     . GLU A 1 159 ? -0.480  -11.852 -13.054 1.00 47.48 ? 159 GLU A O     1 
ATOM   1257 C CB    . GLU A 1 159 ? -2.520  -9.839  -14.750 1.00 50.18 ? 159 GLU A CB    1 
ATOM   1258 C CG    . GLU A 1 159 ? -1.195  -9.634  -15.435 1.00 55.80 ? 159 GLU A CG    1 
ATOM   1259 C CD    . GLU A 1 159 ? -1.362  -9.255  -16.890 1.00 58.70 ? 159 GLU A CD    1 
ATOM   1260 O OE1   . GLU A 1 159 ? -2.194  -8.367  -17.185 1.00 60.91 ? 159 GLU A OE1   1 
ATOM   1261 O OE2   . GLU A 1 159 ? -0.654  -9.842  -17.739 1.00 60.37 ? 159 GLU A OE2   1 
ATOM   1262 N N     . VAL A 1 160 ? -1.535  -10.242 -11.904 1.00 47.10 ? 160 VAL A N     1 
ATOM   1263 C CA    . VAL A 1 160 ? -0.518  -10.138 -10.864 1.00 47.24 ? 160 VAL A CA    1 
ATOM   1264 C C     . VAL A 1 160 ? -0.310  -11.479 -10.159 1.00 47.56 ? 160 VAL A C     1 
ATOM   1265 O O     . VAL A 1 160 ? 0.816   -11.945 -9.984  1.00 46.42 ? 160 VAL A O     1 
ATOM   1266 C CB    . VAL A 1 160 ? -0.934  -9.099  -9.812  1.00 46.13 ? 160 VAL A CB    1 
ATOM   1267 C CG1   . VAL A 1 160 ? 0.075   -9.057  -8.686  1.00 46.89 ? 160 VAL A CG1   1 
ATOM   1268 C CG2   . VAL A 1 160 ? -1.067  -7.746  -10.460 1.00 47.18 ? 160 VAL A CG2   1 
ATOM   1269 N N     . LYS A 1 161 ? -1.417  -12.083 -9.749  1.00 48.98 ? 161 LYS A N     1 
ATOM   1270 C CA    . LYS A 1 161 ? -1.395  -13.358 -9.055  1.00 51.52 ? 161 LYS A CA    1 
ATOM   1271 C C     . LYS A 1 161 ? -0.643  -14.398 -9.870  1.00 53.34 ? 161 LYS A C     1 
ATOM   1272 O O     . LYS A 1 161 ? 0.193   -15.137 -9.351  1.00 54.66 ? 161 LYS A O     1 
ATOM   1273 C CB    . LYS A 1 161 ? -2.824  -13.846 -8.819  1.00 51.47 ? 161 LYS A CB    1 
ATOM   1274 C CG    . LYS A 1 161 ? -3.132  -14.193 -7.375  1.00 52.71 ? 161 LYS A CG    1 
ATOM   1275 C CD    . LYS A 1 161 ? -3.601  -12.983 -6.585  1.00 50.38 ? 161 LYS A CD    1 
ATOM   1276 C CE    . LYS A 1 161 ? -5.098  -13.071 -6.344  1.00 51.83 ? 161 LYS A CE    1 
ATOM   1277 N NZ    . LYS A 1 161 ? -5.477  -14.371 -5.701  1.00 49.49 ? 161 LYS A NZ    1 
ATOM   1278 N N     . GLU A 1 162 ? -0.947  -14.442 -11.158 1.00 55.08 ? 162 GLU A N     1 
ATOM   1279 C CA    . GLU A 1 162 ? -0.336  -15.401 -12.062 1.00 56.57 ? 162 GLU A CA    1 
ATOM   1280 C C     . GLU A 1 162 ? 1.132   -15.144 -12.412 1.00 54.79 ? 162 GLU A C     1 
ATOM   1281 O O     . GLU A 1 162 ? 1.909   -16.091 -12.531 1.00 55.13 ? 162 GLU A O     1 
ATOM   1282 C CB    . GLU A 1 162 ? -1.189  -15.496 -13.334 1.00 60.70 ? 162 GLU A CB    1 
ATOM   1283 C CG    . GLU A 1 162 ? -0.547  -16.217 -14.505 1.00 68.02 ? 162 GLU A CG    1 
ATOM   1284 C CD    . GLU A 1 162 ? 0.148   -15.258 -15.463 1.00 73.50 ? 162 GLU A CD    1 
ATOM   1285 O OE1   . GLU A 1 162 ? -0.539  -14.345 -15.985 1.00 75.94 ? 162 GLU A OE1   1 
ATOM   1286 O OE2   . GLU A 1 162 ? 1.372   -15.415 -15.698 1.00 76.28 ? 162 GLU A OE2   1 
ATOM   1287 N N     . THR A 1 163 ? 1.528   -13.884 -12.564 1.00 52.22 ? 163 THR A N     1 
ATOM   1288 C CA    . THR A 1 163 ? 2.911   -13.615 -12.927 1.00 50.22 ? 163 THR A CA    1 
ATOM   1289 C C     . THR A 1 163 ? 3.866   -13.613 -11.744 1.00 49.78 ? 163 THR A C     1 
ATOM   1290 O O     . THR A 1 163 ? 5.075   -13.511 -11.933 1.00 50.87 ? 163 THR A O     1 
ATOM   1291 C CB    . THR A 1 163 ? 3.077   -12.270 -13.667 1.00 49.70 ? 163 THR A CB    1 
ATOM   1292 O OG1   . THR A 1 163 ? 3.220   -11.224 -12.709 1.00 51.88 ? 163 THR A OG1   1 
ATOM   1293 C CG2   . THR A 1 163 ? 1.875   -11.973 -14.557 1.00 48.75 ? 163 THR A CG2   1 
ATOM   1294 N N     . TRP A 1 164 ? 3.344   -13.716 -10.526 1.00 48.96 ? 164 TRP A N     1 
ATOM   1295 C CA    . TRP A 1 164 ? 4.215   -13.736 -9.350  1.00 47.74 ? 164 TRP A CA    1 
ATOM   1296 C C     . TRP A 1 164 ? 3.902   -14.866 -8.383  1.00 48.18 ? 164 TRP A C     1 
ATOM   1297 O O     . TRP A 1 164 ? 4.262   -14.809 -7.202  1.00 48.10 ? 164 TRP A O     1 
ATOM   1298 C CB    . TRP A 1 164 ? 4.178   -12.386 -8.625  1.00 46.48 ? 164 TRP A CB    1 
ATOM   1299 C CG    . TRP A 1 164 ? 5.068   -11.361 -9.271  1.00 45.14 ? 164 TRP A CG    1 
ATOM   1300 C CD1   . TRP A 1 164 ? 6.430   -11.377 -9.316  1.00 44.45 ? 164 TRP A CD1   1 
ATOM   1301 C CD2   . TRP A 1 164 ? 4.656   -10.207 -10.020 1.00 45.69 ? 164 TRP A CD2   1 
ATOM   1302 N NE1   . TRP A 1 164 ? 6.898   -10.310 -10.048 1.00 44.85 ? 164 TRP A NE1   1 
ATOM   1303 C CE2   . TRP A 1 164 ? 5.831   -9.575  -10.493 1.00 45.05 ? 164 TRP A CE2   1 
ATOM   1304 C CE3   . TRP A 1 164 ? 3.409   -9.644  -10.340 1.00 45.10 ? 164 TRP A CE3   1 
ATOM   1305 C CZ2   . TRP A 1 164 ? 5.798   -8.409  -11.271 1.00 45.34 ? 164 TRP A CZ2   1 
ATOM   1306 C CZ3   . TRP A 1 164 ? 3.376   -8.481  -11.116 1.00 44.40 ? 164 TRP A CZ3   1 
ATOM   1307 C CH2   . TRP A 1 164 ? 4.565   -7.878  -11.572 1.00 44.90 ? 164 TRP A CH2   1 
ATOM   1308 N N     . ASN A 1 165 ? 3.227   -15.889 -8.900  1.00 49.26 ? 165 ASN A N     1 
ATOM   1309 C CA    . ASN A 1 165 ? 2.868   -17.082 -8.133  1.00 51.21 ? 165 ASN A CA    1 
ATOM   1310 C C     . ASN A 1 165 ? 2.354   -16.771 -6.739  1.00 50.48 ? 165 ASN A C     1 
ATOM   1311 O O     . ASN A 1 165 ? 2.950   -17.172 -5.738  1.00 50.38 ? 165 ASN A O     1 
ATOM   1312 C CB    . ASN A 1 165 ? 4.081   -17.998 -8.032  1.00 54.07 ? 165 ASN A CB    1 
ATOM   1313 C CG    . ASN A 1 165 ? 4.781   -18.167 -9.363  1.00 58.37 ? 165 ASN A CG    1 
ATOM   1314 O OD1   . ASN A 1 165 ? 4.253   -18.812 -10.276 1.00 61.39 ? 165 ASN A OD1   1 
ATOM   1315 N ND2   . ASN A 1 165 ? 5.969   -17.571 -9.492  1.00 59.48 ? 165 ASN A ND2   1 
ATOM   1316 N N     . ILE A 1 166 ? 1.240   -16.053 -6.686  1.00 49.16 ? 166 ILE A N     1 
ATOM   1317 C CA    . ILE A 1 166 ? 0.634   -15.680 -5.425  1.00 46.99 ? 166 ILE A CA    1 
ATOM   1318 C C     . ILE A 1 166 ? -0.444  -16.704 -5.103  1.00 46.38 ? 166 ILE A C     1 
ATOM   1319 O O     . ILE A 1 166 ? -1.252  -17.057 -5.966  1.00 45.83 ? 166 ILE A O     1 
ATOM   1320 C CB    . ILE A 1 166 ? -0.006  -14.284 -5.519  1.00 45.91 ? 166 ILE A CB    1 
ATOM   1321 C CG1   . ILE A 1 166 ? 1.039   -13.267 -5.996  1.00 44.54 ? 166 ILE A CG1   1 
ATOM   1322 C CG2   . ILE A 1 166 ? -0.610  -13.893 -4.173  1.00 44.96 ? 166 ILE A CG2   1 
ATOM   1323 C CD1   . ILE A 1 166 ? 2.234   -13.120 -5.079  1.00 45.15 ? 166 ILE A CD1   1 
ATOM   1324 N N     . PRO A 1 167 ? -0.457  -17.213 -3.860  1.00 45.22 ? 167 PRO A N     1 
ATOM   1325 C CA    . PRO A 1 167 ? -1.470  -18.199 -3.486  1.00 44.51 ? 167 PRO A CA    1 
ATOM   1326 C C     . PRO A 1 167 ? -2.825  -17.658 -3.885  1.00 45.41 ? 167 PRO A C     1 
ATOM   1327 O O     . PRO A 1 167 ? -3.027  -16.444 -3.919  1.00 46.28 ? 167 PRO A O     1 
ATOM   1328 C CB    . PRO A 1 167 ? -1.307  -18.297 -1.975  1.00 43.24 ? 167 PRO A CB    1 
ATOM   1329 C CG    . PRO A 1 167 ? 0.150   -18.089 -1.794  1.00 43.14 ? 167 PRO A CG    1 
ATOM   1330 C CD    . PRO A 1 167 ? 0.444   -16.933 -2.729  1.00 44.12 ? 167 PRO A CD    1 
ATOM   1331 N N     . ALA A 1 168 ? -3.752  -18.549 -4.201  1.00 46.38 ? 168 ALA A N     1 
ATOM   1332 C CA    . ALA A 1 168 ? -5.081  -18.119 -4.600  1.00 47.35 ? 168 ALA A CA    1 
ATOM   1333 C C     . ALA A 1 168 ? -5.823  -17.418 -3.458  1.00 47.92 ? 168 ALA A C     1 
ATOM   1334 O O     . ALA A 1 168 ? -6.618  -16.513 -3.699  1.00 49.16 ? 168 ALA A O     1 
ATOM   1335 C CB    . ALA A 1 168 ? -5.885  -19.318 -5.089  1.00 46.27 ? 168 ALA A CB    1 
ATOM   1336 N N     . GLU A 1 169 ? -5.540  -17.822 -2.221  1.00 48.49 ? 169 GLU A N     1 
ATOM   1337 C CA    . GLU A 1 169 ? -6.202  -17.263 -1.043  1.00 48.28 ? 169 GLU A CA    1 
ATOM   1338 C C     . GLU A 1 169 ? -5.745  -15.872 -0.620  1.00 45.60 ? 169 GLU A C     1 
ATOM   1339 O O     . GLU A 1 169 ? -6.211  -15.351 0.389   1.00 46.21 ? 169 GLU A O     1 
ATOM   1340 C CB    . GLU A 1 169 ? -6.050  -18.207 0.151   1.00 52.49 ? 169 GLU A CB    1 
ATOM   1341 C CG    . GLU A 1 169 ? -6.092  -19.684 -0.199  1.00 58.26 ? 169 GLU A CG    1 
ATOM   1342 C CD    . GLU A 1 169 ? -4.714  -20.237 -0.550  1.00 62.11 ? 169 GLU A CD    1 
ATOM   1343 O OE1   . GLU A 1 169 ? -4.102  -19.767 -1.536  1.00 63.95 ? 169 GLU A OE1   1 
ATOM   1344 O OE2   . GLU A 1 169 ? -4.238  -21.142 0.170   1.00 64.10 ? 169 GLU A OE2   1 
ATOM   1345 N N     . TRP A 1 170 ? -4.824  -15.280 -1.365  1.00 42.47 ? 170 TRP A N     1 
ATOM   1346 C CA    . TRP A 1 170 ? -4.357  -13.938 -1.045  1.00 40.36 ? 170 TRP A CA    1 
ATOM   1347 C C     . TRP A 1 170 ? -5.105  -12.944 -1.921  1.00 39.70 ? 170 TRP A C     1 
ATOM   1348 O O     . TRP A 1 170 ? -5.036  -13.020 -3.148  1.00 39.08 ? 170 TRP A O     1 
ATOM   1349 C CB    . TRP A 1 170 ? -2.867  -13.807 -1.335  1.00 39.89 ? 170 TRP A CB    1 
ATOM   1350 C CG    . TRP A 1 170 ? -1.986  -14.577 -0.422  1.00 39.44 ? 170 TRP A CG    1 
ATOM   1351 C CD1   . TRP A 1 170 ? -2.330  -15.641 0.350   1.00 38.92 ? 170 TRP A CD1   1 
ATOM   1352 C CD2   . TRP A 1 170 ? -0.581  -14.378 -0.234  1.00 39.17 ? 170 TRP A CD2   1 
ATOM   1353 N NE1   . TRP A 1 170 ? -1.226  -16.126 1.008   1.00 38.22 ? 170 TRP A NE1   1 
ATOM   1354 C CE2   . TRP A 1 170 ? -0.138  -15.369 0.667   1.00 38.15 ? 170 TRP A CE2   1 
ATOM   1355 C CE3   . TRP A 1 170 ? 0.347   -13.458 -0.743  1.00 40.88 ? 170 TRP A CE3   1 
ATOM   1356 C CZ2   . TRP A 1 170 ? 1.198   -15.472 1.073   1.00 39.62 ? 170 TRP A CZ2   1 
ATOM   1357 C CZ3   . TRP A 1 170 ? 1.681   -13.558 -0.340  1.00 41.96 ? 170 TRP A CZ3   1 
ATOM   1358 C CH2   . TRP A 1 170 ? 2.093   -14.561 0.560   1.00 40.84 ? 170 TRP A CH2   1 
ATOM   1359 N N     . SER A 1 171 ? -5.827  -12.013 -1.313  1.00 37.38 ? 171 SER A N     1 
ATOM   1360 C CA    . SER A 1 171 ? -6.535  -11.041 -2.124  1.00 36.58 ? 171 SER A CA    1 
ATOM   1361 C C     . SER A 1 171 ? -5.766  -9.739  -2.114  1.00 35.35 ? 171 SER A C     1 
ATOM   1362 O O     . SER A 1 171 ? -5.294  -9.296  -1.068  1.00 34.57 ? 171 SER A O     1 
ATOM   1363 C CB    . SER A 1 171 ? -7.962  -10.826 -1.612  1.00 35.89 ? 171 SER A CB    1 
ATOM   1364 O OG    . SER A 1 171 ? -7.966  -10.409 -0.264  1.00 40.20 ? 171 SER A OG    1 
ATOM   1365 N N     . LEU A 1 172 ? -5.628  -9.136  -3.290  1.00 35.05 ? 172 LEU A N     1 
ATOM   1366 C CA    . LEU A 1 172 ? -4.914  -7.879  -3.419  1.00 34.19 ? 172 LEU A CA    1 
ATOM   1367 C C     . LEU A 1 172 ? -5.729  -6.742  -2.808  1.00 35.22 ? 172 LEU A C     1 
ATOM   1368 O O     . LEU A 1 172 ? -6.862  -6.490  -3.219  1.00 34.78 ? 172 LEU A O     1 
ATOM   1369 C CB    . LEU A 1 172 ? -4.637  -7.587  -4.883  1.00 32.71 ? 172 LEU A CB    1 
ATOM   1370 C CG    . LEU A 1 172 ? -3.795  -6.333  -5.101  1.00 32.58 ? 172 LEU A CG    1 
ATOM   1371 C CD1   . LEU A 1 172 ? -2.463  -6.463  -4.359  1.00 31.52 ? 172 LEU A CD1   1 
ATOM   1372 C CD2   . LEU A 1 172 ? -3.580  -6.146  -6.593  1.00 32.55 ? 172 LEU A CD2   1 
ATOM   1373 N N     . VAL A 1 173 ? -5.133  -6.057  -1.835  1.00 35.94 ? 173 VAL A N     1 
ATOM   1374 C CA    . VAL A 1 173 ? -5.786  -4.965  -1.124  1.00 35.41 ? 173 VAL A CA    1 
ATOM   1375 C C     . VAL A 1 173 ? -5.303  -3.584  -1.534  1.00 35.26 ? 173 VAL A C     1 
ATOM   1376 O O     . VAL A 1 173 ? -6.079  -2.631  -1.549  1.00 36.24 ? 173 VAL A O     1 
ATOM   1377 C CB    . VAL A 1 173 ? -5.588  -5.119  0.405   1.00 37.37 ? 173 VAL A CB    1 
ATOM   1378 C CG1   . VAL A 1 173 ? -6.301  -3.991  1.143   1.00 36.58 ? 173 VAL A CG1   1 
ATOM   1379 C CG2   . VAL A 1 173 ? -6.116  -6.484  0.865   1.00 37.32 ? 173 VAL A CG2   1 
ATOM   1380 N N     . GLY A 1 174 ? -4.023  -3.466  -1.859  1.00 34.95 ? 174 GLY A N     1 
ATOM   1381 C CA    . GLY A 1 174 ? -3.505  -2.171  -2.253  1.00 34.45 ? 174 GLY A CA    1 
ATOM   1382 C C     . GLY A 1 174 ? -2.074  -2.208  -2.746  1.00 35.48 ? 174 GLY A C     1 
ATOM   1383 O O     . GLY A 1 174 ? -1.356  -3.188  -2.538  1.00 35.19 ? 174 GLY A O     1 
ATOM   1384 N N     . GLN A 1 175 ? -1.659  -1.130  -3.402  1.00 35.15 ? 175 GLN A N     1 
ATOM   1385 C CA    . GLN A 1 175 ? -0.306  -1.024  -3.930  1.00 35.52 ? 175 GLN A CA    1 
ATOM   1386 C C     . GLN A 1 175 ? 0.319   0.304   -3.500  1.00 36.57 ? 175 GLN A C     1 
ATOM   1387 O O     . GLN A 1 175 ? -0.323  1.355   -3.575  1.00 38.28 ? 175 GLN A O     1 
ATOM   1388 C CB    . GLN A 1 175 ? -0.327  -1.123  -5.457  1.00 34.63 ? 175 GLN A CB    1 
ATOM   1389 C CG    . GLN A 1 175 ? -1.082  -2.333  -5.995  1.00 35.42 ? 175 GLN A CG    1 
ATOM   1390 C CD    . GLN A 1 175 ? -2.585  -2.097  -6.082  1.00 34.64 ? 175 GLN A CD    1 
ATOM   1391 O OE1   . GLN A 1 175 ? -3.029  -1.123  -6.691  1.00 33.18 ? 175 GLN A OE1   1 
ATOM   1392 N NE2   . GLN A 1 175 ? -3.372  -2.993  -5.479  1.00 32.22 ? 175 GLN A NE2   1 
ATOM   1393 N N     . MET A 1 176 ? 1.572   0.255   -3.055  1.00 36.30 ? 176 MET A N     1 
ATOM   1394 C CA    . MET A 1 176 ? 2.266   1.452   -2.597  1.00 35.64 ? 176 MET A CA    1 
ATOM   1395 C C     . MET A 1 176 ? 3.568   1.717   -3.364  1.00 37.63 ? 176 MET A C     1 
ATOM   1396 O O     . MET A 1 176 ? 4.634   1.221   -2.979  1.00 38.69 ? 176 MET A O     1 
ATOM   1397 C CB    . MET A 1 176 ? 2.558   1.323   -1.094  1.00 32.76 ? 176 MET A CB    1 
ATOM   1398 C CG    . MET A 1 176 ? 3.104   2.580   -0.419  1.00 29.77 ? 176 MET A CG    1 
ATOM   1399 S SD    . MET A 1 176 ? 3.230   2.417   1.397   1.00 23.73 ? 176 MET A SD    1 
ATOM   1400 C CE    . MET A 1 176 ? 1.572   2.745   1.861   1.00 26.63 ? 176 MET A CE    1 
ATOM   1401 N N     . PRO A 1 177 ? 3.494   2.468   -4.485  1.00 38.25 ? 177 PRO A N     1 
ATOM   1402 C CA    . PRO A 1 177 ? 4.698   2.781   -5.269  1.00 38.43 ? 177 PRO A CA    1 
ATOM   1403 C C     . PRO A 1 177 ? 5.490   3.849   -4.509  1.00 40.37 ? 177 PRO A C     1 
ATOM   1404 O O     . PRO A 1 177 ? 4.940   4.878   -4.103  1.00 40.79 ? 177 PRO A O     1 
ATOM   1405 C CB    . PRO A 1 177 ? 4.133   3.289   -6.594  1.00 36.97 ? 177 PRO A CB    1 
ATOM   1406 C CG    . PRO A 1 177 ? 2.843   3.917   -6.189  1.00 38.24 ? 177 PRO A CG    1 
ATOM   1407 C CD    . PRO A 1 177 ? 2.281   2.910   -5.198  1.00 38.13 ? 177 PRO A CD    1 
ATOM   1408 N N     . PHE A 1 178 ? 6.780   3.599   -4.312  1.00 42.11 ? 178 PHE A N     1 
ATOM   1409 C CA    . PHE A 1 178 ? 7.628   4.513   -3.551  1.00 43.58 ? 178 PHE A CA    1 
ATOM   1410 C C     . PHE A 1 178 ? 8.937   4.803   -4.263  1.00 44.42 ? 178 PHE A C     1 
ATOM   1411 O O     . PHE A 1 178 ? 9.291   4.126   -5.226  1.00 44.30 ? 178 PHE A O     1 
ATOM   1412 C CB    . PHE A 1 178 ? 7.937   3.898   -2.181  1.00 42.34 ? 178 PHE A CB    1 
ATOM   1413 C CG    . PHE A 1 178 ? 8.669   2.578   -2.263  1.00 42.02 ? 178 PHE A CG    1 
ATOM   1414 C CD1   . PHE A 1 178 ? 10.047  2.539   -2.468  1.00 42.38 ? 178 PHE A CD1   1 
ATOM   1415 C CD2   . PHE A 1 178 ? 7.972   1.371   -2.171  1.00 42.22 ? 178 PHE A CD2   1 
ATOM   1416 C CE1   . PHE A 1 178 ? 10.724  1.316   -2.581  1.00 42.99 ? 178 PHE A CE1   1 
ATOM   1417 C CE2   . PHE A 1 178 ? 8.635   0.144   -2.282  1.00 42.31 ? 178 PHE A CE2   1 
ATOM   1418 C CZ    . PHE A 1 178 ? 10.016  0.117   -2.488  1.00 42.80 ? 178 PHE A CZ    1 
ATOM   1419 N N     . GLY A 1 179 ? 9.655   5.805   -3.764  1.00 44.90 ? 179 GLY A N     1 
ATOM   1420 C CA    . GLY A 1 179 ? 10.929  6.162   -4.350  1.00 46.30 ? 179 GLY A CA    1 
ATOM   1421 C C     . GLY A 1 179 ? 11.384  7.549   -3.958  1.00 47.54 ? 179 GLY A C     1 
ATOM   1422 O O     . GLY A 1 179 ? 10.772  8.207   -3.119  1.00 47.21 ? 179 GLY A O     1 
ATOM   1423 N N     . GLU A 1 180 ? 12.480  7.991   -4.559  1.00 49.09 ? 180 GLU A N     1 
ATOM   1424 C CA    . GLU A 1 180 ? 12.993  9.315   -4.280  1.00 51.13 ? 180 GLU A CA    1 
ATOM   1425 C C     . GLU A 1 180 ? 11.847  10.278  -4.570  1.00 50.41 ? 180 GLU A C     1 
ATOM   1426 O O     . GLU A 1 180 ? 11.313  10.304  -5.675  1.00 49.98 ? 180 GLU A O     1 
ATOM   1427 C CB    . GLU A 1 180 ? 14.190  9.618   -5.188  1.00 53.38 ? 180 GLU A CB    1 
ATOM   1428 C CG    . GLU A 1 180 ? 14.817  10.987  -4.977  1.00 58.41 ? 180 GLU A CG    1 
ATOM   1429 C CD    . GLU A 1 180 ? 15.227  11.227  -3.532  1.00 62.54 ? 180 GLU A CD    1 
ATOM   1430 O OE1   . GLU A 1 180 ? 15.824  10.310  -2.920  1.00 64.75 ? 180 GLU A OE1   1 
ATOM   1431 O OE2   . GLU A 1 180 ? 14.960  12.335  -3.008  1.00 63.96 ? 180 GLU A OE2   1 
ATOM   1432 N N     . PRO A 1 181 ? 11.430  11.060  -3.568  1.00 50.35 ? 181 PRO A N     1 
ATOM   1433 C CA    . PRO A 1 181 ? 10.334  12.005  -3.792  1.00 50.87 ? 181 PRO A CA    1 
ATOM   1434 C C     . PRO A 1 181 ? 10.558  12.772  -5.088  1.00 51.78 ? 181 PRO A C     1 
ATOM   1435 O O     . PRO A 1 181 ? 11.700  13.016  -5.469  1.00 53.25 ? 181 PRO A O     1 
ATOM   1436 C CB    . PRO A 1 181 ? 10.411  12.901  -2.568  1.00 50.04 ? 181 PRO A CB    1 
ATOM   1437 C CG    . PRO A 1 181 ? 10.826  11.924  -1.493  1.00 50.80 ? 181 PRO A CG    1 
ATOM   1438 C CD    . PRO A 1 181 ? 11.907  11.111  -2.175  1.00 49.97 ? 181 PRO A CD    1 
ATOM   1439 N N     . ASN A 1 182 ? 9.482   13.135  -5.778  1.00 52.66 ? 182 ASN A N     1 
ATOM   1440 C CA    . ASN A 1 182 ? 9.628   13.876  -7.025  1.00 53.00 ? 182 ASN A CA    1 
ATOM   1441 C C     . ASN A 1 182 ? 8.430   14.766  -7.340  1.00 52.70 ? 182 ASN A C     1 
ATOM   1442 O O     . ASN A 1 182 ? 8.127   15.049  -8.500  1.00 52.64 ? 182 ASN A O     1 
ATOM   1443 C CB    . ASN A 1 182 ? 9.884   12.914  -8.185  1.00 53.49 ? 182 ASN A CB    1 
ATOM   1444 C CG    . ASN A 1 182 ? 10.327  13.635  -9.438  1.00 55.49 ? 182 ASN A CG    1 
ATOM   1445 O OD1   . ASN A 1 182 ? 11.257  14.447  -9.402  1.00 56.41 ? 182 ASN A OD1   1 
ATOM   1446 N ND2   . ASN A 1 182 ? 9.669   13.346  -10.557 1.00 54.44 ? 182 ASN A ND2   1 
ATOM   1447 N N     . GLU A 1 183 ? 7.762   15.219  -6.287  1.00 52.66 ? 183 GLU A N     1 
ATOM   1448 C CA    . GLU A 1 183 ? 6.603   16.084  -6.415  1.00 52.74 ? 183 GLU A CA    1 
ATOM   1449 C C     . GLU A 1 183 ? 6.299   16.677  -5.046  1.00 53.72 ? 183 GLU A C     1 
ATOM   1450 O O     . GLU A 1 183 ? 6.602   16.069  -4.019  1.00 54.21 ? 183 GLU A O     1 
ATOM   1451 C CB    . GLU A 1 183 ? 5.407   15.272  -6.918  1.00 52.07 ? 183 GLU A CB    1 
ATOM   1452 C CG    . GLU A 1 183 ? 4.103   15.586  -6.213  1.00 53.19 ? 183 GLU A CG    1 
ATOM   1453 C CD    . GLU A 1 183 ? 2.973   14.681  -6.642  1.00 53.64 ? 183 GLU A CD    1 
ATOM   1454 O OE1   . GLU A 1 183 ? 2.615   14.709  -7.839  1.00 53.68 ? 183 GLU A OE1   1 
ATOM   1455 O OE2   . GLU A 1 183 ? 2.442   13.942  -5.784  1.00 53.65 ? 183 GLU A OE2   1 
ATOM   1456 N N     . GLN A 1 184 ? 5.726   17.874  -5.025  1.00 55.01 ? 184 GLN A N     1 
ATOM   1457 C CA    . GLN A 1 184 ? 5.363   18.504  -3.764  1.00 56.75 ? 184 GLN A CA    1 
ATOM   1458 C C     . GLN A 1 184 ? 3.961   18.000  -3.421  1.00 57.62 ? 184 GLN A C     1 
ATOM   1459 O O     . GLN A 1 184 ? 3.068   17.996  -4.273  1.00 56.70 ? 184 GLN A O     1 
ATOM   1460 C CB    . GLN A 1 184 ? 5.363   20.031  -3.901  1.00 58.37 ? 184 GLN A CB    1 
ATOM   1461 C CG    . GLN A 1 184 ? 6.743   20.644  -4.116  1.00 61.55 ? 184 GLN A CG    1 
ATOM   1462 C CD    . GLN A 1 184 ? 7.609   20.626  -2.860  1.00 64.13 ? 184 GLN A CD    1 
ATOM   1463 O OE1   . GLN A 1 184 ? 8.824   20.835  -2.925  1.00 66.26 ? 184 GLN A OE1   1 
ATOM   1464 N NE2   . GLN A 1 184 ? 6.984   20.390  -1.710  1.00 64.44 ? 184 GLN A NE2   1 
ATOM   1465 N N     . PRO A 1 185 ? 3.748   17.565  -2.169  1.00 58.71 ? 185 PRO A N     1 
ATOM   1466 C CA    . PRO A 1 185 ? 2.431   17.061  -1.765  1.00 59.14 ? 185 PRO A CA    1 
ATOM   1467 C C     . PRO A 1 185 ? 1.361   18.111  -1.982  1.00 59.40 ? 185 PRO A C     1 
ATOM   1468 O O     . PRO A 1 185 ? 1.613   19.306  -1.812  1.00 59.66 ? 185 PRO A O     1 
ATOM   1469 C CB    . PRO A 1 185 ? 2.626   16.736  -0.291  1.00 58.70 ? 185 PRO A CB    1 
ATOM   1470 C CG    . PRO A 1 185 ? 3.589   17.808  0.138   1.00 58.75 ? 185 PRO A CG    1 
ATOM   1471 C CD    . PRO A 1 185 ? 4.600   17.793  -0.988  1.00 58.37 ? 185 PRO A CD    1 
ATOM   1472 N N     . ALA A 1 186 ? 0.170   17.667  -2.361  1.00 60.15 ? 186 ALA A N     1 
ATOM   1473 C CA    . ALA A 1 186 ? -0.936  18.586  -2.599  1.00 60.49 ? 186 ALA A CA    1 
ATOM   1474 C C     . ALA A 1 186 ? -1.465  19.140  -1.275  1.00 60.21 ? 186 ALA A C     1 
ATOM   1475 O O     . ALA A 1 186 ? -1.290  18.527  -0.222  1.00 60.81 ? 186 ALA A O     1 
ATOM   1476 C CB    . ALA A 1 186 ? -2.053  17.872  -3.357  1.00 59.83 ? 186 ALA A CB    1 
ATOM   1477 N N     . GLU A 1 187 ? -2.090  20.311  -1.328  1.00 59.24 ? 187 GLU A N     1 
ATOM   1478 C CA    . GLU A 1 187 ? -2.650  20.908  -0.127  1.00 58.17 ? 187 GLU A CA    1 
ATOM   1479 C C     . GLU A 1 187 ? -3.742  19.962  0.371   1.00 55.18 ? 187 GLU A C     1 
ATOM   1480 O O     . GLU A 1 187 ? -4.476  19.374  -0.426  1.00 54.69 ? 187 GLU A O     1 
ATOM   1481 C CB    . GLU A 1 187 ? -3.233  22.290  -0.456  1.00 62.25 ? 187 GLU A CB    1 
ATOM   1482 C CG    . GLU A 1 187 ? -4.699  22.474  -0.060  1.00 69.31 ? 187 GLU A CG    1 
ATOM   1483 C CD    . GLU A 1 187 ? -4.898  23.518  1.040   1.00 74.25 ? 187 GLU A CD    1 
ATOM   1484 O OE1   . GLU A 1 187 ? -4.206  23.433  2.089   1.00 76.50 ? 187 GLU A OE1   1 
ATOM   1485 O OE2   . GLU A 1 187 ? -5.754  24.418  0.855   1.00 74.50 ? 187 GLU A OE2   1 
ATOM   1486 N N     . ARG A 1 188 ? -3.836  19.801  1.685   1.00 51.29 ? 188 ARG A N     1 
ATOM   1487 C CA    . ARG A 1 188 ? -4.843  18.924  2.266   1.00 47.71 ? 188 ARG A CA    1 
ATOM   1488 C C     . ARG A 1 188 ? -5.728  19.714  3.213   1.00 46.31 ? 188 ARG A C     1 
ATOM   1489 O O     . ARG A 1 188 ? -5.227  20.482  4.030   1.00 47.33 ? 188 ARG A O     1 
ATOM   1490 C CB    . ARG A 1 188 ? -4.166  17.781  3.026   1.00 47.20 ? 188 ARG A CB    1 
ATOM   1491 C CG    . ARG A 1 188 ? -5.122  16.886  3.798   1.00 44.62 ? 188 ARG A CG    1 
ATOM   1492 C CD    . ARG A 1 188 ? -4.368  15.797  4.534   1.00 43.06 ? 188 ARG A CD    1 
ATOM   1493 N NE    . ARG A 1 188 ? -5.239  15.032  5.419   1.00 43.00 ? 188 ARG A NE    1 
ATOM   1494 C CZ    . ARG A 1 188 ? -4.840  13.991  6.141   1.00 42.81 ? 188 ARG A CZ    1 
ATOM   1495 N NH1   . ARG A 1 188 ? -3.581  13.582  6.081   1.00 44.41 ? 188 ARG A NH1   1 
ATOM   1496 N NH2   . ARG A 1 188 ? -5.699  13.365  6.932   1.00 44.15 ? 188 ARG A NH2   1 
ATOM   1497 N N     . THR A 1 189 ? -7.041  19.528  3.104   1.00 44.18 ? 189 THR A N     1 
ATOM   1498 C CA    . THR A 1 189 ? -7.983  20.231  3.973   1.00 41.36 ? 189 THR A CA    1 
ATOM   1499 C C     . THR A 1 189 ? -8.578  19.286  5.020   1.00 41.35 ? 189 THR A C     1 
ATOM   1500 O O     . THR A 1 189 ? -8.610  18.071  4.823   1.00 40.39 ? 189 THR A O     1 
ATOM   1501 C CB    . THR A 1 189 ? -9.123  20.860  3.153   1.00 39.87 ? 189 THR A CB    1 
ATOM   1502 O OG1   . THR A 1 189 ? -9.898  19.824  2.539   1.00 40.11 ? 189 THR A OG1   1 
ATOM   1503 C CG2   . THR A 1 189 ? -8.559  21.761  2.071   1.00 34.88 ? 189 THR A CG2   1 
ATOM   1504 N N     . PHE A 1 190 ? -9.032  19.848  6.138   1.00 41.19 ? 190 PHE A N     1 
ATOM   1505 C CA    . PHE A 1 190 ? -9.621  19.063  7.218   1.00 40.53 ? 190 PHE A CA    1 
ATOM   1506 C C     . PHE A 1 190 ? -10.968 19.624  7.629   1.00 41.13 ? 190 PHE A C     1 
ATOM   1507 O O     . PHE A 1 190 ? -11.148 20.842  7.674   1.00 41.99 ? 190 PHE A O     1 
ATOM   1508 C CB    . PHE A 1 190 ? -8.733  19.079  8.464   1.00 39.54 ? 190 PHE A CB    1 
ATOM   1509 C CG    . PHE A 1 190 ? -7.401  18.416  8.282   1.00 40.02 ? 190 PHE A CG    1 
ATOM   1510 C CD1   . PHE A 1 190 ? -6.420  18.993  7.485   1.00 38.83 ? 190 PHE A CD1   1 
ATOM   1511 C CD2   . PHE A 1 190 ? -7.116  17.220  8.935   1.00 40.30 ? 190 PHE A CD2   1 
ATOM   1512 C CE1   . PHE A 1 190 ? -5.171  18.393  7.339   1.00 36.76 ? 190 PHE A CE1   1 
ATOM   1513 C CE2   . PHE A 1 190 ? -5.868  16.611  8.796   1.00 39.24 ? 190 PHE A CE2   1 
ATOM   1514 C CZ    . PHE A 1 190 ? -4.895  17.201  7.996   1.00 38.18 ? 190 PHE A CZ    1 
ATOM   1515 N N     . LEU A 1 191 ? -11.917 18.741  7.928   1.00 41.71 ? 191 LEU A N     1 
ATOM   1516 C CA    . LEU A 1 191 ? -13.221 19.194  8.390   1.00 41.07 ? 191 LEU A CA    1 
ATOM   1517 C C     . LEU A 1 191 ? -12.908 19.753  9.760   1.00 42.36 ? 191 LEU A C     1 
ATOM   1518 O O     . LEU A 1 191 ? -11.974 19.292  10.422  1.00 41.51 ? 191 LEU A O     1 
ATOM   1519 C CB    . LEU A 1 191 ? -14.195 18.035  8.569   1.00 37.11 ? 191 LEU A CB    1 
ATOM   1520 C CG    . LEU A 1 191 ? -14.582 17.217  7.352   1.00 35.81 ? 191 LEU A CG    1 
ATOM   1521 C CD1   . LEU A 1 191 ? -15.463 16.074  7.810   1.00 32.42 ? 191 LEU A CD1   1 
ATOM   1522 C CD2   . LEU A 1 191 ? -15.294 18.088  6.334   1.00 33.76 ? 191 LEU A CD2   1 
ATOM   1523 N N     . PRO A 1 192 ? -13.666 20.764  10.201  1.00 43.96 ? 192 PRO A N     1 
ATOM   1524 C CA    . PRO A 1 192 ? -13.391 21.321  11.527  1.00 45.16 ? 192 PRO A CA    1 
ATOM   1525 C C     . PRO A 1 192 ? -13.464 20.239  12.618  1.00 46.57 ? 192 PRO A C     1 
ATOM   1526 O O     . PRO A 1 192 ? -14.374 19.404  12.624  1.00 46.04 ? 192 PRO A O     1 
ATOM   1527 C CB    . PRO A 1 192 ? -14.445 22.429  11.668  1.00 44.37 ? 192 PRO A CB    1 
ATOM   1528 C CG    . PRO A 1 192 ? -15.489 22.086  10.636  1.00 43.58 ? 192 PRO A CG    1 
ATOM   1529 C CD    . PRO A 1 192 ? -14.700 21.539  9.498   1.00 43.34 ? 192 PRO A CD    1 
ATOM   1530 N N     . THR A 1 193 ? -12.486 20.260  13.522  1.00 47.84 ? 193 THR A N     1 
ATOM   1531 C CA    . THR A 1 193 ? -12.376 19.283  14.604  1.00 49.63 ? 193 THR A CA    1 
ATOM   1532 C C     . THR A 1 193 ? -13.620 19.078  15.473  1.00 51.52 ? 193 THR A C     1 
ATOM   1533 O O     . THR A 1 193 ? -13.955 17.943  15.806  1.00 51.96 ? 193 THR A O     1 
ATOM   1534 C CB    . THR A 1 193 ? -11.191 19.631  15.534  1.00 48.90 ? 193 THR A CB    1 
ATOM   1535 O OG1   . THR A 1 193 ? -10.030 19.897  14.740  1.00 51.44 ? 193 THR A OG1   1 
ATOM   1536 C CG2   . THR A 1 193 ? -10.878 18.467  16.463  1.00 47.50 ? 193 THR A CG2   1 
ATOM   1537 N N     . GLU A 1 194 ? -14.292 20.164  15.846  1.00 53.64 ? 194 GLU A N     1 
ATOM   1538 C CA    . GLU A 1 194 ? -15.484 20.074  16.693  1.00 54.95 ? 194 GLU A CA    1 
ATOM   1539 C C     . GLU A 1 194 ? -16.623 19.301  16.028  1.00 53.84 ? 194 GLU A C     1 
ATOM   1540 O O     . GLU A 1 194 ? -17.601 18.941  16.683  1.00 52.91 ? 194 GLU A O     1 
ATOM   1541 C CB    . GLU A 1 194 ? -15.979 21.475  17.080  1.00 58.06 ? 194 GLU A CB    1 
ATOM   1542 C CG    . GLU A 1 194 ? -16.309 22.370  15.890  1.00 63.89 ? 194 GLU A CG    1 
ATOM   1543 C CD    . GLU A 1 194 ? -15.110 23.180  15.395  1.00 69.17 ? 194 GLU A CD    1 
ATOM   1544 O OE1   . GLU A 1 194 ? -13.948 22.714  15.530  1.00 69.84 ? 194 GLU A OE1   1 
ATOM   1545 O OE2   . GLU A 1 194 ? -15.337 24.290  14.854  1.00 72.07 ? 194 GLU A OE2   1 
ATOM   1546 N N     . ASP A 1 195 ? -16.491 19.050  14.728  1.00 53.41 ? 195 ASP A N     1 
ATOM   1547 C CA    . ASP A 1 195 ? -17.511 18.317  13.985  1.00 53.08 ? 195 ASP A CA    1 
ATOM   1548 C C     . ASP A 1 195 ? -17.250 16.816  13.942  1.00 51.95 ? 195 ASP A C     1 
ATOM   1549 O O     . ASP A 1 195 ? -18.168 16.032  13.708  1.00 53.20 ? 195 ASP A O     1 
ATOM   1550 C CB    . ASP A 1 195 ? -17.611 18.839  12.550  1.00 54.75 ? 195 ASP A CB    1 
ATOM   1551 C CG    . ASP A 1 195 ? -18.028 20.289  12.487  1.00 57.68 ? 195 ASP A CG    1 
ATOM   1552 O OD1   . ASP A 1 195 ? -18.498 20.820  13.516  1.00 60.60 ? 195 ASP A OD1   1 
ATOM   1553 O OD2   . ASP A 1 195 ? -17.898 20.895  11.402  1.00 59.06 ? 195 ASP A OD2   1 
ATOM   1554 N N     . VAL A 1 196 ? -16.004 16.415  14.162  1.00 49.61 ? 196 VAL A N     1 
ATOM   1555 C CA    . VAL A 1 196 ? -15.649 15.005  14.128  1.00 46.98 ? 196 VAL A CA    1 
ATOM   1556 C C     . VAL A 1 196 ? -15.328 14.456  15.517  1.00 46.04 ? 196 VAL A C     1 
ATOM   1557 O O     . VAL A 1 196 ? -15.151 13.251  15.687  1.00 45.97 ? 196 VAL A O     1 
ATOM   1558 C CB    . VAL A 1 196 ? -14.440 14.767  13.191  1.00 46.52 ? 196 VAL A CB    1 
ATOM   1559 C CG1   . VAL A 1 196 ? -14.764 15.249  11.791  1.00 44.55 ? 196 VAL A CG1   1 
ATOM   1560 C CG2   . VAL A 1 196 ? -13.221 15.494  13.720  1.00 46.94 ? 196 VAL A CG2   1 
ATOM   1561 N N     . VAL A 1 197 ? -15.260 15.339  16.508  1.00 45.37 ? 197 VAL A N     1 
ATOM   1562 C CA    . VAL A 1 197 ? -14.958 14.932  17.878  1.00 45.99 ? 197 VAL A CA    1 
ATOM   1563 C C     . VAL A 1 197 ? -15.914 15.548  18.907  1.00 47.51 ? 197 VAL A C     1 
ATOM   1564 O O     . VAL A 1 197 ? -16.090 16.769  18.953  1.00 48.08 ? 197 VAL A O     1 
ATOM   1565 C CB    . VAL A 1 197 ? -13.519 15.319  18.257  1.00 45.37 ? 197 VAL A CB    1 
ATOM   1566 C CG1   . VAL A 1 197 ? -13.208 14.829  19.659  1.00 44.89 ? 197 VAL A CG1   1 
ATOM   1567 C CG2   . VAL A 1 197 ? -12.541 14.730  17.250  1.00 44.46 ? 197 VAL A CG2   1 
ATOM   1568 N N     . LYS A 1 198 ? -16.523 14.693  19.730  1.00 48.81 ? 198 LYS A N     1 
ATOM   1569 C CA    . LYS A 1 198 ? -17.467 15.127  20.764  1.00 49.51 ? 198 LYS A CA    1 
ATOM   1570 C C     . LYS A 1 198 ? -17.033 14.536  22.094  1.00 49.19 ? 198 LYS A C     1 
ATOM   1571 O O     . LYS A 1 198 ? -16.656 13.370  22.158  1.00 49.20 ? 198 LYS A O     1 
ATOM   1572 C CB    . LYS A 1 198 ? -18.880 14.628  20.456  1.00 51.09 ? 198 LYS A CB    1 
ATOM   1573 C CG    . LYS A 1 198 ? -19.382 14.906  19.044  1.00 54.47 ? 198 LYS A CG    1 
ATOM   1574 C CD    . LYS A 1 198 ? -19.710 16.375  18.813  1.00 55.96 ? 198 LYS A CD    1 
ATOM   1575 C CE    . LYS A 1 198 ? -20.249 16.597  17.403  1.00 56.30 ? 198 LYS A CE    1 
ATOM   1576 N NZ    . LYS A 1 198 ? -20.547 18.034  17.138  1.00 59.43 ? 198 LYS A NZ    1 
ATOM   1577 N N     . PHE A 1 199 ? -17.088 15.332  23.156  1.00 49.69 ? 199 PHE A N     1 
ATOM   1578 C CA    . PHE A 1 199 ? -16.699 14.855  24.483  1.00 49.77 ? 199 PHE A CA    1 
ATOM   1579 C C     . PHE A 1 199 ? -17.883 14.789  25.442  1.00 51.38 ? 199 PHE A C     1 
ATOM   1580 O O     . PHE A 1 199 ? -18.789 15.620  25.380  1.00 52.88 ? 199 PHE A O     1 
ATOM   1581 C CB    . PHE A 1 199 ? -15.628 15.764  25.090  1.00 47.79 ? 199 PHE A CB    1 
ATOM   1582 C CG    . PHE A 1 199 ? -14.213 15.332  24.803  1.00 45.80 ? 199 PHE A CG    1 
ATOM   1583 C CD1   . PHE A 1 199 ? -13.610 15.627  23.587  1.00 44.37 ? 199 PHE A CD1   1 
ATOM   1584 C CD2   . PHE A 1 199 ? -13.476 14.645  25.769  1.00 44.45 ? 199 PHE A CD2   1 
ATOM   1585 C CE1   . PHE A 1 199 ? -12.290 15.250  23.335  1.00 45.21 ? 199 PHE A CE1   1 
ATOM   1586 C CE2   . PHE A 1 199 ? -12.157 14.262  25.531  1.00 44.00 ? 199 PHE A CE2   1 
ATOM   1587 C CZ    . PHE A 1 199 ? -11.560 14.565  24.313  1.00 44.99 ? 199 PHE A CZ    1 
ATOM   1588 N N     . TYR A 1 200 ? -17.868 13.792  26.323  1.00 52.38 ? 200 TYR A N     1 
ATOM   1589 C CA    . TYR A 1 200 ? -18.922 13.611  27.321  1.00 53.46 ? 200 TYR A CA    1 
ATOM   1590 C C     . TYR A 1 200 ? -18.310 13.133  28.629  1.00 54.34 ? 200 TYR A C     1 
ATOM   1591 O O     . TYR A 1 200 ? -18.928 13.363  29.693  1.00 55.41 ? 200 TYR A O     1 
ATOM   1592 C CB    . TYR A 1 200 ? -19.968 12.595  26.865  1.00 54.27 ? 200 TYR A CB    1 
ATOM   1593 C CG    . TYR A 1 200 ? -20.748 13.006  25.643  1.00 56.14 ? 200 TYR A CG    1 
ATOM   1594 C CD1   . TYR A 1 200 ? -20.459 12.454  24.395  1.00 57.45 ? 200 TYR A CD1   1 
ATOM   1595 C CD2   . TYR A 1 200 ? -21.779 13.939  25.730  1.00 56.86 ? 200 TYR A CD2   1 
ATOM   1596 C CE1   . TYR A 1 200 ? -21.181 12.821  23.259  1.00 58.52 ? 200 TYR A CE1   1 
ATOM   1597 C CE2   . TYR A 1 200 ? -22.509 14.315  24.598  1.00 57.95 ? 200 TYR A CE2   1 
ATOM   1598 C CZ    . TYR A 1 200 ? -22.204 13.751  23.366  1.00 58.25 ? 200 TYR A CZ    1 
ATOM   1599 O OH    . TYR A 1 200 ? -22.912 14.105  22.242  1.00 59.39 ? 200 TYR A OH    1 
ATOM   1600 O OXT   . TYR A 1 200 ? -17.227 12.514  28.569  1.00 55.02 ? 200 TYR A OXT   1 
HETATM 1601 N N1    . FMN B 2 .   ? -8.509  -7.070  21.498  1.00 35.28 ? 201 FMN A N1    1 
HETATM 1602 C C2    . FMN B 2 .   ? -9.462  -7.382  22.435  1.00 35.20 ? 201 FMN A C2    1 
HETATM 1603 O O2    . FMN B 2 .   ? -9.191  -7.601  23.600  1.00 35.07 ? 201 FMN A O2    1 
HETATM 1604 N N3    . FMN B 2 .   ? -10.795 -7.426  21.957  1.00 35.07 ? 201 FMN A N3    1 
HETATM 1605 C C4    . FMN B 2 .   ? -11.249 -7.182  20.612  1.00 37.63 ? 201 FMN A C4    1 
HETATM 1606 O O4    . FMN B 2 .   ? -12.446 -7.249  20.342  1.00 40.89 ? 201 FMN A O4    1 
HETATM 1607 C C4A   . FMN B 2 .   ? -10.227 -6.859  19.701  1.00 37.31 ? 201 FMN A C4A   1 
HETATM 1608 N N5    . FMN B 2 .   ? -10.387 -6.557  18.348  1.00 39.26 ? 201 FMN A N5    1 
HETATM 1609 C C5A   . FMN B 2 .   ? -9.449  -6.196  17.368  1.00 36.70 ? 201 FMN A C5A   1 
HETATM 1610 C C6    . FMN B 2 .   ? -9.825  -5.884  15.970  1.00 37.68 ? 201 FMN A C6    1 
HETATM 1611 C C7    . FMN B 2 .   ? -8.762  -5.479  15.016  1.00 36.42 ? 201 FMN A C7    1 
HETATM 1612 C C7M   . FMN B 2 .   ? -9.178  -5.151  13.586  1.00 37.94 ? 201 FMN A C7M   1 
HETATM 1613 C C8    . FMN B 2 .   ? -7.363  -5.401  15.482  1.00 37.69 ? 201 FMN A C8    1 
HETATM 1614 C C8M   . FMN B 2 .   ? -6.137  -4.981  14.608  1.00 38.83 ? 201 FMN A C8M   1 
HETATM 1615 C C9    . FMN B 2 .   ? -7.083  -5.732  16.850  1.00 35.75 ? 201 FMN A C9    1 
HETATM 1616 C C9A   . FMN B 2 .   ? -8.130  -6.134  17.811  1.00 37.75 ? 201 FMN A C9A   1 
HETATM 1617 N N10   . FMN B 2 .   ? -7.927  -6.456  19.183  1.00 38.25 ? 201 FMN A N10   1 
HETATM 1618 C C10   . FMN B 2 .   ? -8.865  -6.814  20.188  1.00 36.91 ? 201 FMN A C10   1 
HETATM 1619 C "C1'" . FMN B 2 .   ? -6.516  -6.366  19.570  1.00 39.19 ? 201 FMN A "C1'" 1 
HETATM 1620 C "C2'" . FMN B 2 .   ? -5.589  -7.527  19.176  1.00 43.21 ? 201 FMN A "C2'" 1 
HETATM 1621 O "O2'" . FMN B 2 .   ? -5.914  -8.741  19.857  1.00 42.57 ? 201 FMN A "O2'" 1 
HETATM 1622 C "C3'" . FMN B 2 .   ? -4.308  -6.986  19.598  1.00 45.45 ? 201 FMN A "C3'" 1 
HETATM 1623 O "O3'" . FMN B 2 .   ? -4.072  -5.759  18.881  1.00 48.29 ? 201 FMN A "O3'" 1 
HETATM 1624 C "C4'" . FMN B 2 .   ? -3.042  -7.809  19.414  1.00 47.25 ? 201 FMN A "C4'" 1 
HETATM 1625 O "O4'" . FMN B 2 .   ? -3.129  -9.139  19.951  1.00 45.89 ? 201 FMN A "O4'" 1 
HETATM 1626 C "C5'" . FMN B 2 .   ? -2.209  -6.975  20.198  1.00 51.43 ? 201 FMN A "C5'" 1 
HETATM 1627 O "O5'" . FMN B 2 .   ? -0.957  -7.223  20.395  1.00 53.49 ? 201 FMN A "O5'" 1 
HETATM 1628 P P     . FMN B 2 .   ? -0.423  -6.098  21.255  1.00 52.65 ? 201 FMN A P     1 
HETATM 1629 O O1P   . FMN B 2 .   ? -0.330  -6.195  22.727  1.00 56.49 ? 201 FMN A O1P   1 
HETATM 1630 O O2P   . FMN B 2 .   ? 0.399   -5.107  20.502  1.00 57.31 ? 201 FMN A O2P   1 
HETATM 1631 O O3P   . FMN B 2 .   ? 0.740   -6.967  21.067  1.00 60.49 ? 201 FMN A O3P   1 
HETATM 1632 O O     . HOH C 3 .   ? -8.139  15.573  6.108   1.00 38.25 ? 301 HOH A O     1 
HETATM 1633 O O     . HOH C 3 .   ? -11.718 -1.984  15.040  1.00 32.53 ? 302 HOH A O     1 
HETATM 1634 O O     . HOH C 3 .   ? -0.549  10.195  8.750   1.00 31.09 ? 303 HOH A O     1 
HETATM 1635 O O     . HOH C 3 .   ? -10.635 23.389  14.124  1.00 45.24 ? 304 HOH A O     1 
HETATM 1636 O O     . HOH C 3 .   ? -1.088  -8.517  16.464  1.00 39.03 ? 305 HOH A O     1 
HETATM 1637 O O     . HOH C 3 .   ? -1.644  -4.627  11.160  1.00 24.83 ? 306 HOH A O     1 
HETATM 1638 O O     . HOH C 3 .   ? -16.365 -17.489 19.452  1.00 54.29 ? 307 HOH A O     1 
HETATM 1639 O O     . HOH C 3 .   ? 16.199  12.316  17.583  1.00 74.82 ? 308 HOH A O     1 
HETATM 1640 O O     . HOH C 3 .   ? -11.838 18.784  4.170   1.00 37.83 ? 309 HOH A O     1 
HETATM 1641 O O     . HOH C 3 .   ? -5.055  -9.499  10.202  1.00 34.69 ? 310 HOH A O     1 
HETATM 1642 O O     . HOH C 3 .   ? -6.089  3.872   -7.838  1.00 44.06 ? 311 HOH A O     1 
HETATM 1643 O O     . HOH C 3 .   ? 6.180   10.121  8.227   1.00 39.67 ? 312 HOH A O     1 
HETATM 1644 O O     . HOH C 3 .   ? -11.733 20.208  0.171   1.00 47.49 ? 313 HOH A O     1 
HETATM 1645 O O     . HOH C 3 .   ? -20.194 -11.876 14.439  1.00 43.89 ? 314 HOH A O     1 
HETATM 1646 O O     . HOH C 3 .   ? -5.449  11.770  -7.004  1.00 48.52 ? 315 HOH A O     1 
HETATM 1647 O O     . HOH C 3 .   ? -7.758  2.366   -24.476 1.00 35.67 ? 316 HOH A O     1 
HETATM 1648 O O     . HOH C 3 .   ? 3.194   -10.967 11.074  1.00 30.13 ? 317 HOH A O     1 
HETATM 1649 O O     . HOH C 3 .   ? -4.289  -15.621 -11.568 1.00 53.56 ? 318 HOH A O     1 
HETATM 1650 O O     . HOH C 3 .   ? 9.175   -0.619  -18.938 1.00 47.21 ? 319 HOH A O     1 
HETATM 1651 O O     . HOH C 3 .   ? -0.086  -8.256  13.775  1.00 29.73 ? 320 HOH A O     1 
HETATM 1652 O O     . HOH C 3 .   ? -7.134  -10.834 -5.336  1.00 36.83 ? 321 HOH A O     1 
HETATM 1653 O O     . HOH C 3 .   ? 2.322   -8.710  12.548  1.00 39.09 ? 322 HOH A O     1 
HETATM 1654 O O     . HOH C 3 .   ? -9.706  22.843  5.941   1.00 65.40 ? 323 HOH A O     1 
HETATM 1655 O O     . HOH C 3 .   ? -6.594  11.245  -23.061 1.00 53.71 ? 324 HOH A O     1 
HETATM 1656 O O     . HOH C 3 .   ? -20.062 -9.717  16.027  1.00 46.47 ? 325 HOH A O     1 
HETATM 1657 O O     . HOH C 3 .   ? 3.523   1.991   -17.066 1.00 41.82 ? 326 HOH A O     1 
HETATM 1658 O O     . HOH C 3 .   ? -18.101 24.515  13.201  1.00 49.66 ? 327 HOH A O     1 
HETATM 1659 O O     . HOH C 3 .   ? -6.721  -7.628  11.572  1.00 34.41 ? 328 HOH A O     1 
HETATM 1660 O O     . HOH C 3 .   ? -1.977  -15.785 8.537   1.00 32.19 ? 329 HOH A O     1 
HETATM 1661 O O     . HOH C 3 .   ? -0.338  13.222  7.452   1.00 30.35 ? 330 HOH A O     1 
HETATM 1662 O O     . HOH C 3 .   ? 1.289   10.045  -10.715 1.00 34.20 ? 331 HOH A O     1 
HETATM 1663 O O     . HOH C 3 .   ? -3.424  -7.793  8.701   1.00 31.19 ? 332 HOH A O     1 
HETATM 1664 O O     . HOH C 3 .   ? 1.161   4.118   -25.536 1.00 34.39 ? 333 HOH A O     1 
HETATM 1665 O O     . HOH C 3 .   ? -1.513  -8.453  24.137  1.00 42.47 ? 334 HOH A O     1 
HETATM 1666 O O     . HOH C 3 .   ? 5.353   9.947   0.967   1.00 34.62 ? 335 HOH A O     1 
HETATM 1667 O O     . HOH C 3 .   ? 3.791   7.086   -5.294  1.00 29.95 ? 336 HOH A O     1 
HETATM 1668 O O     . HOH C 3 .   ? -1.895  8.331   -1.961  1.00 42.47 ? 337 HOH A O     1 
HETATM 1669 O O     . HOH C 3 .   ? -9.440  -12.082 -4.367  1.00 48.51 ? 338 HOH A O     1 
HETATM 1670 O O     . HOH C 3 .   ? -18.948 -9.343  7.781   1.00 45.76 ? 339 HOH A O     1 
HETATM 1671 O O     . HOH C 3 .   ? 1.173   -10.743 8.861   1.00 33.74 ? 340 HOH A O     1 
HETATM 1672 O O     . HOH C 3 .   ? -10.491 -5.014  -4.892  1.00 30.52 ? 341 HOH A O     1 
HETATM 1673 O O     . HOH C 3 .   ? -5.662  -9.193  -14.237 1.00 39.29 ? 342 HOH A O     1 
HETATM 1674 O O     . HOH C 3 .   ? -3.416  -9.429  22.926  1.00 40.23 ? 343 HOH A O     1 
HETATM 1675 O O     . HOH C 3 .   ? -9.125  17.928  12.407  1.00 49.00 ? 344 HOH A O     1 
HETATM 1676 O O     . HOH C 3 .   ? -13.425 25.843  13.053  1.00 51.52 ? 345 HOH A O     1 
HETATM 1677 O O     . HOH C 3 .   ? -8.637  -2.085  -0.548  1.00 31.80 ? 346 HOH A O     1 
HETATM 1678 O O     . HOH C 3 .   ? -6.660  2.925   -26.642 1.00 33.55 ? 347 HOH A O     1 
HETATM 1679 O O     . HOH C 3 .   ? 0.111   13.917  -8.771  1.00 44.18 ? 348 HOH A O     1 
HETATM 1680 O O     . HOH C 3 .   ? -5.056  5.261   -13.861 1.00 41.71 ? 349 HOH A O     1 
HETATM 1681 O O     . HOH C 3 .   ? -5.735  5.956   -27.432 1.00 47.80 ? 350 HOH A O     1 
HETATM 1682 O O     . HOH C 3 .   ? -9.511  -21.616 6.330   1.00 43.49 ? 351 HOH A O     1 
HETATM 1683 O O     . HOH C 3 .   ? -1.937  21.137  3.262   1.00 49.36 ? 352 HOH A O     1 
HETATM 1684 O O     . HOH C 3 .   ? -6.274  8.920   -25.149 1.00 42.49 ? 353 HOH A O     1 
HETATM 1685 O O     . HOH C 3 .   ? -9.853  -8.906  3.225   1.00 39.92 ? 354 HOH A O     1 
HETATM 1686 O O     . HOH C 3 .   ? 21.583  2.652   1.710   1.00 44.46 ? 355 HOH A O     1 
HETATM 1687 O O     . HOH C 3 .   ? -7.952  18.187  0.867   1.00 44.01 ? 356 HOH A O     1 
HETATM 1688 O O     . HOH C 3 .   ? -11.821 -10.434 20.783  1.00 54.82 ? 357 HOH A O     1 
HETATM 1689 O O     . HOH C 3 .   ? -10.364 -9.950  -8.011  1.00 49.74 ? 358 HOH A O     1 
HETATM 1690 O O     . HOH C 3 .   ? -20.511 16.782  22.134  1.00 67.40 ? 359 HOH A O     1 
HETATM 1691 O O     . HOH C 3 .   ? -8.986  -7.739  -4.653  1.00 53.67 ? 360 HOH A O     1 
HETATM 1692 O O     . HOH C 3 .   ? -3.781  9.933   -14.912 1.00 37.92 ? 361 HOH A O     1 
HETATM 1693 O O     . HOH C 3 .   ? -0.463  11.889  -10.236 1.00 45.67 ? 362 HOH A O     1 
HETATM 1694 O O     . HOH C 3 .   ? -7.941  -9.408  -12.440 1.00 38.03 ? 363 HOH A O     1 
HETATM 1695 O O     . HOH C 3 .   ? -0.681  -8.715  9.360   1.00 37.30 ? 364 HOH A O     1 
HETATM 1696 O O     . HOH C 3 .   ? 0.758   -17.355 4.102   1.00 45.54 ? 365 HOH A O     1 
HETATM 1697 O O     . HOH C 3 .   ? -12.091 2.585   -27.803 1.00 44.84 ? 366 HOH A O     1 
HETATM 1698 O O     . HOH C 3 .   ? 8.857   10.603  -11.051 1.00 47.55 ? 367 HOH A O     1 
HETATM 1699 O O     . HOH C 3 .   ? -12.547 -11.393 4.297   1.00 44.18 ? 368 HOH A O     1 
HETATM 1700 O O     . HOH C 3 .   ? -21.500 14.953  29.952  1.00 44.62 ? 369 HOH A O     1 
HETATM 1701 O O     . HOH C 3 .   ? 1.682   5.539   -18.401 1.00 49.62 ? 370 HOH A O     1 
HETATM 1702 O O     . HOH C 3 .   ? 11.165  5.028   -15.776 1.00 42.30 ? 371 HOH A O     1 
HETATM 1703 O O     . HOH C 3 .   ? -8.930  -10.660 20.460  1.00 49.32 ? 372 HOH A O     1 
# 
